data_5CUF
#
_entry.id   5CUF
#
_cell.length_a   292.680
_cell.length_b   292.680
_cell.length_c   292.680
_cell.angle_alpha   90.00
_cell.angle_beta   90.00
_cell.angle_gamma   90.00
#
_symmetry.space_group_name_H-M   'I 2 3'
#
_entity_poly.entity_id   1
_entity_poly.type   'polypeptide(L)'
_entity_poly.pdbx_seq_one_letter_code
;SNA(MSE)IVADSECRAELKDYLRFAPGGVGDSGPGEEQRESRARRGPRGPSAFIPVEEVLREGAESLEQHLGLEAL
(MSE)SSGRVDNLAVV(MSE)GLHPDYFTSFWRLHYLLLHTDGPLASSWRHYIAI(MSE)AAARHQCSYLVGSH(MSE)A
EFLQTGGDPEWLLGLHRAPEKLRKLSEINKLLAHRPWLITKEHIQALLKTGEHTWSLAELIQALVLLTHCHSLSSFVFGC
GILPEGDADGSPAPQAPTPPSEQSSPPSRDPLNNSGGFESARDVEAL(MSE)ER(MSE)QQLQESLLRDEGTSQEE
(MSE)ESRFELEKSESLLVTPSADILEPSPHPD(MSE)LCFVEDPTFGYEDFTRRGAQAPPTFRAQDYTWEDHGYSLIQR
LYPEGGQLLDEKFQAAYSLTYNTIA(MSE)HSGVDTSVLRRAIWNYIHCVFGIRYDDYDYGEVNQLLERNLKVYIKTVAC
YPEKTTRR(MSE)YNLFWRHFRHSEKVHVNLLLLEAR(MSE)QAALLYALRAITRY(MSE)T
;
_entity_poly.pdbx_strand_id   A,B,C,D,E
#
# COMPACT_ATOMS: atom_id res chain seq x y z
N GLY A 69 41.70 -31.48 -8.45
CA GLY A 69 41.58 -30.15 -9.05
C GLY A 69 42.51 -29.94 -10.23
N LEU A 70 42.55 -28.71 -10.77
CA LEU A 70 43.51 -28.27 -11.82
C LEU A 70 44.58 -27.40 -11.15
N GLU A 71 45.38 -28.02 -10.28
CA GLU A 71 46.17 -27.26 -9.26
C GLU A 71 47.29 -26.41 -9.79
N ALA A 72 47.89 -26.78 -10.91
CA ALA A 72 48.98 -25.97 -11.51
C ALA A 72 48.46 -24.63 -12.03
N LEU A 73 47.27 -24.63 -12.66
CA LEU A 73 46.57 -23.39 -13.10
C LEU A 73 46.17 -22.49 -11.93
N MSE A 74 45.52 -23.09 -10.92
CA MSE A 74 44.99 -22.37 -9.71
C MSE A 74 46.06 -21.58 -8.98
O MSE A 74 45.96 -20.42 -8.84
CB MSE A 74 44.42 -23.43 -8.75
CG MSE A 74 43.09 -24.00 -9.20
SE MSE A 74 42.45 -25.51 -8.10
CE MSE A 74 42.00 -24.60 -6.40
N SER A 75 47.14 -22.27 -8.60
CA SER A 75 48.26 -21.70 -7.83
C SER A 75 49.06 -20.67 -8.69
N SER A 76 49.06 -20.83 -9.98
CA SER A 76 49.65 -19.81 -10.86
C SER A 76 48.81 -18.56 -10.65
N GLY A 77 49.43 -17.41 -10.76
CA GLY A 77 48.79 -16.17 -10.55
C GLY A 77 48.26 -15.66 -11.85
N ARG A 78 48.16 -16.48 -12.91
CA ARG A 78 47.90 -15.90 -14.24
C ARG A 78 46.43 -15.90 -14.62
N VAL A 79 45.56 -16.29 -13.71
CA VAL A 79 44.19 -16.51 -14.07
C VAL A 79 43.28 -15.78 -13.11
N ASP A 80 42.09 -15.53 -13.58
CA ASP A 80 41.05 -14.90 -12.81
C ASP A 80 40.89 -15.47 -11.37
N ASN A 81 40.58 -14.64 -10.39
CA ASN A 81 40.41 -15.09 -9.04
C ASN A 81 39.17 -16.06 -8.81
N LEU A 82 38.04 -15.76 -9.45
CA LEU A 82 36.84 -16.59 -9.41
C LEU A 82 37.09 -17.95 -10.07
N ALA A 83 37.79 -17.95 -11.20
CA ALA A 83 38.10 -19.19 -11.90
C ALA A 83 38.89 -20.17 -11.00
N VAL A 84 39.81 -19.65 -10.20
CA VAL A 84 40.61 -20.48 -9.31
C VAL A 84 39.77 -21.36 -8.40
N VAL A 85 38.76 -20.80 -7.75
CA VAL A 85 37.94 -21.57 -6.83
C VAL A 85 37.20 -22.64 -7.57
N MSE A 86 36.75 -22.32 -8.74
CA MSE A 86 35.97 -23.25 -9.53
C MSE A 86 36.81 -24.37 -10.02
O MSE A 86 36.29 -25.44 -10.45
CB MSE A 86 35.62 -22.54 -10.81
CG MSE A 86 34.27 -23.10 -11.20
SE MSE A 86 33.31 -21.43 -11.79
CE MSE A 86 31.74 -22.54 -11.89
N GLY A 87 38.11 -24.18 -9.98
CA GLY A 87 39.01 -25.25 -10.41
C GLY A 87 38.94 -26.48 -9.50
N LEU A 88 38.41 -26.36 -8.30
CA LEU A 88 38.26 -27.49 -7.41
C LEU A 88 37.51 -28.56 -8.15
N HIS A 89 36.49 -28.23 -8.91
CA HIS A 89 35.71 -29.21 -9.66
C HIS A 89 36.00 -29.20 -11.14
N PRO A 90 36.97 -30.01 -11.64
CA PRO A 90 37.28 -29.82 -13.11
C PRO A 90 36.21 -30.15 -14.11
N ASP A 91 35.33 -31.09 -13.85
CA ASP A 91 34.26 -31.36 -14.83
C ASP A 91 33.29 -30.15 -15.05
N TYR A 92 32.98 -29.39 -14.01
CA TYR A 92 32.16 -28.18 -14.20
C TYR A 92 32.97 -27.01 -14.84
N PHE A 93 34.23 -26.86 -14.49
CA PHE A 93 35.08 -25.81 -15.06
C PHE A 93 35.18 -25.93 -16.58
N THR A 94 35.33 -27.16 -17.06
CA THR A 94 35.36 -27.41 -18.50
C THR A 94 34.17 -26.76 -19.14
N SER A 95 32.99 -27.06 -18.64
CA SER A 95 31.77 -26.57 -19.26
C SER A 95 31.51 -25.12 -18.99
N PHE A 96 31.82 -24.63 -17.79
CA PHE A 96 31.69 -23.19 -17.45
C PHE A 96 32.55 -22.29 -18.33
N TRP A 97 33.81 -22.71 -18.53
CA TRP A 97 34.77 -21.94 -19.37
C TRP A 97 34.33 -21.80 -20.86
N ARG A 98 33.64 -22.82 -21.38
CA ARG A 98 33.11 -22.76 -22.74
C ARG A 98 32.07 -21.66 -22.96
N LEU A 99 31.16 -21.55 -22.00
CA LEU A 99 30.16 -20.51 -22.02
C LEU A 99 30.80 -19.14 -21.75
N HIS A 100 31.69 -19.06 -20.76
CA HIS A 100 32.44 -17.79 -20.49
C HIS A 100 33.19 -17.31 -21.74
N TYR A 101 33.87 -18.23 -22.41
CA TYR A 101 34.62 -17.92 -23.61
C TYR A 101 33.72 -17.62 -24.82
N LEU A 102 32.55 -18.26 -24.90
CA LEU A 102 31.58 -17.96 -25.97
C LEU A 102 31.00 -16.57 -25.79
N LEU A 103 30.54 -16.25 -24.60
CA LEU A 103 29.82 -15.00 -24.31
C LEU A 103 30.71 -13.78 -24.38
N LEU A 104 31.91 -13.87 -23.82
CA LEU A 104 32.78 -12.68 -23.64
C LEU A 104 33.98 -12.61 -24.59
N HIS A 105 34.24 -13.64 -25.41
CA HIS A 105 35.42 -13.70 -26.31
C HIS A 105 35.21 -14.18 -27.75
N THR A 106 34.02 -14.54 -28.20
CA THR A 106 33.76 -15.14 -29.55
C THR A 106 32.81 -14.26 -30.32
N ASP A 107 33.01 -14.19 -31.65
CA ASP A 107 32.10 -13.49 -32.58
C ASP A 107 30.67 -13.89 -32.32
N GLY A 108 29.80 -12.90 -32.07
CA GLY A 108 28.39 -13.13 -31.75
C GLY A 108 27.55 -11.94 -32.14
N PRO A 109 26.22 -12.03 -31.97
CA PRO A 109 25.29 -10.99 -32.46
C PRO A 109 25.53 -9.54 -31.95
N LEU A 110 26.06 -9.39 -30.74
CA LEU A 110 26.35 -8.08 -30.12
C LEU A 110 27.84 -7.75 -30.14
N ALA A 111 28.15 -6.45 -30.29
CA ALA A 111 29.53 -5.94 -30.27
C ALA A 111 30.17 -6.31 -28.91
N SER A 112 31.49 -6.39 -28.89
CA SER A 112 32.22 -6.88 -27.69
C SER A 112 32.15 -5.96 -26.47
N SER A 113 32.03 -4.64 -26.67
CA SER A 113 31.87 -3.65 -25.58
C SER A 113 30.47 -3.67 -24.97
N TRP A 114 29.46 -3.91 -25.81
CA TRP A 114 28.04 -4.03 -25.35
C TRP A 114 27.83 -5.24 -24.43
N ARG A 115 28.58 -6.33 -24.67
CA ARG A 115 28.50 -7.53 -23.86
C ARG A 115 29.05 -7.36 -22.44
N HIS A 116 30.12 -6.60 -22.35
CA HIS A 116 30.69 -6.22 -21.05
C HIS A 116 29.82 -5.17 -20.26
N TYR A 117 29.07 -4.33 -20.97
CA TYR A 117 28.15 -3.38 -20.33
C TYR A 117 26.84 -4.03 -19.89
N ILE A 118 26.35 -5.02 -20.63
CA ILE A 118 25.21 -5.86 -20.20
C ILE A 118 25.56 -6.64 -18.91
N ALA A 119 26.79 -7.10 -18.83
CA ALA A 119 27.31 -7.79 -17.65
C ALA A 119 27.49 -6.90 -16.39
N ILE A 120 27.81 -5.62 -16.58
CA ILE A 120 27.88 -4.63 -15.48
C ILE A 120 26.49 -4.44 -14.89
N MSE A 121 25.52 -4.17 -15.75
CA MSE A 121 24.13 -3.97 -15.36
C MSE A 121 23.56 -5.10 -14.59
O MSE A 121 22.89 -4.90 -13.58
CB MSE A 121 23.27 -3.81 -16.62
CG MSE A 121 23.44 -2.50 -17.41
SE MSE A 121 22.11 -2.66 -18.84
CE MSE A 121 23.17 -2.04 -20.30
N ALA A 122 23.83 -6.32 -15.06
CA ALA A 122 23.35 -7.58 -14.45
C ALA A 122 23.97 -7.85 -13.09
N ALA A 123 25.27 -7.68 -13.01
CA ALA A 123 26.01 -7.82 -11.74
C ALA A 123 25.74 -6.70 -10.73
N ALA A 124 25.36 -5.52 -11.20
CA ALA A 124 25.01 -4.36 -10.34
C ALA A 124 23.75 -4.59 -9.54
N ARG A 125 22.82 -5.38 -10.08
CA ARG A 125 21.57 -5.77 -9.38
C ARG A 125 21.80 -6.32 -7.97
N HIS A 126 22.89 -7.06 -7.77
CA HIS A 126 23.28 -7.62 -6.46
C HIS A 126 24.48 -6.91 -5.81
N GLN A 127 24.80 -5.71 -6.29
CA GLN A 127 25.90 -4.93 -5.76
C GLN A 127 27.21 -5.78 -5.62
N CYS A 128 27.60 -6.44 -6.70
CA CYS A 128 28.78 -7.28 -6.77
C CYS A 128 29.98 -6.52 -7.34
N SER A 129 30.71 -5.79 -6.46
CA SER A 129 31.88 -4.96 -6.96
C SER A 129 33.03 -5.79 -7.52
N TYR A 130 33.03 -7.08 -7.30
CA TYR A 130 33.91 -8.03 -8.02
C TYR A 130 33.62 -8.03 -9.54
N LEU A 131 32.42 -8.44 -9.94
CA LEU A 131 32.07 -8.60 -11.35
C LEU A 131 31.85 -7.26 -12.09
N VAL A 132 31.38 -6.23 -11.40
CA VAL A 132 31.23 -4.88 -12.00
C VAL A 132 32.62 -4.31 -12.31
N GLY A 133 33.59 -4.50 -11.41
CA GLY A 133 34.99 -4.12 -11.64
C GLY A 133 35.74 -4.82 -12.75
N SER A 134 35.49 -6.12 -12.92
CA SER A 134 36.08 -6.95 -14.04
C SER A 134 35.60 -6.45 -15.37
N HIS A 135 34.28 -6.37 -15.54
CA HIS A 135 33.67 -5.99 -16.78
C HIS A 135 33.81 -4.50 -17.07
N MSE A 136 33.98 -3.68 -16.04
CA MSE A 136 34.30 -2.24 -16.24
C MSE A 136 35.63 -2.10 -16.90
O MSE A 136 35.77 -1.36 -17.85
CB MSE A 136 34.35 -1.44 -14.93
CG MSE A 136 33.07 -0.68 -14.65
SE MSE A 136 33.16 0.35 -12.98
CE MSE A 136 31.30 0.82 -13.02
N ALA A 137 36.65 -2.79 -16.36
CA ALA A 137 38.01 -2.77 -16.94
C ALA A 137 38.07 -3.43 -18.35
N GLU A 138 37.40 -4.53 -18.53
CA GLU A 138 37.28 -5.20 -19.86
C GLU A 138 36.47 -4.41 -20.90
N PHE A 139 35.43 -3.68 -20.46
CA PHE A 139 34.66 -2.75 -21.31
C PHE A 139 35.58 -1.70 -21.90
N LEU A 140 36.39 -1.08 -21.05
CA LEU A 140 37.39 -0.06 -21.44
C LEU A 140 38.49 -0.65 -22.33
N GLN A 141 39.05 -1.79 -21.93
CA GLN A 141 40.08 -2.54 -22.73
C GLN A 141 39.66 -2.86 -24.14
N THR A 142 38.43 -3.34 -24.28
CA THR A 142 37.86 -3.69 -25.57
C THR A 142 37.29 -2.49 -26.37
N GLY A 143 37.64 -1.26 -26.01
CA GLY A 143 37.25 -0.06 -26.75
C GLY A 143 35.86 0.51 -26.52
N GLY A 144 35.33 0.37 -25.33
CA GLY A 144 34.00 0.90 -24.96
C GLY A 144 34.06 2.37 -24.70
N ASP A 145 32.96 3.08 -24.96
CA ASP A 145 32.88 4.53 -24.78
C ASP A 145 32.86 4.79 -23.28
N PRO A 146 33.90 5.49 -22.73
CA PRO A 146 33.98 5.65 -21.26
C PRO A 146 32.88 6.51 -20.59
N GLU A 147 32.18 7.37 -21.33
CA GLU A 147 30.99 8.10 -20.83
C GLU A 147 29.95 7.18 -20.16
N TRP A 148 29.80 5.97 -20.69
CA TRP A 148 28.79 5.01 -20.26
C TRP A 148 29.00 4.54 -18.82
N LEU A 149 30.23 4.63 -18.32
CA LEU A 149 30.53 4.25 -16.92
C LEU A 149 30.18 5.32 -15.86
N LEU A 150 29.77 6.54 -16.28
CA LEU A 150 29.27 7.57 -15.37
C LEU A 150 27.88 7.21 -14.84
N GLY A 151 27.12 6.47 -15.63
CA GLY A 151 25.84 5.92 -15.18
C GLY A 151 25.03 5.33 -16.33
N LEU A 152 23.84 4.81 -16.02
CA LEU A 152 23.00 4.18 -17.04
C LEU A 152 22.26 5.22 -17.92
N HIS A 153 21.97 6.43 -17.35
CA HIS A 153 21.35 7.50 -18.13
C HIS A 153 22.23 8.02 -19.27
N ARG A 154 23.50 7.59 -19.31
CA ARG A 154 24.50 7.90 -20.38
C ARG A 154 24.65 6.83 -21.49
N ALA A 155 23.97 5.70 -21.40
CA ALA A 155 24.10 4.61 -22.42
C ALA A 155 23.00 4.77 -23.47
N PRO A 156 23.16 4.15 -24.68
CA PRO A 156 22.15 4.22 -25.72
C PRO A 156 20.75 3.78 -25.31
N GLU A 157 19.72 4.25 -26.01
CA GLU A 157 18.33 3.93 -25.71
C GLU A 157 18.10 2.42 -25.70
N LYS A 158 18.77 1.73 -26.64
CA LYS A 158 18.69 0.26 -26.78
C LYS A 158 19.04 -0.51 -25.50
N LEU A 159 20.04 -0.02 -24.78
CA LEU A 159 20.55 -0.67 -23.56
C LEU A 159 19.76 -0.35 -22.28
N ARG A 160 18.98 0.74 -22.24
CA ARG A 160 18.14 1.07 -21.06
C ARG A 160 16.80 0.33 -21.03
N LYS A 161 16.21 0.10 -22.21
CA LYS A 161 15.05 -0.78 -22.36
C LYS A 161 15.28 -2.11 -21.66
N LEU A 162 16.53 -2.57 -21.67
CA LEU A 162 16.96 -3.87 -21.08
C LEU A 162 16.95 -3.94 -19.52
N SER A 163 16.89 -2.80 -18.82
CA SER A 163 16.96 -2.78 -17.36
C SER A 163 15.58 -2.99 -16.65
N GLU A 164 14.53 -3.15 -17.42
CA GLU A 164 13.21 -3.57 -16.90
C GLU A 164 13.12 -5.14 -16.83
N ILE A 165 13.55 -5.82 -17.90
CA ILE A 165 13.67 -7.30 -17.94
C ILE A 165 14.83 -7.82 -17.09
N ASN A 166 15.83 -6.97 -16.84
CA ASN A 166 17.03 -7.37 -16.05
C ASN A 166 16.72 -7.52 -14.55
N LYS A 167 16.03 -6.55 -13.97
CA LYS A 167 15.69 -6.62 -12.53
C LYS A 167 14.74 -7.77 -12.22
N LEU A 168 13.89 -8.13 -13.19
CA LEU A 168 12.97 -9.26 -13.06
C LEU A 168 13.73 -10.59 -13.14
N LEU A 169 14.57 -10.77 -14.15
CA LEU A 169 15.43 -12.01 -14.28
C LEU A 169 16.24 -12.30 -13.04
N ALA A 170 16.78 -11.25 -12.43
CA ALA A 170 17.56 -11.33 -11.20
C ALA A 170 16.76 -11.76 -9.99
N HIS A 171 15.63 -11.09 -9.77
CA HIS A 171 14.89 -11.14 -8.52
C HIS A 171 13.54 -11.86 -8.58
N ARG A 172 12.74 -11.61 -9.61
CA ARG A 172 11.37 -12.19 -9.77
C ARG A 172 11.07 -12.56 -11.22
N PRO A 173 11.71 -13.65 -11.73
CA PRO A 173 11.59 -14.01 -13.15
C PRO A 173 10.22 -14.45 -13.63
N TRP A 174 9.39 -14.99 -12.71
CA TRP A 174 8.00 -15.40 -12.99
C TRP A 174 7.15 -14.24 -13.52
N LEU A 175 7.43 -12.99 -13.11
CA LEU A 175 6.73 -11.78 -13.59
C LEU A 175 6.99 -11.38 -15.06
N ILE A 176 7.93 -12.04 -15.73
CA ILE A 176 8.23 -11.77 -17.14
C ILE A 176 7.09 -12.29 -17.99
N THR A 177 6.32 -11.37 -18.58
CA THR A 177 5.25 -11.68 -19.50
C THR A 177 5.70 -11.34 -20.95
N LYS A 178 4.84 -11.62 -21.92
CA LYS A 178 5.09 -11.37 -23.34
C LYS A 178 5.20 -9.88 -23.61
N GLU A 179 4.53 -9.06 -22.83
CA GLU A 179 4.57 -7.61 -23.00
C GLU A 179 5.99 -7.11 -22.79
N HIS A 180 6.73 -7.69 -21.89
CA HIS A 180 8.14 -7.25 -21.64
C HIS A 180 8.94 -7.51 -22.89
N ILE A 181 8.72 -8.64 -23.55
CA ILE A 181 9.42 -8.98 -24.78
C ILE A 181 9.02 -8.01 -25.91
N GLN A 182 7.74 -7.74 -26.01
CA GLN A 182 7.22 -6.86 -27.07
C GLN A 182 7.87 -5.53 -26.98
N ALA A 183 8.05 -5.06 -25.76
CA ALA A 183 8.70 -3.77 -25.51
C ALA A 183 10.08 -3.77 -26.07
N LEU A 184 10.78 -4.86 -25.97
CA LEU A 184 12.14 -4.90 -26.47
C LEU A 184 12.23 -5.02 -27.97
N LEU A 185 11.14 -5.30 -28.66
CA LEU A 185 11.16 -5.45 -30.13
C LEU A 185 10.06 -4.64 -30.85
N LYS A 186 10.20 -4.50 -32.14
CA LYS A 186 9.17 -3.92 -33.02
C LYS A 186 9.04 -2.41 -33.06
N THR A 187 9.68 -1.73 -32.13
CA THR A 187 9.75 -0.27 -32.13
C THR A 187 10.55 0.29 -33.30
N GLY A 188 10.39 1.58 -33.59
CA GLY A 188 11.14 2.23 -34.66
C GLY A 188 12.68 2.38 -34.50
N GLU A 189 13.15 2.81 -33.33
CA GLU A 189 14.56 3.06 -33.10
C GLU A 189 15.48 1.95 -32.41
N HIS A 190 16.46 1.50 -33.13
CA HIS A 190 17.43 0.61 -32.56
C HIS A 190 16.85 -0.55 -31.66
N THR A 191 15.90 -1.28 -32.24
CA THR A 191 15.19 -2.36 -31.53
C THR A 191 16.08 -3.61 -31.51
N TRP A 192 15.75 -4.54 -30.63
CA TRP A 192 16.49 -5.76 -30.47
C TRP A 192 16.04 -6.82 -31.49
N SER A 193 17.00 -7.53 -32.08
CA SER A 193 16.76 -8.84 -32.73
C SER A 193 16.46 -9.91 -31.70
N LEU A 194 15.92 -11.04 -32.14
CA LEU A 194 15.84 -12.27 -31.32
C LEU A 194 17.22 -12.87 -31.13
N ALA A 195 18.00 -12.87 -32.20
CA ALA A 195 19.43 -13.25 -32.20
C ALA A 195 20.20 -12.57 -31.03
N GLU A 196 19.98 -11.27 -30.91
CA GLU A 196 20.65 -10.41 -29.92
C GLU A 196 20.03 -10.43 -28.54
N LEU A 197 18.70 -10.41 -28.48
CA LEU A 197 17.98 -10.47 -27.20
C LEU A 197 18.29 -11.74 -26.43
N ILE A 198 18.27 -12.87 -27.13
CA ILE A 198 18.66 -14.17 -26.57
C ILE A 198 20.06 -14.14 -25.99
N GLN A 199 21.02 -13.63 -26.74
CA GLN A 199 22.39 -13.48 -26.22
C GLN A 199 22.49 -12.58 -24.99
N ALA A 200 21.71 -11.49 -24.97
CA ALA A 200 21.65 -10.58 -23.81
C ALA A 200 21.01 -11.25 -22.61
N LEU A 201 19.97 -12.07 -22.81
CA LEU A 201 19.33 -12.85 -21.72
C LEU A 201 20.26 -13.91 -21.13
N VAL A 202 21.11 -14.50 -21.95
CA VAL A 202 22.13 -15.47 -21.48
C VAL A 202 23.26 -14.75 -20.70
N LEU A 203 23.64 -13.54 -21.13
CA LEU A 203 24.62 -12.70 -20.42
C LEU A 203 24.10 -12.20 -19.06
N LEU A 204 22.85 -11.71 -19.04
CA LEU A 204 22.21 -11.20 -17.82
C LEU A 204 22.10 -12.33 -16.79
N THR A 205 21.57 -13.48 -17.21
CA THR A 205 21.42 -14.67 -16.34
C THR A 205 22.80 -15.28 -15.93
N HIS A 206 23.78 -15.25 -16.80
CA HIS A 206 25.16 -15.69 -16.51
C HIS A 206 25.82 -14.86 -15.47
N CYS A 207 25.63 -13.56 -15.54
CA CYS A 207 26.19 -12.62 -14.57
C CYS A 207 25.42 -12.57 -13.24
N HIS A 208 24.12 -12.87 -13.23
CA HIS A 208 23.34 -13.02 -12.00
C HIS A 208 23.80 -14.25 -11.22
N SER A 209 24.12 -15.32 -11.94
CA SER A 209 24.47 -16.61 -11.36
C SER A 209 25.94 -16.66 -10.97
N LEU A 210 26.80 -15.98 -11.71
CA LEU A 210 28.19 -15.75 -11.25
C LEU A 210 28.17 -14.85 -10.03
N SER A 211 27.27 -13.88 -9.98
CA SER A 211 27.12 -12.96 -8.84
C SER A 211 26.76 -13.69 -7.52
N SER A 212 25.93 -14.72 -7.59
CA SER A 212 25.61 -15.55 -6.42
C SER A 212 26.73 -16.51 -6.03
N PHE A 213 27.44 -17.02 -7.02
CA PHE A 213 28.67 -17.81 -6.81
C PHE A 213 29.79 -16.98 -6.12
N VAL A 214 29.93 -15.72 -6.51
CA VAL A 214 30.97 -14.81 -5.94
C VAL A 214 30.77 -14.55 -4.45
N PHE A 215 29.54 -14.25 -4.03
CA PHE A 215 29.25 -13.99 -2.60
C PHE A 215 29.17 -15.30 -1.81
N GLY A 216 28.59 -16.35 -2.41
CA GLY A 216 28.47 -17.65 -1.77
C GLY A 216 29.81 -18.26 -1.33
N CYS A 217 30.80 -18.22 -2.21
CA CYS A 217 32.15 -18.70 -1.95
C CYS A 217 33.13 -17.62 -1.36
N GLY A 218 32.69 -16.37 -1.36
CA GLY A 218 33.44 -15.27 -0.78
C GLY A 218 34.51 -14.64 -1.63
N ILE A 219 34.45 -14.84 -2.93
CA ILE A 219 35.57 -14.51 -3.86
C ILE A 219 35.99 -13.05 -3.69
N LEU A 220 37.19 -12.82 -3.18
CA LEU A 220 37.72 -11.46 -2.93
C LEU A 220 38.31 -10.86 -4.22
N PRO A 221 38.22 -9.49 -4.36
CA PRO A 221 38.77 -8.92 -5.61
C PRO A 221 40.29 -9.01 -5.65
N GLU A 222 40.94 -8.63 -6.76
CA GLU A 222 42.43 -8.86 -6.93
C GLU A 222 43.28 -7.92 -6.06
N GLY A 223 42.93 -6.64 -5.97
CA GLY A 223 43.80 -5.60 -5.36
C GLY A 223 43.04 -4.52 -4.67
N SER A 228 44.88 -15.44 -0.73
CA SER A 228 43.56 -15.68 -0.35
C SER A 228 42.61 -15.42 -1.51
N PRO A 229 42.36 -16.42 -2.40
CA PRO A 229 41.20 -16.33 -3.32
C PRO A 229 39.82 -16.10 -2.65
N ALA A 230 39.59 -16.66 -1.45
CA ALA A 230 38.36 -16.41 -0.65
C ALA A 230 38.68 -16.26 0.85
N PRO A 231 37.83 -15.56 1.65
CA PRO A 231 37.90 -15.51 3.11
C PRO A 231 37.04 -16.56 3.82
N GLN A 232 36.38 -17.41 3.07
CA GLN A 232 35.50 -18.45 3.59
C GLN A 232 36.07 -19.82 3.28
N ALA A 233 36.42 -20.05 2.01
CA ALA A 233 37.16 -21.25 1.57
C ALA A 233 38.65 -20.92 1.59
N PRO A 234 39.46 -21.48 2.54
CA PRO A 234 40.92 -21.25 2.49
C PRO A 234 41.61 -22.24 1.54
N THR A 235 42.01 -21.79 0.35
CA THR A 235 42.60 -22.70 -0.68
C THR A 235 43.95 -23.30 -0.26
N PRO A 236 44.91 -22.46 0.23
CA PRO A 236 46.27 -23.03 0.54
C PRO A 236 46.31 -24.26 1.51
N PRO A 237 45.60 -24.21 2.69
CA PRO A 237 45.45 -25.48 3.47
C PRO A 237 44.60 -26.58 2.78
N SER A 238 43.59 -26.15 2.03
CA SER A 238 42.70 -27.07 1.28
C SER A 238 43.39 -27.90 0.20
N GLU A 239 44.49 -27.40 -0.36
CA GLU A 239 45.11 -27.99 -1.56
C GLU A 239 45.65 -29.38 -1.43
N GLN A 240 46.05 -29.81 -0.22
CA GLN A 240 47.12 -30.79 -0.12
C GLN A 240 46.97 -31.93 0.85
N SER A 241 47.95 -32.84 0.67
CA SER A 241 48.22 -33.99 1.49
C SER A 241 48.13 -33.79 2.99
N SER A 242 47.26 -34.62 3.56
CA SER A 242 47.05 -34.81 4.99
C SER A 242 48.02 -35.93 5.35
N ARG A 259 29.31 -38.09 12.26
CA ARG A 259 28.29 -38.39 13.25
C ARG A 259 26.84 -38.27 12.82
N ASP A 260 26.24 -37.13 13.08
CA ASP A 260 24.87 -36.84 12.61
C ASP A 260 24.82 -36.97 11.08
N VAL A 261 25.97 -36.80 10.45
CA VAL A 261 26.14 -37.00 9.03
C VAL A 261 25.66 -38.41 8.62
N GLU A 262 26.03 -39.36 9.46
CA GLU A 262 25.62 -40.77 9.25
C GLU A 262 24.13 -40.78 9.27
N ALA A 263 23.54 -39.94 10.12
CA ALA A 263 22.09 -39.85 10.22
C ALA A 263 21.50 -39.50 8.88
N LEU A 264 22.11 -38.49 8.28
CA LEU A 264 21.62 -38.01 6.99
C LEU A 264 21.64 -39.17 5.99
N MSE A 265 22.73 -39.91 6.00
CA MSE A 265 22.91 -41.08 5.10
C MSE A 265 21.87 -42.14 5.33
O MSE A 265 21.41 -42.78 4.42
CB MSE A 265 24.22 -41.78 5.27
CG MSE A 265 25.35 -40.81 5.31
SE MSE A 265 27.02 -41.77 4.74
CE MSE A 265 28.29 -41.16 6.12
N GLU A 266 21.59 -42.38 6.61
CA GLU A 266 20.61 -43.40 6.94
C GLU A 266 19.29 -43.01 6.34
N ARG A 267 19.01 -41.72 6.50
CA ARG A 267 17.74 -41.17 5.99
C ARG A 267 17.66 -41.32 4.48
N MSE A 268 18.80 -41.09 3.85
CA MSE A 268 18.92 -41.21 2.40
C MSE A 268 18.65 -42.62 2.03
O MSE A 268 18.10 -42.85 0.95
CB MSE A 268 20.29 -40.81 1.86
CG MSE A 268 20.57 -39.27 1.75
SE MSE A 268 22.47 -38.69 1.56
CE MSE A 268 22.51 -39.21 -0.41
N GLN A 269 18.99 -43.55 2.92
CA GLN A 269 18.74 -44.94 2.68
C GLN A 269 17.24 -45.23 2.51
N GLN A 270 16.47 -44.78 3.49
CA GLN A 270 15.01 -45.11 3.55
C GLN A 270 14.25 -44.59 2.32
N LEU A 271 14.61 -43.38 1.85
CA LEU A 271 14.01 -42.84 0.63
C LEU A 271 14.18 -43.72 -0.60
N GLN A 272 15.42 -44.22 -0.75
CA GLN A 272 15.74 -44.98 -1.99
C GLN A 272 14.84 -46.25 -2.15
N GLU A 273 14.44 -46.85 -1.04
CA GLU A 273 13.64 -48.09 -1.16
C GLU A 273 12.24 -47.81 -1.73
N SER A 274 11.67 -46.67 -1.35
CA SER A 274 10.33 -46.32 -1.80
C SER A 274 10.47 -45.86 -3.26
N GLN A 283 -1.40 -39.01 -2.22
CA GLN A 283 -1.22 -38.43 -3.55
C GLN A 283 -1.73 -36.98 -3.72
N GLU A 284 -2.83 -36.62 -3.04
CA GLU A 284 -3.37 -35.24 -3.09
C GLU A 284 -2.61 -34.19 -2.19
N GLU A 285 -2.02 -34.66 -1.09
CA GLU A 285 -1.11 -33.81 -0.24
C GLU A 285 0.30 -33.65 -0.83
N MSE A 286 0.47 -33.95 -2.13
CA MSE A 286 1.73 -33.67 -2.85
C MSE A 286 1.83 -32.24 -3.28
O MSE A 286 2.85 -31.60 -3.07
CB MSE A 286 1.86 -34.57 -4.07
CG MSE A 286 3.31 -34.85 -4.41
SE MSE A 286 3.91 -36.40 -3.37
CE MSE A 286 4.15 -35.90 -1.54
N GLU A 287 0.76 -31.74 -3.88
CA GLU A 287 0.65 -30.34 -4.26
C GLU A 287 0.68 -29.40 -3.04
N SER A 288 0.00 -29.76 -1.95
CA SER A 288 -0.04 -28.93 -0.72
C SER A 288 1.19 -29.08 0.19
N ARG A 289 2.10 -30.01 -0.12
CA ARG A 289 3.46 -30.06 0.52
C ARG A 289 4.46 -29.13 -0.17
N PHE A 290 4.25 -28.91 -1.47
CA PHE A 290 4.99 -27.89 -2.24
C PHE A 290 4.60 -26.45 -1.80
N GLU A 291 3.30 -26.19 -1.65
CA GLU A 291 2.76 -24.89 -1.20
C GLU A 291 3.35 -24.37 0.12
N LEU A 292 3.70 -25.26 1.04
CA LEU A 292 4.20 -24.90 2.40
C LEU A 292 5.68 -24.55 2.33
N GLU A 293 6.45 -25.40 1.63
CA GLU A 293 7.87 -25.16 1.30
C GLU A 293 8.13 -23.81 0.57
N LYS A 294 7.25 -23.49 -0.37
CA LYS A 294 7.37 -22.31 -1.24
C LYS A 294 7.20 -21.01 -0.46
N SER A 295 6.14 -20.90 0.33
CA SER A 295 5.86 -19.71 1.16
C SER A 295 6.73 -19.64 2.45
N GLU A 296 7.32 -20.74 2.87
CA GLU A 296 8.15 -20.82 4.11
C GLU A 296 9.16 -19.69 4.36
N SER A 297 9.83 -19.26 3.30
CA SER A 297 10.89 -18.21 3.36
C SER A 297 12.03 -18.62 4.35
N PRO A 311 23.40 0.77 0.58
CA PRO A 311 24.90 0.69 0.69
C PRO A 311 25.62 0.95 -0.64
N HIS A 312 26.95 1.13 -0.63
CA HIS A 312 27.83 1.22 -1.85
C HIS A 312 27.29 2.18 -2.94
N PRO A 313 27.48 3.51 -2.77
CA PRO A 313 26.92 4.52 -3.72
C PRO A 313 27.21 4.35 -5.23
N ASP A 314 28.40 3.86 -5.59
CA ASP A 314 28.89 3.98 -7.02
C ASP A 314 28.22 3.14 -8.10
N MSE A 315 27.61 2.02 -7.73
CA MSE A 315 26.99 1.14 -8.76
C MSE A 315 25.47 1.17 -8.74
O MSE A 315 24.86 0.39 -9.47
CB MSE A 315 27.60 -0.24 -8.74
CG MSE A 315 27.41 -1.05 -7.46
SE MSE A 315 28.82 -2.44 -7.44
CE MSE A 315 28.88 -2.67 -5.46
N LEU A 316 24.86 2.06 -7.96
CA LEU A 316 23.41 2.33 -8.04
C LEU A 316 23.02 2.93 -9.39
N CYS A 317 23.94 3.64 -10.02
CA CYS A 317 23.66 4.31 -11.29
C CYS A 317 23.50 3.39 -12.51
N PHE A 318 23.96 2.14 -12.41
CA PHE A 318 23.78 1.13 -13.48
C PHE A 318 22.47 0.36 -13.44
N VAL A 319 21.65 0.60 -12.40
CA VAL A 319 20.35 -0.07 -12.21
C VAL A 319 19.20 0.95 -12.30
N GLU A 320 18.02 0.50 -12.68
CA GLU A 320 16.79 1.30 -12.71
C GLU A 320 16.25 1.52 -11.26
N ASP A 321 15.93 0.43 -10.58
CA ASP A 321 15.14 0.43 -9.34
C ASP A 321 15.86 -0.44 -8.32
N PRO A 322 16.74 0.14 -7.53
CA PRO A 322 17.44 -0.63 -6.47
C PRO A 322 16.49 -0.84 -5.33
N THR A 323 16.75 -1.80 -4.49
CA THR A 323 15.81 -2.21 -3.43
C THR A 323 14.57 -3.01 -3.97
N PHE A 324 14.53 -3.27 -5.26
CA PHE A 324 13.58 -4.21 -5.79
C PHE A 324 14.24 -5.49 -5.37
N GLY A 325 13.49 -6.48 -4.95
CA GLY A 325 14.06 -7.65 -4.20
C GLY A 325 13.09 -8.80 -4.35
N TYR A 326 13.63 -9.94 -3.94
CA TYR A 326 12.84 -11.14 -4.01
C TYR A 326 11.56 -10.92 -3.11
N GLU A 327 11.76 -10.31 -1.95
CA GLU A 327 10.69 -10.12 -1.01
C GLU A 327 9.73 -9.02 -1.43
N ASP A 328 8.45 -9.21 -1.15
CA ASP A 328 7.35 -8.26 -1.55
C ASP A 328 7.46 -6.82 -0.99
N PHE A 329 7.69 -6.70 0.31
CA PHE A 329 7.66 -5.40 1.02
C PHE A 329 6.35 -4.69 0.70
N THR A 330 5.29 -5.49 0.55
CA THR A 330 3.94 -5.01 0.38
C THR A 330 2.97 -6.15 0.81
N ARG A 331 2.80 -6.29 2.10
CA ARG A 331 1.89 -7.29 2.62
C ARG A 331 1.51 -6.97 4.07
N ALA A 336 6.09 -15.81 -1.47
CA ALA A 336 5.22 -16.74 -2.18
C ALA A 336 5.06 -16.34 -3.64
N PRO A 337 5.82 -16.98 -4.55
CA PRO A 337 5.53 -16.86 -6.01
C PRO A 337 4.33 -17.68 -6.44
N PRO A 338 3.84 -17.48 -7.69
CA PRO A 338 2.73 -18.33 -8.15
C PRO A 338 3.26 -19.71 -8.42
N THR A 339 2.45 -20.75 -8.20
CA THR A 339 2.84 -22.14 -8.49
C THR A 339 2.89 -22.33 -10.01
N PHE A 340 3.94 -23.01 -10.50
CA PHE A 340 4.14 -23.29 -11.93
C PHE A 340 4.52 -24.78 -12.15
N ARG A 341 3.72 -25.50 -12.93
CA ARG A 341 4.00 -26.87 -13.33
C ARG A 341 5.18 -26.88 -14.32
N ALA A 342 6.28 -27.51 -13.92
CA ALA A 342 7.51 -27.64 -14.75
C ALA A 342 7.29 -28.26 -16.13
N GLN A 343 6.41 -29.25 -16.22
CA GLN A 343 6.04 -29.93 -17.50
C GLN A 343 5.48 -29.01 -18.57
N ASP A 344 4.82 -27.90 -18.18
CA ASP A 344 4.30 -26.89 -19.16
C ASP A 344 5.44 -26.33 -20.04
N TYR A 345 6.60 -26.06 -19.42
CA TYR A 345 7.76 -25.48 -20.09
C TYR A 345 9.10 -25.98 -19.51
N THR A 346 9.46 -27.22 -19.82
CA THR A 346 10.75 -27.78 -19.40
C THR A 346 11.91 -27.28 -20.23
N TRP A 347 13.13 -27.45 -19.73
CA TRP A 347 14.35 -27.22 -20.48
C TRP A 347 14.51 -28.24 -21.60
N GLU A 348 14.44 -29.53 -21.26
CA GLU A 348 14.68 -30.61 -22.23
C GLU A 348 13.82 -30.51 -23.50
N ASP A 349 12.52 -30.33 -23.34
CA ASP A 349 11.54 -30.31 -24.47
C ASP A 349 11.45 -28.93 -25.12
N HIS A 350 10.95 -27.95 -24.38
CA HIS A 350 10.57 -26.67 -24.93
C HIS A 350 11.74 -25.67 -25.08
N GLY A 351 12.36 -25.31 -23.97
CA GLY A 351 13.33 -24.20 -23.89
C GLY A 351 14.67 -24.41 -24.59
N TYR A 352 15.12 -25.66 -24.68
CA TYR A 352 16.36 -26.00 -25.42
C TYR A 352 16.21 -25.82 -26.95
N SER A 353 15.05 -26.20 -27.48
CA SER A 353 14.68 -26.01 -28.88
C SER A 353 14.69 -24.52 -29.26
N LEU A 354 14.13 -23.64 -28.42
CA LEU A 354 14.02 -22.21 -28.71
C LEU A 354 15.37 -21.50 -28.77
N ILE A 355 16.25 -21.78 -27.80
CA ILE A 355 17.63 -21.24 -27.83
C ILE A 355 18.47 -21.84 -28.98
N GLN A 356 18.21 -23.10 -29.33
CA GLN A 356 18.90 -23.75 -30.45
C GLN A 356 18.67 -23.04 -31.81
N ARG A 357 17.43 -22.63 -32.06
CA ARG A 357 17.07 -22.03 -33.34
C ARG A 357 17.51 -20.55 -33.46
N LEU A 358 17.42 -19.83 -32.36
CA LEU A 358 17.77 -18.39 -32.30
C LEU A 358 19.26 -18.06 -32.05
N TYR A 359 19.97 -18.92 -31.35
CA TYR A 359 21.37 -18.70 -30.92
C TYR A 359 22.09 -20.05 -30.85
N PRO A 360 22.48 -20.62 -32.04
CA PRO A 360 22.89 -22.03 -32.12
C PRO A 360 24.06 -22.42 -31.19
N GLU A 361 25.04 -21.52 -31.05
CA GLU A 361 26.33 -21.82 -30.38
C GLU A 361 26.17 -22.07 -28.88
N GLY A 362 25.45 -21.17 -28.22
CA GLY A 362 25.24 -21.22 -26.76
C GLY A 362 24.02 -21.98 -26.27
N GLY A 363 23.23 -22.50 -27.16
CA GLY A 363 22.18 -23.43 -26.80
C GLY A 363 22.73 -24.76 -26.36
N GLN A 364 23.65 -25.30 -27.17
CA GLN A 364 24.36 -26.55 -26.86
C GLN A 364 25.22 -26.45 -25.60
N LEU A 365 25.94 -25.34 -25.45
CA LEU A 365 26.85 -25.13 -24.28
C LEU A 365 26.12 -24.83 -22.95
N LEU A 366 24.90 -24.33 -23.00
CA LEU A 366 24.03 -24.22 -21.79
C LEU A 366 23.47 -25.58 -21.35
N ASP A 367 23.07 -26.41 -22.31
CA ASP A 367 22.59 -27.78 -22.06
C ASP A 367 23.67 -28.66 -21.41
N GLU A 368 24.86 -28.66 -22.00
CA GLU A 368 26.01 -29.45 -21.49
C GLU A 368 26.48 -29.05 -20.12
N LYS A 369 26.32 -27.76 -19.80
CA LYS A 369 26.70 -27.18 -18.49
C LYS A 369 25.65 -27.40 -17.38
N PHE A 370 24.35 -27.34 -17.71
CA PHE A 370 23.28 -27.72 -16.77
C PHE A 370 23.45 -29.20 -16.43
N GLN A 371 23.61 -30.03 -17.47
CA GLN A 371 23.77 -31.47 -17.34
C GLN A 371 25.08 -31.87 -16.65
N ALA A 372 26.12 -31.09 -16.84
CA ALA A 372 27.41 -31.28 -16.13
C ALA A 372 27.32 -31.02 -14.65
N ALA A 373 26.59 -29.99 -14.22
CA ALA A 373 26.44 -29.60 -12.78
C ALA A 373 25.38 -30.44 -12.03
N TYR A 374 24.31 -30.83 -12.75
CA TYR A 374 23.31 -31.78 -12.22
C TYR A 374 23.92 -33.16 -12.04
N SER A 375 24.56 -33.71 -13.08
CA SER A 375 25.26 -35.04 -13.04
C SER A 375 26.42 -35.12 -12.05
N LEU A 376 27.15 -34.03 -11.84
CA LEU A 376 28.42 -34.03 -11.07
C LEU A 376 28.31 -34.68 -9.70
N THR A 377 29.00 -35.83 -9.56
CA THR A 377 29.18 -36.50 -8.29
C THR A 377 30.52 -37.20 -8.18
N TYR A 378 31.07 -37.21 -6.98
CA TYR A 378 32.25 -38.04 -6.67
C TYR A 378 31.82 -39.18 -5.81
N ASN A 379 30.51 -39.36 -5.65
CA ASN A 379 29.97 -40.45 -4.88
C ASN A 379 30.42 -40.43 -3.44
N THR A 380 30.68 -39.27 -2.90
CA THR A 380 31.17 -39.17 -1.56
C THR A 380 30.35 -38.21 -0.73
N ILE A 381 30.36 -38.39 0.58
CA ILE A 381 29.65 -37.51 1.50
C ILE A 381 30.50 -37.00 2.66
N ALA A 382 31.43 -36.09 2.34
CA ALA A 382 32.30 -35.53 3.41
C ALA A 382 33.05 -36.57 4.21
N MSE A 383 33.91 -37.32 3.55
CA MSE A 383 34.72 -38.40 4.11
C MSE A 383 34.04 -39.74 4.22
O MSE A 383 34.32 -40.48 5.08
CB MSE A 383 35.17 -38.05 5.47
CG MSE A 383 34.45 -38.83 6.55
SE MSE A 383 33.29 -37.96 7.96
CE MSE A 383 31.83 -39.15 8.35
N HIS A 384 33.08 -40.01 3.38
CA HIS A 384 32.53 -41.35 3.15
C HIS A 384 32.48 -41.63 1.69
N SER A 385 32.99 -42.74 1.23
CA SER A 385 33.10 -42.99 -0.22
C SER A 385 32.00 -43.83 -0.95
N GLY A 386 31.22 -44.63 -0.29
CA GLY A 386 30.35 -45.54 -1.10
C GLY A 386 29.03 -44.96 -1.62
N VAL A 387 28.45 -43.83 -1.12
CA VAL A 387 27.14 -43.36 -1.57
C VAL A 387 26.81 -42.86 -2.98
N ASP A 388 25.52 -43.03 -3.30
CA ASP A 388 24.91 -42.52 -4.44
C ASP A 388 24.10 -41.42 -3.77
N THR A 389 24.46 -40.18 -4.07
CA THR A 389 23.85 -38.99 -3.47
C THR A 389 22.97 -38.28 -4.47
N SER A 390 22.54 -38.99 -5.49
CA SER A 390 21.69 -38.39 -6.51
C SER A 390 20.47 -37.85 -5.81
N VAL A 391 20.03 -38.54 -4.78
CA VAL A 391 18.89 -38.06 -4.01
C VAL A 391 19.11 -36.70 -3.30
N LEU A 392 20.27 -36.50 -2.69
CA LEU A 392 20.56 -35.24 -2.00
C LEU A 392 20.66 -34.06 -2.95
N ARG A 393 21.36 -34.26 -4.05
CA ARG A 393 21.55 -33.17 -5.03
C ARG A 393 20.23 -32.81 -5.71
N ARG A 394 19.37 -33.78 -5.96
CA ARG A 394 18.06 -33.49 -6.55
C ARG A 394 17.27 -32.58 -5.63
N ALA A 395 17.40 -32.81 -4.34
CA ALA A 395 16.71 -31.96 -3.34
C ALA A 395 17.20 -30.50 -3.36
N ILE A 396 18.50 -30.31 -3.46
CA ILE A 396 19.06 -28.96 -3.52
C ILE A 396 18.58 -28.28 -4.78
N TRP A 397 18.62 -28.99 -5.89
CA TRP A 397 18.19 -28.46 -7.19
C TRP A 397 16.72 -28.15 -7.15
N ASN A 398 15.90 -29.05 -6.65
CA ASN A 398 14.43 -28.85 -6.60
C ASN A 398 13.92 -27.77 -5.62
N TYR A 399 14.57 -27.63 -4.47
CA TYR A 399 14.27 -26.54 -3.51
C TYR A 399 14.48 -25.13 -4.06
N ILE A 400 15.57 -24.94 -4.79
CA ILE A 400 15.88 -23.64 -5.44
C ILE A 400 14.91 -23.33 -6.59
N HIS A 401 14.44 -24.36 -7.28
CA HIS A 401 13.33 -24.19 -8.25
C HIS A 401 12.01 -23.91 -7.55
N CYS A 402 11.78 -24.55 -6.40
CA CYS A 402 10.63 -24.24 -5.50
C CYS A 402 10.64 -22.82 -4.92
N VAL A 403 11.82 -22.23 -4.72
CA VAL A 403 11.96 -20.77 -4.32
C VAL A 403 11.56 -19.86 -5.48
N PHE A 404 11.88 -20.26 -6.72
CA PHE A 404 11.50 -19.55 -7.94
C PHE A 404 10.16 -20.03 -8.57
N GLY A 405 9.37 -20.80 -7.81
CA GLY A 405 7.97 -21.12 -8.11
C GLY A 405 7.67 -22.35 -8.96
N ILE A 406 8.65 -23.22 -9.15
CA ILE A 406 8.54 -24.35 -10.09
C ILE A 406 8.36 -25.67 -9.35
N ARG A 407 7.14 -26.25 -9.49
CA ARG A 407 6.80 -27.60 -8.97
C ARG A 407 7.05 -28.68 -10.03
N TYR A 408 7.70 -29.78 -9.61
CA TYR A 408 7.88 -31.01 -10.43
C TYR A 408 6.81 -32.02 -10.10
N ASP A 409 6.21 -32.52 -11.15
CA ASP A 409 4.85 -33.06 -11.14
C ASP A 409 4.66 -34.25 -10.22
N ASP A 410 5.66 -35.12 -10.13
CA ASP A 410 5.63 -36.26 -9.17
C ASP A 410 6.96 -36.33 -8.42
N TYR A 411 7.30 -35.26 -7.72
CA TYR A 411 8.37 -35.23 -6.74
C TYR A 411 7.80 -34.90 -5.34
N ASP A 412 8.14 -35.74 -4.37
CA ASP A 412 7.70 -35.57 -2.97
C ASP A 412 8.51 -34.44 -2.32
N TYR A 413 7.89 -33.27 -2.20
CA TYR A 413 8.57 -32.10 -1.60
C TYR A 413 8.77 -32.18 -0.07
N GLY A 414 8.19 -33.20 0.56
CA GLY A 414 8.49 -33.55 1.95
C GLY A 414 9.92 -33.96 2.13
N GLU A 415 10.52 -34.54 1.08
CA GLU A 415 11.95 -34.96 1.07
C GLU A 415 12.94 -33.84 1.35
N VAL A 416 12.57 -32.58 1.05
CA VAL A 416 13.47 -31.41 1.11
C VAL A 416 13.99 -31.10 2.52
N ASN A 417 13.12 -30.61 3.41
CA ASN A 417 13.48 -30.36 4.86
C ASN A 417 13.81 -31.64 5.67
N GLN A 418 13.43 -32.79 5.15
CA GLN A 418 13.86 -34.10 5.68
C GLN A 418 15.39 -34.32 5.50
N LEU A 419 15.92 -33.90 4.35
CA LEU A 419 17.35 -34.05 3.95
C LEU A 419 18.22 -32.80 4.08
N LEU A 420 17.63 -31.62 4.01
CA LEU A 420 18.38 -30.33 4.02
C LEU A 420 18.20 -29.64 5.36
N GLU A 421 19.32 -29.35 6.01
CA GLU A 421 19.35 -28.75 7.33
C GLU A 421 18.64 -27.41 7.37
N ARG A 422 18.37 -26.93 8.57
CA ARG A 422 17.78 -25.62 8.77
C ARG A 422 18.75 -24.53 8.25
N ASN A 423 20.06 -24.70 8.50
CA ASN A 423 21.09 -23.70 8.10
C ASN A 423 21.57 -23.77 6.64
N LEU A 424 21.40 -24.94 6.00
CA LEU A 424 21.65 -25.09 4.55
C LEU A 424 20.56 -24.37 3.74
N LYS A 425 19.31 -24.52 4.17
CA LYS A 425 18.15 -23.81 3.60
C LYS A 425 18.29 -22.27 3.66
N VAL A 426 18.62 -21.72 4.83
CA VAL A 426 18.78 -20.26 4.99
C VAL A 426 20.00 -19.76 4.18
N TYR A 427 21.02 -20.61 4.01
CA TYR A 427 22.20 -20.30 3.18
C TYR A 427 21.87 -20.34 1.65
N ILE A 428 21.25 -21.43 1.21
CA ILE A 428 20.82 -21.59 -0.16
C ILE A 428 19.88 -20.47 -0.60
N LYS A 429 18.91 -20.12 0.25
CA LYS A 429 17.92 -19.08 -0.05
C LYS A 429 18.53 -17.67 -0.05
N THR A 430 19.49 -17.42 0.82
CA THR A 430 20.24 -16.15 0.83
C THR A 430 21.03 -16.00 -0.45
N VAL A 431 21.88 -16.98 -0.74
CA VAL A 431 22.77 -16.94 -1.92
C VAL A 431 21.96 -16.88 -3.25
N ALA A 432 20.82 -17.55 -3.33
CA ALA A 432 19.97 -17.53 -4.54
C ALA A 432 19.18 -16.19 -4.70
N CYS A 433 18.73 -15.59 -3.61
CA CYS A 433 17.83 -14.45 -3.63
C CYS A 433 18.44 -13.14 -3.18
N TYR A 434 19.08 -13.11 -2.02
CA TYR A 434 19.83 -11.92 -1.48
C TYR A 434 21.32 -12.26 -1.34
N PRO A 435 22.07 -12.43 -2.46
CA PRO A 435 23.46 -12.95 -2.41
C PRO A 435 24.47 -12.11 -1.60
N GLU A 436 24.43 -10.78 -1.73
CA GLU A 436 25.09 -9.87 -0.74
C GLU A 436 24.42 -10.13 0.60
N LYS A 437 24.96 -9.62 1.68
CA LYS A 437 24.56 -10.08 3.06
C LYS A 437 24.57 -11.63 3.26
N THR A 438 25.47 -12.31 2.55
CA THR A 438 26.01 -13.62 2.90
C THR A 438 27.22 -13.30 3.80
N THR A 439 27.32 -13.92 4.97
CA THR A 439 28.43 -13.69 5.89
C THR A 439 29.22 -15.00 6.03
N ARG A 440 30.45 -14.93 6.55
CA ARG A 440 31.25 -16.13 6.85
C ARG A 440 30.61 -16.97 7.99
N ARG A 441 30.01 -16.32 9.01
CA ARG A 441 29.22 -17.03 10.04
C ARG A 441 28.22 -17.97 9.43
N MSE A 442 27.51 -17.50 8.40
CA MSE A 442 26.47 -18.28 7.71
C MSE A 442 27.05 -19.45 6.90
O MSE A 442 26.49 -20.54 6.88
CB MSE A 442 25.69 -17.33 6.81
CG MSE A 442 24.32 -17.91 6.52
SE MSE A 442 23.49 -16.67 5.28
CE MSE A 442 24.32 -17.15 3.63
N TYR A 443 28.16 -19.21 6.21
CA TYR A 443 28.88 -20.26 5.46
C TYR A 443 29.39 -21.39 6.36
N ASN A 444 29.94 -21.06 7.52
CA ASN A 444 30.45 -22.05 8.52
C ASN A 444 29.35 -22.75 9.28
N LEU A 445 28.24 -22.06 9.52
CA LEU A 445 27.19 -22.54 10.43
C LEU A 445 26.37 -23.74 9.90
N PHE A 446 26.50 -24.08 8.61
CA PHE A 446 25.80 -25.23 8.01
C PHE A 446 26.80 -26.30 7.61
N TRP A 447 26.34 -27.56 7.55
CA TRP A 447 27.17 -28.71 7.11
C TRP A 447 28.59 -28.59 7.70
N ARG A 448 28.68 -28.46 9.02
CA ARG A 448 29.96 -28.19 9.73
C ARG A 448 31.03 -29.26 9.52
N HIS A 449 30.64 -30.52 9.36
CA HIS A 449 31.57 -31.65 9.13
C HIS A 449 31.78 -31.98 7.65
N PHE A 450 31.26 -31.15 6.73
CA PHE A 450 31.46 -31.34 5.27
C PHE A 450 32.70 -30.62 4.77
N ARG A 451 33.38 -31.17 3.75
CA ARG A 451 34.61 -30.62 3.19
C ARG A 451 34.33 -29.34 2.40
N HIS A 452 35.31 -28.43 2.34
CA HIS A 452 35.19 -27.12 1.66
C HIS A 452 34.79 -27.23 0.17
N SER A 453 35.31 -28.24 -0.52
CA SER A 453 35.00 -28.50 -1.93
C SER A 453 33.51 -28.79 -2.16
N GLU A 454 32.87 -29.45 -1.19
CA GLU A 454 31.42 -29.77 -1.27
C GLU A 454 30.47 -28.58 -1.04
N LYS A 455 31.00 -27.50 -0.45
CA LYS A 455 30.20 -26.27 -0.29
C LYS A 455 30.16 -25.54 -1.60
N VAL A 456 31.31 -25.62 -2.29
CA VAL A 456 31.42 -25.07 -3.63
C VAL A 456 30.47 -25.83 -4.59
N HIS A 457 30.39 -27.14 -4.34
CA HIS A 457 29.53 -28.02 -5.10
C HIS A 457 28.10 -27.51 -4.99
N VAL A 458 27.68 -27.15 -3.79
CA VAL A 458 26.30 -26.65 -3.66
C VAL A 458 26.16 -25.32 -4.38
N ASN A 459 27.18 -24.48 -4.34
CA ASN A 459 27.10 -23.25 -5.07
C ASN A 459 26.92 -23.54 -6.55
N LEU A 460 27.56 -24.55 -7.10
CA LEU A 460 27.35 -24.95 -8.51
C LEU A 460 25.92 -25.31 -8.83
N LEU A 461 25.41 -26.23 -8.07
CA LEU A 461 24.03 -26.69 -8.26
C LEU A 461 23.10 -25.47 -8.19
N LEU A 462 23.34 -24.65 -7.22
CA LEU A 462 22.52 -23.50 -6.97
C LEU A 462 22.48 -22.47 -8.08
N LEU A 463 23.64 -22.09 -8.57
CA LEU A 463 23.69 -21.09 -9.59
C LEU A 463 23.05 -21.65 -10.86
N GLU A 464 23.32 -22.88 -11.16
CA GLU A 464 22.79 -23.44 -12.38
C GLU A 464 21.25 -23.61 -12.28
N ALA A 465 20.75 -24.01 -11.13
CA ALA A 465 19.31 -24.14 -10.94
C ALA A 465 18.64 -22.77 -11.09
N ARG A 466 19.27 -21.78 -10.51
CA ARG A 466 18.75 -20.42 -10.55
C ARG A 466 18.68 -19.92 -11.97
N MSE A 467 19.75 -20.15 -12.72
CA MSE A 467 19.83 -19.67 -14.06
C MSE A 467 18.78 -20.32 -14.87
O MSE A 467 18.17 -19.61 -15.72
CB MSE A 467 21.16 -20.01 -14.62
CG MSE A 467 21.73 -18.96 -15.56
SE MSE A 467 23.10 -19.51 -16.92
CE MSE A 467 24.53 -19.59 -15.55
N GLN A 468 18.61 -21.63 -14.71
CA GLN A 468 17.64 -22.33 -15.53
C GLN A 468 16.28 -21.76 -15.26
N ALA A 469 15.95 -21.52 -14.02
CA ALA A 469 14.64 -20.98 -13.71
C ALA A 469 14.43 -19.63 -14.38
N ALA A 470 15.42 -18.77 -14.26
CA ALA A 470 15.33 -17.44 -14.84
C ALA A 470 15.16 -17.54 -16.35
N LEU A 471 15.96 -18.38 -16.98
CA LEU A 471 15.93 -18.54 -18.44
C LEU A 471 14.64 -19.09 -18.91
N LEU A 472 14.10 -20.08 -18.20
CA LEU A 472 12.84 -20.76 -18.61
C LEU A 472 11.62 -19.83 -18.65
N TYR A 473 11.55 -18.89 -17.71
CA TYR A 473 10.47 -17.88 -17.68
C TYR A 473 10.55 -16.86 -18.81
N ALA A 474 11.77 -16.46 -19.14
CA ALA A 474 12.05 -15.55 -20.26
C ALA A 474 11.84 -16.19 -21.65
N LEU A 475 12.21 -17.47 -21.78
CA LEU A 475 11.93 -18.26 -22.99
C LEU A 475 10.45 -18.61 -23.12
N ARG A 476 9.76 -18.75 -21.96
CA ARG A 476 8.29 -18.94 -21.89
C ARG A 476 7.59 -17.70 -22.45
N ALA A 477 8.14 -16.52 -22.16
CA ALA A 477 7.62 -15.25 -22.68
C ALA A 477 7.84 -15.04 -24.17
N ILE A 478 8.92 -15.60 -24.71
CA ILE A 478 9.24 -15.48 -26.16
C ILE A 478 8.35 -16.37 -27.02
N THR A 479 8.19 -17.66 -26.64
CA THR A 479 7.30 -18.60 -27.40
C THR A 479 5.83 -18.13 -27.37
N ARG A 480 5.42 -17.47 -26.28
CA ARG A 480 4.11 -16.81 -26.19
C ARG A 480 4.12 -15.39 -26.83
N TYR A 481 4.37 -15.31 -28.13
CA TYR A 481 4.54 -14.00 -28.81
C TYR A 481 4.57 -14.13 -30.37
N GLY B 69 17.28 6.24 -67.38
CA GLY B 69 18.09 5.09 -66.96
C GLY B 69 19.43 5.49 -66.34
N LEU B 70 20.25 4.49 -65.99
CA LEU B 70 21.65 4.65 -65.52
C LEU B 70 22.55 4.26 -66.69
N GLU B 71 22.51 5.05 -67.76
CA GLU B 71 23.05 4.62 -69.09
C GLU B 71 24.54 4.36 -69.20
N ALA B 72 25.32 5.11 -68.42
CA ALA B 72 26.76 4.97 -68.46
C ALA B 72 27.14 3.59 -67.94
N LEU B 73 26.53 3.18 -66.84
CA LEU B 73 26.80 1.87 -66.25
C LEU B 73 26.42 0.78 -67.18
N MSE B 74 25.21 0.92 -67.77
CA MSE B 74 24.63 -0.07 -68.70
C MSE B 74 25.47 -0.27 -69.94
O MSE B 74 25.77 -1.46 -70.22
CB MSE B 74 23.30 0.50 -69.18
CG MSE B 74 22.19 0.50 -68.12
SE MSE B 74 20.44 1.27 -68.69
CE MSE B 74 19.81 -0.27 -69.77
N SER B 75 25.90 0.83 -70.56
CA SER B 75 26.58 0.73 -71.86
C SER B 75 28.04 0.17 -71.76
N SER B 76 28.78 0.49 -70.71
CA SER B 76 30.15 0.02 -70.55
C SER B 76 30.06 -1.28 -69.81
N GLY B 77 30.52 -2.36 -70.46
CA GLY B 77 30.22 -3.70 -70.02
C GLY B 77 31.12 -4.25 -68.96
N ARG B 78 31.01 -3.71 -67.74
CA ARG B 78 31.68 -4.24 -66.58
C ARG B 78 30.70 -4.77 -65.58
N VAL B 79 29.46 -4.90 -65.98
CA VAL B 79 28.42 -5.28 -65.06
C VAL B 79 27.55 -6.40 -65.61
N ASP B 80 26.94 -7.10 -64.69
CA ASP B 80 26.05 -8.18 -64.96
C ASP B 80 25.06 -7.82 -66.11
N ASN B 81 24.83 -8.79 -66.98
CA ASN B 81 23.91 -8.63 -68.10
C ASN B 81 22.46 -8.36 -67.65
N LEU B 82 22.03 -9.09 -66.63
CA LEU B 82 20.72 -8.92 -66.02
C LEU B 82 20.62 -7.54 -65.40
N ALA B 83 21.70 -7.12 -64.73
CA ALA B 83 21.68 -5.82 -64.10
C ALA B 83 21.44 -4.70 -65.13
N VAL B 84 21.98 -4.86 -66.31
CA VAL B 84 21.81 -3.89 -67.36
C VAL B 84 20.35 -3.56 -67.71
N VAL B 85 19.54 -4.60 -67.86
CA VAL B 85 18.12 -4.39 -68.21
C VAL B 85 17.32 -3.67 -67.13
N MSE B 86 17.65 -4.02 -65.89
CA MSE B 86 17.01 -3.43 -64.72
C MSE B 86 17.34 -1.98 -64.50
O MSE B 86 16.69 -1.26 -63.82
CB MSE B 86 17.63 -4.07 -63.53
CG MSE B 86 16.53 -4.12 -62.55
SE MSE B 86 16.77 -5.94 -61.76
CE MSE B 86 15.09 -5.66 -60.68
N GLY B 87 18.44 -1.53 -65.06
CA GLY B 87 18.84 -0.12 -65.04
C GLY B 87 17.79 0.79 -65.64
N LEU B 88 16.95 0.24 -66.52
CA LEU B 88 15.96 1.05 -67.15
C LEU B 88 15.15 1.78 -66.09
N HIS B 89 14.97 1.13 -64.96
CA HIS B 89 14.24 1.67 -63.82
C HIS B 89 15.14 1.88 -62.61
N PRO B 90 15.83 3.04 -62.53
CA PRO B 90 16.75 3.32 -61.39
C PRO B 90 16.23 3.26 -59.97
N ASP B 91 14.98 3.59 -59.73
CA ASP B 91 14.39 3.55 -58.37
C ASP B 91 14.15 2.13 -57.87
N TYR B 92 14.03 1.16 -58.78
CA TYR B 92 14.02 -0.27 -58.40
C TYR B 92 15.41 -0.94 -58.35
N PHE B 93 16.32 -0.54 -59.23
CA PHE B 93 17.71 -1.01 -59.22
C PHE B 93 18.45 -0.64 -57.90
N THR B 94 18.22 0.56 -57.38
CA THR B 94 18.70 1.00 -56.07
C THR B 94 18.38 -0.05 -55.01
N SER B 95 17.09 -0.42 -54.86
CA SER B 95 16.59 -1.35 -53.83
C SER B 95 16.91 -2.82 -54.12
N PHE B 96 16.89 -3.22 -55.39
CA PHE B 96 17.31 -4.60 -55.80
C PHE B 96 18.79 -4.89 -55.51
N TRP B 97 19.66 -3.92 -55.85
CA TRP B 97 21.12 -4.07 -55.61
C TRP B 97 21.48 -4.22 -54.14
N ARG B 98 20.75 -3.57 -53.24
CA ARG B 98 21.00 -3.70 -51.78
C ARG B 98 20.76 -5.10 -51.26
N LEU B 99 19.68 -5.73 -51.72
CA LEU B 99 19.37 -7.12 -51.39
C LEU B 99 20.35 -8.07 -52.08
N HIS B 100 20.64 -7.86 -53.36
CA HIS B 100 21.67 -8.65 -54.08
C HIS B 100 23.01 -8.60 -53.37
N TYR B 101 23.43 -7.41 -52.95
CA TYR B 101 24.71 -7.21 -52.24
C TYR B 101 24.69 -7.73 -50.81
N LEU B 102 23.54 -7.68 -50.14
CA LEU B 102 23.39 -8.28 -48.79
C LEU B 102 23.51 -9.78 -48.85
N LEU B 103 22.75 -10.40 -49.76
CA LEU B 103 22.64 -11.86 -49.84
C LEU B 103 23.90 -12.52 -50.30
N LEU B 104 24.53 -11.97 -51.31
CA LEU B 104 25.64 -12.65 -51.99
C LEU B 104 27.03 -12.07 -51.70
N HIS B 105 27.14 -10.95 -50.97
CA HIS B 105 28.44 -10.27 -50.69
C HIS B 105 28.68 -9.73 -49.28
N THR B 106 27.78 -9.89 -48.32
CA THR B 106 27.92 -9.34 -46.95
C THR B 106 27.96 -10.48 -45.95
N ASP B 107 28.75 -10.31 -44.87
CA ASP B 107 28.79 -11.23 -43.71
C ASP B 107 27.41 -11.55 -43.21
N GLY B 108 27.04 -12.84 -43.18
CA GLY B 108 25.68 -13.31 -42.81
C GLY B 108 25.73 -14.71 -42.22
N PRO B 109 24.59 -15.23 -41.75
CA PRO B 109 24.57 -16.53 -41.04
C PRO B 109 25.21 -17.74 -41.76
N LEU B 110 25.14 -17.78 -43.08
CA LEU B 110 25.68 -18.88 -43.92
C LEU B 110 26.96 -18.52 -44.60
N ALA B 111 27.85 -19.50 -44.77
CA ALA B 111 29.14 -19.35 -45.46
C ALA B 111 28.88 -18.90 -46.90
N SER B 112 29.85 -18.22 -47.48
CA SER B 112 29.70 -17.60 -48.79
C SER B 112 29.49 -18.59 -49.96
N SER B 113 30.08 -19.77 -49.86
CA SER B 113 29.92 -20.83 -50.88
C SER B 113 28.54 -21.53 -50.80
N TRP B 114 28.01 -21.66 -49.60
CA TRP B 114 26.66 -22.25 -49.37
C TRP B 114 25.54 -21.38 -49.96
N ARG B 115 25.72 -20.06 -49.96
CA ARG B 115 24.75 -19.13 -50.51
C ARG B 115 24.63 -19.21 -52.01
N HIS B 116 25.76 -19.41 -52.68
CA HIS B 116 25.80 -19.62 -54.15
C HIS B 116 25.26 -21.00 -54.57
N TYR B 117 25.38 -22.00 -53.71
CA TYR B 117 24.81 -23.36 -53.99
C TYR B 117 23.31 -23.43 -53.73
N ILE B 118 22.79 -22.69 -52.73
CA ILE B 118 21.34 -22.53 -52.49
C ILE B 118 20.70 -21.83 -53.71
N ALA B 119 21.42 -20.86 -54.28
CA ALA B 119 21.00 -20.12 -55.50
C ALA B 119 21.00 -20.94 -56.79
N ILE B 120 21.90 -21.93 -56.89
CA ILE B 120 21.91 -22.93 -58.01
C ILE B 120 20.66 -23.82 -57.94
N MSE B 121 20.42 -24.40 -56.77
CA MSE B 121 19.23 -25.24 -56.50
C MSE B 121 17.92 -24.57 -56.81
O MSE B 121 17.06 -25.15 -57.44
CB MSE B 121 19.18 -25.61 -55.03
CG MSE B 121 20.26 -26.59 -54.56
SE MSE B 121 19.82 -26.95 -52.69
CE MSE B 121 21.56 -26.83 -51.91
N ALA B 122 17.80 -23.31 -56.36
CA ALA B 122 16.59 -22.50 -56.56
C ALA B 122 16.34 -22.15 -58.01
N ALA B 123 17.39 -21.70 -58.69
CA ALA B 123 17.34 -21.37 -60.12
C ALA B 123 17.21 -22.59 -61.05
N ALA B 124 17.65 -23.75 -60.57
CA ALA B 124 17.51 -25.03 -61.30
C ALA B 124 16.07 -25.50 -61.42
N ARG B 125 15.23 -25.16 -60.43
CA ARG B 125 13.79 -25.46 -60.46
C ARG B 125 13.09 -25.03 -61.76
N HIS B 126 13.51 -23.91 -62.35
CA HIS B 126 12.99 -23.39 -63.63
C HIS B 126 13.93 -23.55 -64.81
N GLN B 127 14.94 -24.41 -64.66
CA GLN B 127 15.94 -24.66 -65.70
C GLN B 127 16.51 -23.35 -66.31
N CYS B 128 16.99 -22.47 -65.44
CA CYS B 128 17.53 -21.17 -65.81
C CYS B 128 19.05 -21.23 -65.92
N SER B 129 19.58 -21.63 -67.09
CA SER B 129 21.06 -21.77 -67.25
C SER B 129 21.80 -20.49 -67.16
N TYR B 130 21.11 -19.37 -67.22
CA TYR B 130 21.71 -18.04 -66.89
C TYR B 130 22.16 -17.98 -65.43
N LEU B 131 21.23 -18.13 -64.50
CA LEU B 131 21.50 -17.99 -63.04
C LEU B 131 22.28 -19.18 -62.45
N VAL B 132 22.08 -20.39 -63.00
CA VAL B 132 22.85 -21.58 -62.57
C VAL B 132 24.32 -21.43 -62.97
N GLY B 133 24.58 -20.93 -64.18
CA GLY B 133 25.94 -20.61 -64.66
C GLY B 133 26.67 -19.53 -63.88
N SER B 134 25.96 -18.47 -63.49
CA SER B 134 26.52 -17.35 -62.67
C SER B 134 27.00 -17.86 -61.32
N HIS B 135 26.08 -18.46 -60.58
CA HIS B 135 26.35 -18.93 -59.22
C HIS B 135 27.26 -20.17 -59.21
N MSE B 136 27.32 -20.93 -60.31
CA MSE B 136 28.30 -22.05 -60.44
C MSE B 136 29.68 -21.49 -60.45
O MSE B 136 30.54 -21.99 -59.76
CB MSE B 136 28.12 -22.88 -61.71
CG MSE B 136 27.33 -24.17 -61.51
SE MSE B 136 27.13 -25.27 -63.15
CE MSE B 136 25.94 -26.48 -62.30
N ALA B 137 29.92 -20.49 -61.29
CA ALA B 137 31.24 -19.83 -61.38
C ALA B 137 31.61 -19.09 -60.09
N GLU B 138 30.65 -18.38 -59.50
CA GLU B 138 30.85 -17.67 -58.21
C GLU B 138 31.04 -18.61 -57.02
N PHE B 139 30.38 -19.77 -57.03
CA PHE B 139 30.59 -20.86 -56.03
C PHE B 139 32.03 -21.33 -56.04
N LEU B 140 32.56 -21.60 -57.22
CA LEU B 140 33.95 -22.00 -57.41
C LEU B 140 34.94 -20.88 -57.02
N GLN B 141 34.69 -19.66 -57.48
CA GLN B 141 35.51 -18.45 -57.16
C GLN B 141 35.66 -18.22 -55.69
N THR B 142 34.56 -18.29 -54.96
CA THR B 142 34.51 -18.09 -53.53
C THR B 142 34.98 -19.33 -52.68
N GLY B 143 35.64 -20.30 -53.29
CA GLY B 143 36.18 -21.44 -52.60
C GLY B 143 35.25 -22.57 -52.23
N GLY B 144 34.28 -22.83 -53.08
CA GLY B 144 33.33 -23.94 -52.89
C GLY B 144 33.93 -25.27 -53.30
N ASP B 145 33.50 -26.35 -52.67
CA ASP B 145 34.01 -27.70 -52.96
C ASP B 145 33.45 -28.13 -54.32
N PRO B 146 34.32 -28.34 -55.35
CA PRO B 146 33.80 -28.61 -56.72
C PRO B 146 33.05 -29.93 -56.92
N GLU B 147 33.23 -30.95 -56.05
CA GLU B 147 32.42 -32.19 -56.08
C GLU B 147 30.92 -31.92 -56.11
N TRP B 148 30.48 -30.87 -55.40
CA TRP B 148 29.08 -30.52 -55.22
C TRP B 148 28.40 -30.19 -56.56
N LEU B 149 29.18 -29.78 -57.56
CA LEU B 149 28.63 -29.44 -58.90
C LEU B 149 28.35 -30.65 -59.82
N LEU B 150 28.78 -31.85 -59.41
CA LEU B 150 28.44 -33.11 -60.11
C LEU B 150 26.96 -33.51 -59.93
N GLY B 151 26.38 -33.09 -58.81
CA GLY B 151 24.94 -33.21 -58.55
C GLY B 151 24.55 -32.90 -57.11
N LEU B 152 23.27 -33.03 -56.78
CA LEU B 152 22.78 -32.75 -55.42
C LEU B 152 23.08 -33.88 -54.44
N HIS B 153 23.15 -35.14 -54.94
CA HIS B 153 23.51 -36.29 -54.09
C HIS B 153 24.93 -36.22 -53.51
N ARG B 154 25.73 -35.26 -54.00
CA ARG B 154 27.13 -34.99 -53.54
C ARG B 154 27.26 -33.88 -52.49
N ALA B 155 26.18 -33.17 -52.15
CA ALA B 155 26.23 -32.02 -51.20
C ALA B 155 25.94 -32.53 -49.78
N PRO B 156 26.30 -31.75 -48.70
CA PRO B 156 26.03 -32.15 -47.34
C PRO B 156 24.56 -32.46 -47.04
N GLU B 157 24.30 -33.27 -46.03
CA GLU B 157 22.94 -33.65 -45.64
C GLU B 157 22.10 -32.40 -45.39
N LYS B 158 22.72 -31.39 -44.78
CA LYS B 158 22.07 -30.10 -44.44
C LYS B 158 21.41 -29.42 -45.64
N LEU B 159 22.08 -29.49 -46.78
CA LEU B 159 21.63 -28.84 -48.01
C LEU B 159 20.59 -29.63 -48.83
N ARG B 160 20.47 -30.94 -48.63
CA ARG B 160 19.46 -31.74 -49.33
C ARG B 160 18.08 -31.68 -48.69
N LYS B 161 18.03 -31.60 -47.34
CA LYS B 161 16.78 -31.34 -46.60
C LYS B 161 16.03 -30.14 -47.18
N LEU B 162 16.80 -29.19 -47.70
CA LEU B 162 16.29 -27.93 -48.26
C LEU B 162 15.56 -28.04 -49.62
N SER B 163 15.71 -29.13 -50.35
CA SER B 163 15.12 -29.26 -51.71
C SER B 163 13.63 -29.74 -51.70
N GLU B 164 13.10 -30.03 -50.52
CA GLU B 164 11.66 -30.32 -50.33
C GLU B 164 10.85 -29.00 -50.16
N ILE B 165 11.36 -28.08 -49.33
CA ILE B 165 10.81 -26.70 -49.18
C ILE B 165 11.10 -25.81 -50.39
N ASN B 166 12.14 -26.13 -51.16
CA ASN B 166 12.51 -25.35 -52.35
C ASN B 166 11.55 -25.53 -53.51
N LYS B 167 11.20 -26.76 -53.84
CA LYS B 167 10.27 -27.03 -54.96
C LYS B 167 8.85 -26.47 -54.68
N LEU B 168 8.47 -26.42 -53.40
CA LEU B 168 7.19 -25.85 -52.98
C LEU B 168 7.21 -24.33 -53.08
N LEU B 169 8.24 -23.68 -52.53
CA LEU B 169 8.40 -22.20 -52.66
C LEU B 169 8.32 -21.71 -54.09
N ALA B 170 8.96 -22.45 -54.99
CA ALA B 170 8.97 -22.16 -56.44
C ALA B 170 7.60 -22.31 -57.12
N HIS B 171 6.95 -23.44 -56.86
CA HIS B 171 5.80 -23.89 -57.65
C HIS B 171 4.44 -23.86 -56.92
N ARG B 172 4.40 -24.30 -55.68
CA ARG B 172 3.17 -24.37 -54.86
C ARG B 172 3.43 -24.01 -53.38
N PRO B 173 3.63 -22.71 -53.07
CA PRO B 173 4.03 -22.29 -51.74
C PRO B 173 2.99 -22.46 -50.66
N TRP B 174 1.70 -22.47 -51.04
CA TRP B 174 0.58 -22.70 -50.13
C TRP B 174 0.67 -24.04 -49.39
N LEU B 175 1.27 -25.06 -50.03
CA LEU B 175 1.48 -26.39 -49.42
C LEU B 175 2.52 -26.47 -48.31
N ILE B 176 3.25 -25.38 -48.06
CA ILE B 176 4.24 -25.33 -46.97
C ILE B 176 3.49 -25.28 -45.64
N THR B 177 3.56 -26.35 -44.88
CA THR B 177 2.99 -26.47 -43.56
C THR B 177 4.12 -26.38 -42.51
N LYS B 178 3.74 -26.38 -41.23
CA LYS B 178 4.70 -26.35 -40.09
C LYS B 178 5.61 -27.61 -40.03
N GLU B 179 5.13 -28.74 -40.57
CA GLU B 179 5.90 -30.00 -40.59
C GLU B 179 7.14 -29.92 -41.47
N HIS B 180 7.08 -29.15 -42.56
CA HIS B 180 8.27 -28.88 -43.40
C HIS B 180 9.34 -28.12 -42.64
N ILE B 181 8.91 -27.15 -41.82
CA ILE B 181 9.80 -26.32 -40.99
C ILE B 181 10.43 -27.14 -39.85
N GLN B 182 9.57 -27.98 -39.25
CA GLN B 182 10.00 -28.90 -38.20
C GLN B 182 11.09 -29.88 -38.72
N ALA B 183 10.92 -30.39 -39.95
CA ALA B 183 11.88 -31.33 -40.59
C ALA B 183 13.27 -30.70 -40.83
N LEU B 184 13.33 -29.39 -41.01
CA LEU B 184 14.57 -28.64 -41.21
C LEU B 184 15.25 -28.21 -39.91
N LEU B 185 14.58 -28.41 -38.77
CA LEU B 185 15.10 -28.06 -37.45
C LEU B 185 14.90 -29.17 -36.39
N LYS B 186 15.63 -29.07 -35.33
CA LYS B 186 15.49 -29.94 -34.15
C LYS B 186 15.99 -31.35 -34.26
N THR B 187 16.34 -31.74 -35.47
CA THR B 187 16.97 -32.99 -35.65
C THR B 187 18.39 -32.79 -35.13
N GLY B 188 18.95 -33.87 -34.64
CA GLY B 188 20.25 -33.84 -34.05
C GLY B 188 21.47 -33.49 -34.91
N GLU B 189 21.59 -34.12 -36.05
CA GLU B 189 22.78 -33.93 -36.87
C GLU B 189 22.73 -32.76 -37.84
N HIS B 190 23.61 -31.82 -37.62
CA HIS B 190 23.73 -30.73 -38.58
C HIS B 190 22.34 -30.14 -39.06
N THR B 191 21.59 -29.53 -38.15
CA THR B 191 20.27 -28.89 -38.39
C THR B 191 20.37 -27.40 -38.66
N TRP B 192 19.29 -26.81 -39.14
CA TRP B 192 19.23 -25.37 -39.48
C TRP B 192 18.85 -24.49 -38.28
N SER B 193 19.53 -23.36 -38.10
CA SER B 193 19.06 -22.26 -37.26
C SER B 193 17.90 -21.55 -37.92
N LEU B 194 17.17 -20.76 -37.14
CA LEU B 194 16.16 -19.81 -37.71
C LEU B 194 16.88 -18.67 -38.42
N ALA B 195 17.97 -18.20 -37.82
CA ALA B 195 18.90 -17.23 -38.41
C ALA B 195 19.30 -17.60 -39.86
N GLU B 196 19.65 -18.87 -40.02
CA GLU B 196 20.11 -19.44 -41.28
C GLU B 196 19.00 -19.87 -42.23
N LEU B 197 17.95 -20.49 -41.69
CA LEU B 197 16.80 -20.92 -42.51
C LEU B 197 16.11 -19.74 -43.18
N ILE B 198 15.89 -18.68 -42.42
CA ILE B 198 15.36 -17.42 -42.95
C ILE B 198 16.20 -16.90 -44.11
N GLN B 199 17.51 -16.83 -43.93
CA GLN B 199 18.42 -16.38 -45.02
C GLN B 199 18.36 -17.26 -46.25
N ALA B 200 18.22 -18.58 -46.05
CA ALA B 200 18.08 -19.55 -47.16
C ALA B 200 16.73 -19.38 -47.86
N LEU B 201 15.65 -19.09 -47.12
CA LEU B 201 14.34 -18.82 -47.72
C LEU B 201 14.31 -17.53 -48.55
N VAL B 202 15.08 -16.52 -48.14
CA VAL B 202 15.20 -15.25 -48.90
C VAL B 202 16.04 -15.48 -50.16
N LEU B 203 17.07 -16.32 -50.09
CA LEU B 203 17.89 -16.70 -51.27
C LEU B 203 17.14 -17.55 -52.28
N LEU B 204 16.40 -18.55 -51.81
CA LEU B 204 15.58 -19.42 -52.66
C LEU B 204 14.50 -18.60 -53.38
N THR B 205 13.77 -17.77 -52.64
CA THR B 205 12.74 -16.90 -53.21
C THR B 205 13.36 -15.77 -54.11
N HIS B 206 14.52 -15.24 -53.75
CA HIS B 206 15.24 -14.23 -54.59
C HIS B 206 15.66 -14.80 -55.93
N CYS B 207 16.13 -16.05 -55.91
CA CYS B 207 16.54 -16.75 -57.14
C CYS B 207 15.39 -17.30 -57.98
N HIS B 208 14.25 -17.61 -57.38
CA HIS B 208 13.02 -17.95 -58.12
C HIS B 208 12.45 -16.74 -58.87
N SER B 209 12.56 -15.56 -58.24
CA SER B 209 12.02 -14.33 -58.77
C SER B 209 12.95 -13.63 -59.76
N LEU B 210 14.24 -13.75 -59.55
CA LEU B 210 15.22 -13.42 -60.60
C LEU B 210 15.08 -14.35 -61.82
N SER B 211 14.80 -15.62 -61.56
CA SER B 211 14.59 -16.64 -62.61
C SER B 211 13.38 -16.33 -63.54
N SER B 212 12.30 -15.79 -62.98
CA SER B 212 11.14 -15.33 -63.77
C SER B 212 11.40 -14.02 -64.53
N PHE B 213 12.17 -13.13 -63.91
CA PHE B 213 12.68 -11.91 -64.58
C PHE B 213 13.59 -12.23 -65.77
N VAL B 214 14.45 -13.22 -65.63
CA VAL B 214 15.42 -13.62 -66.69
C VAL B 214 14.74 -14.11 -67.96
N PHE B 215 13.73 -14.98 -67.81
CA PHE B 215 12.97 -15.51 -68.98
C PHE B 215 11.94 -14.49 -69.51
N GLY B 216 11.29 -13.76 -68.61
CA GLY B 216 10.35 -12.72 -68.98
C GLY B 216 10.92 -11.64 -69.90
N CYS B 217 12.10 -11.13 -69.56
CA CYS B 217 12.83 -10.11 -70.35
C CYS B 217 13.78 -10.69 -71.43
N GLY B 218 14.01 -11.99 -71.37
CA GLY B 218 14.83 -12.69 -72.32
C GLY B 218 16.33 -12.67 -72.12
N ILE B 219 16.77 -12.37 -70.90
CA ILE B 219 18.19 -12.04 -70.61
C ILE B 219 19.12 -13.15 -71.11
N LEU B 220 19.92 -12.87 -72.14
CA LEU B 220 20.83 -13.87 -72.75
C LEU B 220 22.12 -13.98 -71.94
N PRO B 221 22.74 -15.20 -71.92
CA PRO B 221 23.99 -15.31 -71.13
C PRO B 221 25.15 -14.56 -71.76
N GLU B 222 26.31 -14.48 -71.11
CA GLU B 222 27.42 -13.58 -71.58
C GLU B 222 28.11 -14.13 -72.84
N GLY B 223 28.39 -15.43 -72.88
CA GLY B 223 29.25 -16.01 -73.94
C GLY B 223 28.89 -17.35 -74.48
N SER B 228 23.54 -7.18 -77.45
CA SER B 228 22.26 -7.72 -77.16
C SER B 228 22.20 -8.30 -75.73
N PRO B 229 22.00 -7.46 -74.70
CA PRO B 229 21.52 -7.96 -73.41
C PRO B 229 20.24 -8.87 -73.42
N ALA B 230 19.28 -8.60 -74.30
CA ALA B 230 18.06 -9.46 -74.50
C ALA B 230 17.70 -9.60 -75.98
N PRO B 231 17.02 -10.71 -76.40
CA PRO B 231 16.44 -10.90 -77.74
C PRO B 231 14.98 -10.46 -77.86
N GLN B 232 14.41 -9.92 -76.78
CA GLN B 232 13.05 -9.43 -76.73
C GLN B 232 13.03 -7.92 -76.56
N ALA B 233 13.75 -7.41 -75.57
CA ALA B 233 13.96 -5.96 -75.34
C ALA B 233 15.28 -5.56 -76.05
N PRO B 234 15.22 -4.81 -77.20
CA PRO B 234 16.47 -4.37 -77.83
C PRO B 234 16.99 -3.08 -77.21
N THR B 235 18.04 -3.16 -76.38
CA THR B 235 18.54 -1.96 -75.63
C THR B 235 19.12 -0.87 -76.56
N PRO B 236 20.03 -1.24 -77.52
CA PRO B 236 20.68 -0.17 -78.33
C PRO B 236 19.71 0.82 -79.09
N PRO B 237 18.66 0.33 -79.81
CA PRO B 237 17.64 1.30 -80.32
C PRO B 237 16.79 1.96 -79.20
N SER B 238 16.51 1.22 -78.13
CA SER B 238 15.76 1.74 -76.96
C SER B 238 16.41 2.91 -76.23
N GLU B 239 17.74 3.02 -76.29
CA GLU B 239 18.52 3.97 -75.45
C GLU B 239 18.26 5.44 -75.67
N GLN B 240 17.83 5.85 -76.87
CA GLN B 240 18.20 7.19 -77.35
C GLN B 240 17.20 8.05 -78.06
N SER B 241 17.67 9.29 -78.34
CA SER B 241 17.07 10.30 -79.18
C SER B 241 16.40 9.81 -80.47
N SER B 242 15.11 10.13 -80.52
CA SER B 242 14.22 9.90 -81.64
C SER B 242 14.33 11.18 -82.43
N ARG B 259 -5.51 3.88 -79.65
CA ARG B 259 -6.93 4.01 -79.43
C ARG B 259 -7.50 2.97 -78.45
N ASP B 260 -7.18 1.70 -78.69
CA ASP B 260 -7.45 0.63 -77.70
C ASP B 260 -6.74 0.95 -76.35
N VAL B 261 -5.59 1.63 -76.43
CA VAL B 261 -4.90 2.20 -75.26
C VAL B 261 -5.79 3.25 -74.59
N GLU B 262 -6.42 4.13 -75.38
CA GLU B 262 -7.40 5.15 -74.88
C GLU B 262 -8.68 4.48 -74.32
N ALA B 263 -9.09 3.36 -74.92
CA ALA B 263 -10.18 2.55 -74.40
C ALA B 263 -9.87 1.98 -73.00
N LEU B 264 -8.62 1.56 -72.80
CA LEU B 264 -8.13 1.17 -71.47
C LEU B 264 -8.17 2.35 -70.47
N MSE B 265 -7.65 3.50 -70.88
CA MSE B 265 -7.56 4.70 -70.01
C MSE B 265 -8.93 5.23 -69.63
O MSE B 265 -9.13 5.69 -68.50
CB MSE B 265 -6.85 5.88 -70.65
CG MSE B 265 -5.48 5.52 -71.15
SE MSE B 265 -4.45 7.09 -71.57
CE MSE B 265 -4.26 6.68 -73.42
N GLU B 266 -9.87 5.17 -70.59
CA GLU B 266 -11.26 5.55 -70.33
C GLU B 266 -11.95 4.61 -69.34
N ARG B 267 -11.55 3.34 -69.39
CA ARG B 267 -12.00 2.35 -68.41
C ARG B 267 -11.43 2.57 -66.99
N MSE B 268 -10.15 2.94 -66.93
CA MSE B 268 -9.50 3.33 -65.66
C MSE B 268 -10.13 4.57 -64.99
O MSE B 268 -10.02 4.76 -63.78
CB MSE B 268 -8.03 3.62 -65.89
CG MSE B 268 -7.15 2.39 -66.20
SE MSE B 268 -5.30 2.80 -66.91
CE MSE B 268 -4.69 3.37 -65.17
N GLN B 269 -10.79 5.44 -65.79
CA GLN B 269 -11.54 6.60 -65.25
C GLN B 269 -12.78 6.19 -64.45
N GLN B 270 -13.62 5.36 -65.09
CA GLN B 270 -14.90 4.87 -64.51
C GLN B 270 -14.74 4.16 -63.16
N LEU B 271 -13.70 3.34 -63.07
CA LEU B 271 -13.30 2.69 -61.80
C LEU B 271 -12.94 3.69 -60.72
N GLN B 272 -12.18 4.73 -61.10
CA GLN B 272 -11.68 5.75 -60.16
C GLN B 272 -12.74 6.72 -59.61
N GLU B 273 -14.02 6.57 -59.91
CA GLU B 273 -15.13 7.30 -59.22
C GLU B 273 -15.76 6.58 -58.03
N SER B 274 -15.64 5.25 -57.95
CA SER B 274 -16.35 4.44 -56.91
C SER B 274 -15.88 4.63 -55.47
N GLN B 283 -22.21 -7.34 -52.91
CA GLN B 283 -21.29 -7.64 -51.84
C GLN B 283 -20.95 -9.12 -51.67
N GLU B 284 -21.91 -10.03 -51.85
CA GLU B 284 -21.67 -11.49 -51.68
C GLU B 284 -21.00 -12.12 -52.93
N GLU B 285 -21.24 -11.57 -54.12
CA GLU B 285 -20.52 -11.99 -55.35
C GLU B 285 -19.09 -11.42 -55.45
N MSE B 286 -18.52 -10.92 -54.35
CA MSE B 286 -17.11 -10.51 -54.28
C MSE B 286 -16.21 -11.70 -54.12
O MSE B 286 -15.22 -11.83 -54.83
CB MSE B 286 -16.87 -9.52 -53.14
CG MSE B 286 -15.68 -8.60 -53.40
SE MSE B 286 -16.27 -7.05 -54.42
CE MSE B 286 -16.80 -7.57 -56.21
N GLU B 287 -16.56 -12.57 -53.18
CA GLU B 287 -15.82 -13.80 -52.96
C GLU B 287 -15.92 -14.77 -54.13
N SER B 288 -17.09 -14.89 -54.76
CA SER B 288 -17.28 -15.79 -55.94
C SER B 288 -16.79 -15.18 -57.30
N ARG B 289 -16.38 -13.91 -57.33
CA ARG B 289 -15.63 -13.32 -58.51
C ARG B 289 -14.14 -13.63 -58.42
N PHE B 290 -13.62 -13.77 -57.18
CA PHE B 290 -12.25 -14.24 -56.94
C PHE B 290 -12.08 -15.72 -57.32
N GLU B 291 -13.04 -16.54 -56.91
CA GLU B 291 -13.06 -17.99 -57.23
C GLU B 291 -12.97 -18.34 -58.72
N LEU B 292 -13.52 -17.50 -59.59
CA LEU B 292 -13.56 -17.75 -61.06
C LEU B 292 -12.21 -17.38 -61.70
N GLU B 293 -11.69 -16.20 -61.30
CA GLU B 293 -10.33 -15.74 -61.66
C GLU B 293 -9.20 -16.71 -61.28
N LYS B 294 -9.33 -17.30 -60.09
CA LYS B 294 -8.33 -18.19 -59.50
C LYS B 294 -8.22 -19.52 -60.26
N SER B 295 -9.34 -20.19 -60.51
CA SER B 295 -9.35 -21.46 -61.26
C SER B 295 -9.25 -21.27 -62.81
N GLU B 296 -9.48 -20.07 -63.31
CA GLU B 296 -9.40 -19.75 -64.75
C GLU B 296 -8.22 -20.33 -65.55
N SER B 297 -7.05 -20.32 -64.96
CA SER B 297 -5.78 -20.78 -65.64
C SER B 297 -5.51 -20.03 -66.99
N PRO B 311 13.77 -31.43 -71.10
CA PRO B 311 14.87 -30.71 -71.77
C PRO B 311 16.11 -30.50 -70.88
N HIS B 312 17.23 -30.07 -71.47
CA HIS B 312 18.49 -29.64 -70.76
C HIS B 312 18.97 -30.61 -69.65
N PRO B 313 19.64 -31.73 -70.03
CA PRO B 313 20.03 -32.78 -69.05
C PRO B 313 20.86 -32.37 -67.82
N ASP B 314 21.74 -31.39 -67.95
CA ASP B 314 22.80 -31.15 -66.90
C ASP B 314 22.37 -30.55 -65.56
N MSE B 315 21.23 -29.86 -65.49
CA MSE B 315 20.81 -29.22 -64.22
C MSE B 315 19.64 -29.90 -63.55
O MSE B 315 19.15 -29.40 -62.56
CB MSE B 315 20.65 -27.70 -64.35
CG MSE B 315 19.59 -27.21 -65.29
SE MSE B 315 20.10 -25.37 -65.82
CE MSE B 315 19.13 -25.34 -67.55
N LEU B 316 19.21 -31.05 -64.09
CA LEU B 316 18.24 -31.93 -63.40
C LEU B 316 18.81 -32.49 -62.10
N CYS B 317 20.14 -32.63 -62.02
CA CYS B 317 20.81 -33.23 -60.85
C CYS B 317 20.82 -32.34 -59.60
N PHE B 318 20.57 -31.04 -59.74
CA PHE B 318 20.46 -30.09 -58.60
C PHE B 318 19.05 -30.02 -57.97
N VAL B 319 18.07 -30.72 -58.54
CA VAL B 319 16.70 -30.74 -58.05
C VAL B 319 16.32 -32.16 -57.56
N GLU B 320 15.38 -32.26 -56.63
CA GLU B 320 14.78 -33.51 -56.16
C GLU B 320 13.80 -34.11 -57.20
N ASP B 321 12.75 -33.39 -57.53
CA ASP B 321 11.59 -33.87 -58.30
C ASP B 321 11.30 -32.88 -59.44
N PRO B 322 11.94 -33.06 -60.61
CA PRO B 322 11.63 -32.17 -61.79
C PRO B 322 10.28 -32.55 -62.36
N THR B 323 9.73 -31.69 -63.21
CA THR B 323 8.31 -31.73 -63.66
C THR B 323 7.27 -31.63 -62.52
N PHE B 324 7.64 -31.21 -61.31
CA PHE B 324 6.68 -30.77 -60.29
C PHE B 324 6.37 -29.32 -60.60
N GLY B 325 5.38 -29.07 -61.43
CA GLY B 325 5.00 -27.74 -61.86
C GLY B 325 3.96 -27.12 -60.94
N TYR B 326 3.44 -26.00 -61.39
CA TYR B 326 2.29 -25.32 -60.76
C TYR B 326 1.03 -26.16 -60.97
N GLU B 327 0.85 -26.75 -62.16
CA GLU B 327 -0.33 -27.59 -62.48
C GLU B 327 -0.32 -28.98 -61.84
N ASP B 328 -1.53 -29.45 -61.48
CA ASP B 328 -1.80 -30.69 -60.69
C ASP B 328 -1.28 -31.97 -61.36
N PHE B 329 -1.62 -32.14 -62.66
CA PHE B 329 -1.39 -33.38 -63.43
C PHE B 329 -2.03 -34.63 -62.72
N THR B 330 -3.15 -34.36 -62.02
CA THR B 330 -3.95 -35.36 -61.28
C THR B 330 -5.38 -34.76 -61.15
N ARG B 331 -6.12 -34.81 -62.25
CA ARG B 331 -7.52 -34.35 -62.26
C ARG B 331 -8.40 -35.05 -63.28
N ALA B 336 -6.24 -24.52 -59.48
CA ALA B 336 -7.01 -24.00 -58.36
C ALA B 336 -6.29 -24.28 -57.03
N PRO B 337 -5.57 -23.28 -56.47
CA PRO B 337 -5.15 -23.32 -55.06
C PRO B 337 -6.27 -23.08 -54.06
N PRO B 338 -6.03 -23.35 -52.75
CA PRO B 338 -7.06 -23.01 -51.77
C PRO B 338 -7.12 -21.50 -51.62
N THR B 339 -8.30 -20.96 -51.35
CA THR B 339 -8.49 -19.53 -51.08
C THR B 339 -7.89 -19.16 -49.73
N PHE B 340 -7.18 -18.05 -49.68
CA PHE B 340 -6.49 -17.55 -48.47
C PHE B 340 -6.76 -16.05 -48.26
N ARG B 341 -7.35 -15.70 -47.12
CA ARG B 341 -7.58 -14.30 -46.74
C ARG B 341 -6.24 -13.65 -46.41
N ALA B 342 -5.84 -12.65 -47.20
CA ALA B 342 -4.60 -11.90 -47.00
C ALA B 342 -4.45 -11.30 -45.58
N GLN B 343 -5.53 -10.79 -45.01
CA GLN B 343 -5.55 -10.18 -43.64
C GLN B 343 -5.10 -11.16 -42.54
N ASP B 344 -5.27 -12.47 -42.72
CA ASP B 344 -4.77 -13.49 -41.75
C ASP B 344 -3.25 -13.37 -41.52
N TYR B 345 -2.52 -13.18 -42.61
CA TYR B 345 -1.05 -13.08 -42.59
C TYR B 345 -0.48 -12.09 -43.63
N THR B 346 -0.62 -10.78 -43.38
CA THR B 346 -0.09 -9.74 -44.27
C THR B 346 1.40 -9.58 -44.12
N TRP B 347 2.04 -8.93 -45.09
CA TRP B 347 3.42 -8.52 -44.99
C TRP B 347 3.59 -7.40 -43.95
N GLU B 348 2.80 -6.33 -44.07
CA GLU B 348 2.89 -5.16 -43.20
C GLU B 348 2.87 -5.51 -41.70
N ASP B 349 1.86 -6.26 -41.28
CA ASP B 349 1.63 -6.61 -39.85
C ASP B 349 2.47 -7.78 -39.38
N HIS B 350 2.19 -8.97 -39.92
CA HIS B 350 2.72 -10.23 -39.41
C HIS B 350 4.14 -10.59 -39.91
N GLY B 351 4.28 -10.74 -41.21
CA GLY B 351 5.51 -11.26 -41.84
C GLY B 351 6.77 -10.39 -41.79
N TYR B 352 6.60 -9.07 -41.77
CA TYR B 352 7.73 -8.12 -41.64
C TYR B 352 8.35 -8.19 -40.23
N SER B 353 7.51 -8.33 -39.19
CA SER B 353 7.95 -8.52 -37.82
C SER B 353 8.79 -9.76 -37.65
N LEU B 354 8.40 -10.88 -38.27
CA LEU B 354 9.12 -12.17 -38.12
C LEU B 354 10.49 -12.20 -38.74
N ILE B 355 10.63 -11.66 -39.94
CA ILE B 355 11.97 -11.51 -40.60
C ILE B 355 12.83 -10.45 -39.87
N GLN B 356 12.21 -9.41 -39.30
CA GLN B 356 12.94 -8.39 -38.52
C GLN B 356 13.69 -8.97 -37.31
N ARG B 357 13.03 -9.88 -36.58
CA ARG B 357 13.59 -10.44 -35.37
C ARG B 357 14.63 -11.53 -35.61
N LEU B 358 14.41 -12.33 -36.65
CA LEU B 358 15.30 -13.46 -37.01
C LEU B 358 16.46 -13.11 -37.96
N TYR B 359 16.29 -12.10 -38.81
CA TYR B 359 17.29 -11.69 -39.81
C TYR B 359 17.20 -10.16 -40.03
N PRO B 360 17.77 -9.35 -39.07
CA PRO B 360 17.51 -7.89 -39.03
C PRO B 360 17.84 -7.13 -40.33
N GLU B 361 18.94 -7.51 -40.99
CA GLU B 361 19.51 -6.77 -42.13
C GLU B 361 18.60 -6.77 -43.35
N GLY B 362 18.17 -7.95 -43.73
CA GLY B 362 17.36 -8.19 -44.93
C GLY B 362 15.85 -8.12 -44.74
N GLY B 363 15.40 -7.90 -43.51
CA GLY B 363 14.00 -7.60 -43.26
C GLY B 363 13.63 -6.22 -43.75
N GLN B 364 14.46 -5.24 -43.38
CA GLN B 364 14.32 -3.85 -43.85
C GLN B 364 14.49 -3.68 -45.35
N LEU B 365 15.47 -4.38 -45.93
CA LEU B 365 15.76 -4.30 -47.40
C LEU B 365 14.73 -5.03 -48.29
N LEU B 366 14.03 -6.02 -47.76
CA LEU B 366 12.86 -6.63 -48.47
C LEU B 366 11.59 -5.72 -48.45
N ASP B 367 11.33 -5.07 -47.33
CA ASP B 367 10.21 -4.11 -47.18
C ASP B 367 10.37 -2.93 -48.14
N GLU B 368 11.55 -2.31 -48.13
CA GLU B 368 11.86 -1.15 -49.00
C GLU B 368 11.78 -1.45 -50.48
N LYS B 369 12.10 -2.70 -50.83
CA LYS B 369 12.06 -3.18 -52.22
C LYS B 369 10.67 -3.59 -52.74
N PHE B 370 9.84 -4.20 -51.87
CA PHE B 370 8.41 -4.44 -52.17
C PHE B 370 7.70 -3.11 -52.39
N GLN B 371 7.91 -2.18 -51.45
CA GLN B 371 7.33 -0.86 -51.49
C GLN B 371 7.87 0.01 -52.63
N ALA B 372 9.12 -0.19 -53.01
CA ALA B 372 9.70 0.49 -54.18
C ALA B 372 9.08 0.05 -55.50
N ALA B 373 8.82 -1.24 -55.67
CA ALA B 373 8.22 -1.83 -56.93
C ALA B 373 6.70 -1.65 -57.05
N TYR B 374 6.01 -1.69 -55.89
CA TYR B 374 4.59 -1.36 -55.81
C TYR B 374 4.37 0.13 -56.11
N SER B 375 5.09 1.01 -55.40
CA SER B 375 5.03 2.48 -55.58
C SER B 375 5.43 2.99 -56.95
N LEU B 376 6.38 2.33 -57.59
CA LEU B 376 7.01 2.81 -58.82
C LEU B 376 6.01 3.16 -59.88
N THR B 377 5.97 4.47 -60.20
CA THR B 377 5.27 4.99 -61.37
C THR B 377 5.95 6.17 -62.01
N TYR B 378 5.92 6.20 -63.33
CA TYR B 378 6.41 7.34 -64.06
C TYR B 378 5.30 8.22 -64.47
N ASN B 379 4.12 7.78 -64.11
CA ASN B 379 2.88 8.46 -64.40
C ASN B 379 2.37 8.45 -65.82
N THR B 380 2.97 7.63 -66.71
CA THR B 380 2.58 7.50 -68.08
C THR B 380 2.03 6.15 -68.52
N ILE B 381 1.36 6.13 -69.66
CA ILE B 381 0.86 4.94 -70.29
C ILE B 381 1.27 4.81 -71.75
N ALA B 382 2.60 4.52 -71.91
CA ALA B 382 3.04 4.17 -73.30
C ALA B 382 2.63 5.40 -74.18
N MSE B 383 3.32 6.50 -73.92
CA MSE B 383 3.20 7.75 -74.63
C MSE B 383 2.17 8.79 -74.26
O MSE B 383 2.04 9.71 -74.93
CB MSE B 383 3.34 7.59 -76.14
CG MSE B 383 2.05 7.98 -76.95
SE MSE B 383 0.77 6.48 -77.51
CE MSE B 383 -0.94 7.02 -76.68
N HIS B 384 1.43 8.63 -73.16
CA HIS B 384 0.49 9.56 -72.63
C HIS B 384 1.32 9.92 -71.37
N SER B 385 1.33 11.11 -70.95
CA SER B 385 2.05 11.35 -69.68
C SER B 385 1.16 11.79 -68.57
N GLY B 386 -0.07 12.03 -68.86
CA GLY B 386 -0.95 12.63 -67.78
C GLY B 386 -1.52 11.87 -66.60
N VAL B 387 -1.81 10.55 -66.53
CA VAL B 387 -2.49 10.08 -65.36
C VAL B 387 -2.12 8.83 -64.52
N ASP B 388 -2.55 8.96 -63.27
CA ASP B 388 -2.35 8.00 -62.16
C ASP B 388 -2.80 6.59 -62.61
N THR B 389 -1.87 5.64 -62.52
CA THR B 389 -2.03 4.24 -62.88
C THR B 389 -1.99 3.32 -61.67
N SER B 390 -2.23 3.83 -60.47
CA SER B 390 -2.23 2.99 -59.25
C SER B 390 -3.28 1.90 -59.36
N VAL B 391 -4.34 2.19 -60.14
CA VAL B 391 -5.40 1.20 -60.45
C VAL B 391 -4.89 0.03 -61.31
N LEU B 392 -4.16 0.31 -62.38
CA LEU B 392 -3.64 -0.75 -63.28
C LEU B 392 -2.57 -1.63 -62.62
N ARG B 393 -1.61 -1.01 -61.94
CA ARG B 393 -0.53 -1.73 -61.28
C ARG B 393 -0.99 -2.51 -60.03
N ARG B 394 -2.09 -2.09 -59.37
CA ARG B 394 -2.76 -2.89 -58.32
C ARG B 394 -3.42 -4.16 -58.90
N ALA B 395 -4.03 -4.05 -60.10
CA ALA B 395 -4.65 -5.18 -60.79
C ALA B 395 -3.63 -6.24 -61.27
N ILE B 396 -2.43 -5.81 -61.66
CA ILE B 396 -1.32 -6.71 -62.01
C ILE B 396 -0.77 -7.41 -60.73
N TRP B 397 -0.55 -6.66 -59.67
CA TRP B 397 -0.12 -7.19 -58.37
C TRP B 397 -1.13 -8.18 -57.76
N ASN B 398 -2.41 -7.79 -57.72
CA ASN B 398 -3.48 -8.61 -57.15
C ASN B 398 -3.90 -9.88 -57.92
N TYR B 399 -3.69 -9.86 -59.23
CA TYR B 399 -3.88 -11.05 -60.07
C TYR B 399 -2.84 -12.14 -59.84
N ILE B 400 -1.58 -11.75 -59.72
CA ILE B 400 -0.47 -12.70 -59.43
C ILE B 400 -0.55 -13.28 -58.02
N HIS B 401 -1.05 -12.51 -57.07
CA HIS B 401 -1.39 -13.05 -55.74
C HIS B 401 -2.61 -13.99 -55.80
N CYS B 402 -3.59 -13.65 -56.65
CA CYS B 402 -4.76 -14.53 -56.96
C CYS B 402 -4.37 -15.84 -57.64
N VAL B 403 -3.30 -15.84 -58.44
CA VAL B 403 -2.70 -17.08 -58.99
C VAL B 403 -2.10 -17.95 -57.88
N PHE B 404 -1.49 -17.34 -56.88
CA PHE B 404 -0.91 -18.04 -55.69
C PHE B 404 -1.86 -18.16 -54.50
N GLY B 405 -3.15 -17.90 -54.73
CA GLY B 405 -4.25 -18.21 -53.80
C GLY B 405 -4.65 -17.16 -52.77
N ILE B 406 -4.21 -15.91 -52.96
CA ILE B 406 -4.37 -14.84 -51.95
C ILE B 406 -5.46 -13.84 -52.37
N ARG B 407 -6.59 -13.85 -51.63
CA ARG B 407 -7.68 -12.89 -51.79
C ARG B 407 -7.48 -11.69 -50.85
N TYR B 408 -7.68 -10.47 -51.39
CA TYR B 408 -7.74 -9.25 -50.60
C TYR B 408 -9.17 -8.87 -50.29
N ASP B 409 -9.40 -8.57 -49.01
CA ASP B 409 -10.69 -8.70 -48.36
C ASP B 409 -11.77 -7.81 -48.96
N ASP B 410 -11.42 -6.59 -49.37
CA ASP B 410 -12.36 -5.68 -50.08
C ASP B 410 -11.68 -5.11 -51.33
N TYR B 411 -11.32 -5.98 -52.25
CA TYR B 411 -10.92 -5.65 -53.61
C TYR B 411 -11.87 -6.37 -54.62
N ASP B 412 -12.41 -5.61 -55.55
CA ASP B 412 -13.28 -6.08 -56.60
C ASP B 412 -12.43 -6.79 -57.68
N TYR B 413 -12.43 -8.12 -57.65
CA TYR B 413 -11.67 -8.94 -58.63
C TYR B 413 -12.25 -8.97 -60.06
N GLY B 414 -13.44 -8.40 -60.26
CA GLY B 414 -13.99 -8.13 -61.59
C GLY B 414 -13.15 -7.11 -62.35
N GLU B 415 -12.47 -6.21 -61.61
CA GLU B 415 -11.54 -5.19 -62.19
C GLU B 415 -10.36 -5.76 -63.01
N VAL B 416 -9.97 -7.01 -62.72
CA VAL B 416 -8.77 -7.64 -63.30
C VAL B 416 -8.87 -7.84 -64.82
N ASN B 417 -9.71 -8.78 -65.27
CA ASN B 417 -9.94 -9.02 -66.73
C ASN B 417 -10.65 -7.83 -67.46
N GLN B 418 -11.22 -6.91 -66.70
CA GLN B 418 -11.71 -5.64 -67.23
C GLN B 418 -10.56 -4.74 -67.70
N LEU B 419 -9.45 -4.72 -66.95
CA LEU B 419 -8.24 -3.89 -67.22
C LEU B 419 -7.05 -4.63 -67.89
N LEU B 420 -6.94 -5.94 -67.70
CA LEU B 420 -5.79 -6.73 -68.19
C LEU B 420 -6.20 -7.55 -69.40
N GLU B 421 -5.50 -7.36 -70.52
CA GLU B 421 -5.80 -8.06 -71.78
C GLU B 421 -5.73 -9.58 -71.65
N ARG B 422 -6.24 -10.27 -72.65
CA ARG B 422 -6.17 -11.72 -72.70
C ARG B 422 -4.72 -12.19 -72.79
N ASN B 423 -3.91 -11.49 -73.57
CA ASN B 423 -2.50 -11.87 -73.78
C ASN B 423 -1.52 -11.41 -72.68
N LEU B 424 -1.89 -10.38 -71.91
CA LEU B 424 -1.11 -9.96 -70.72
C LEU B 424 -1.28 -10.99 -69.61
N LYS B 425 -2.52 -11.47 -69.42
CA LYS B 425 -2.85 -12.55 -68.47
C LYS B 425 -2.07 -13.87 -68.74
N VAL B 426 -2.06 -14.34 -70.00
CA VAL B 426 -1.33 -15.57 -70.38
C VAL B 426 0.20 -15.36 -70.26
N TYR B 427 0.68 -14.12 -70.47
CA TYR B 427 2.10 -13.77 -70.28
C TYR B 427 2.51 -13.70 -68.78
N ILE B 428 1.73 -12.96 -67.99
CA ILE B 428 1.95 -12.86 -66.54
C ILE B 428 1.92 -14.23 -65.86
N LYS B 429 0.95 -15.08 -66.23
CA LYS B 429 0.78 -16.43 -65.63
C LYS B 429 1.88 -17.40 -66.05
N THR B 430 2.34 -17.29 -67.30
CA THR B 430 3.50 -18.08 -67.80
C THR B 430 4.75 -17.70 -67.01
N VAL B 431 5.10 -16.42 -67.03
CA VAL B 431 6.32 -15.93 -66.40
C VAL B 431 6.32 -16.19 -64.86
N ALA B 432 5.17 -16.09 -64.20
CA ALA B 432 5.05 -16.36 -62.75
C ALA B 432 5.11 -17.87 -62.39
N CYS B 433 4.53 -18.73 -63.22
CA CYS B 433 4.38 -20.16 -62.90
C CYS B 433 5.27 -21.09 -63.73
N TYR B 434 5.26 -20.96 -65.06
CA TYR B 434 6.14 -21.72 -66.01
C TYR B 434 7.07 -20.78 -66.78
N PRO B 435 8.08 -20.15 -66.11
CA PRO B 435 8.90 -19.06 -66.72
C PRO B 435 9.70 -19.44 -67.97
N GLU B 436 10.32 -20.61 -67.99
CA GLU B 436 10.79 -21.25 -69.26
C GLU B 436 9.55 -21.48 -70.11
N LYS B 437 9.71 -21.82 -71.37
CA LYS B 437 8.56 -21.73 -72.36
C LYS B 437 7.79 -20.38 -72.37
N THR B 438 8.51 -19.30 -72.08
CA THR B 438 8.18 -17.95 -72.49
C THR B 438 8.84 -17.79 -73.86
N THR B 439 8.13 -17.33 -74.86
CA THR B 439 8.67 -17.12 -76.21
C THR B 439 8.65 -15.61 -76.52
N ARG B 440 9.41 -15.18 -77.54
CA ARG B 440 9.35 -13.79 -78.02
C ARG B 440 7.99 -13.46 -78.66
N ARG B 441 7.39 -14.43 -79.39
CA ARG B 441 6.00 -14.28 -79.87
C ARG B 441 5.05 -13.81 -78.76
N MSE B 442 5.18 -14.41 -77.59
CA MSE B 442 4.35 -14.10 -76.40
C MSE B 442 4.64 -12.74 -75.81
O MSE B 442 3.69 -12.03 -75.45
CB MSE B 442 4.56 -15.19 -75.35
CG MSE B 442 3.36 -15.30 -74.41
SE MSE B 442 3.82 -16.65 -73.10
CE MSE B 442 4.97 -15.67 -71.96
N TYR B 443 5.91 -12.37 -75.72
CA TYR B 443 6.31 -11.04 -75.27
C TYR B 443 5.79 -9.89 -76.17
N ASN B 444 5.86 -10.08 -77.49
CA ASN B 444 5.35 -9.09 -78.49
C ASN B 444 3.83 -9.05 -78.66
N LEU B 445 3.18 -10.20 -78.43
CA LEU B 445 1.74 -10.35 -78.71
C LEU B 445 0.81 -9.64 -77.72
N PHE B 446 1.31 -9.13 -76.58
CA PHE B 446 0.52 -8.33 -75.61
C PHE B 446 0.99 -6.88 -75.58
N TRP B 447 0.10 -5.96 -75.19
CA TRP B 447 0.42 -4.53 -75.05
C TRP B 447 1.32 -4.06 -76.20
N ARG B 448 0.84 -4.28 -77.43
CA ARG B 448 1.63 -4.01 -78.64
C ARG B 448 2.00 -2.55 -78.82
N HIS B 449 1.19 -1.62 -78.35
CA HIS B 449 1.51 -0.17 -78.44
C HIS B 449 2.21 0.38 -77.19
N PHE B 450 2.59 -0.48 -76.24
CA PHE B 450 3.31 -0.05 -75.03
C PHE B 450 4.82 -0.06 -75.23
N ARG B 451 5.55 0.83 -74.57
CA ARG B 451 7.02 0.94 -74.68
C ARG B 451 7.72 -0.22 -73.99
N HIS B 452 8.93 -0.55 -74.46
CA HIS B 452 9.74 -1.69 -73.93
C HIS B 452 10.06 -1.60 -72.42
N SER B 453 10.30 -0.39 -71.92
CA SER B 453 10.57 -0.14 -70.50
C SER B 453 9.37 -0.49 -69.62
N GLU B 454 8.15 -0.32 -70.13
CA GLU B 454 6.89 -0.67 -69.40
C GLU B 454 6.56 -2.17 -69.33
N LYS B 455 7.19 -2.97 -70.18
CA LYS B 455 7.10 -4.45 -70.10
C LYS B 455 8.15 -5.03 -69.12
N VAL B 456 9.26 -4.32 -68.94
CA VAL B 456 10.20 -4.60 -67.86
C VAL B 456 9.49 -4.24 -66.55
N HIS B 457 8.73 -3.14 -66.56
CA HIS B 457 7.94 -2.70 -65.39
C HIS B 457 6.98 -3.78 -64.86
N VAL B 458 6.26 -4.48 -65.75
CA VAL B 458 5.35 -5.57 -65.32
C VAL B 458 6.12 -6.77 -64.72
N ASN B 459 7.37 -7.01 -65.17
CA ASN B 459 8.25 -8.03 -64.58
C ASN B 459 8.77 -7.70 -63.18
N LEU B 460 8.84 -6.41 -62.87
CA LEU B 460 9.21 -5.95 -61.53
C LEU B 460 8.08 -6.15 -60.56
N LEU B 461 6.87 -5.78 -60.97
CA LEU B 461 5.64 -6.07 -60.20
C LEU B 461 5.42 -7.57 -60.01
N LEU B 462 5.66 -8.30 -61.07
CA LEU B 462 5.43 -9.78 -61.10
C LEU B 462 6.37 -10.61 -60.23
N LEU B 463 7.66 -10.24 -60.21
CA LEU B 463 8.66 -10.93 -59.40
C LEU B 463 8.53 -10.61 -57.92
N GLU B 464 8.17 -9.36 -57.58
CA GLU B 464 7.97 -8.94 -56.18
C GLU B 464 6.66 -9.44 -55.59
N ALA B 465 5.59 -9.45 -56.40
CA ALA B 465 4.30 -10.04 -56.00
C ALA B 465 4.40 -11.54 -55.75
N ARG B 466 5.12 -12.20 -56.63
CA ARG B 466 5.41 -13.66 -56.53
C ARG B 466 6.28 -14.05 -55.33
N MSE B 467 7.35 -13.30 -55.10
CA MSE B 467 8.27 -13.51 -53.97
C MSE B 467 7.56 -13.30 -52.66
O MSE B 467 7.74 -14.07 -51.75
CB MSE B 467 9.45 -12.52 -53.99
CG MSE B 467 10.67 -13.05 -53.30
SE MSE B 467 12.07 -11.71 -52.92
CE MSE B 467 12.51 -11.34 -54.80
N GLN B 468 6.75 -12.23 -52.54
CA GLN B 468 6.00 -11.92 -51.31
C GLN B 468 5.00 -13.02 -50.97
N ALA B 469 4.32 -13.58 -51.98
CA ALA B 469 3.40 -14.72 -51.79
C ALA B 469 4.14 -15.95 -51.29
N ALA B 470 5.24 -16.30 -51.98
CA ALA B 470 6.11 -17.42 -51.56
C ALA B 470 6.70 -17.25 -50.13
N LEU B 471 7.19 -16.06 -49.84
CA LEU B 471 7.70 -15.73 -48.50
C LEU B 471 6.63 -15.77 -47.42
N LEU B 472 5.48 -15.17 -47.69
CA LEU B 472 4.40 -15.09 -46.71
C LEU B 472 3.89 -16.49 -46.22
N TYR B 473 3.80 -17.47 -47.13
CA TYR B 473 3.39 -18.83 -46.77
C TYR B 473 4.45 -19.55 -45.94
N ALA B 474 5.73 -19.31 -46.22
CA ALA B 474 6.84 -19.88 -45.44
C ALA B 474 7.01 -19.25 -44.06
N LEU B 475 6.76 -17.94 -43.97
CA LEU B 475 6.73 -17.24 -42.69
C LEU B 475 5.49 -17.59 -41.88
N ARG B 476 4.38 -17.89 -42.57
CA ARG B 476 3.13 -18.40 -41.95
C ARG B 476 3.39 -19.73 -41.27
N ALA B 477 4.22 -20.57 -41.91
CA ALA B 477 4.61 -21.88 -41.37
C ALA B 477 5.55 -21.79 -40.17
N ILE B 478 6.36 -20.75 -40.11
CA ILE B 478 7.32 -20.56 -38.99
C ILE B 478 6.60 -20.08 -37.72
N THR B 479 5.74 -19.05 -37.83
CA THR B 479 4.99 -18.54 -36.66
C THR B 479 4.08 -19.61 -36.11
N ARG B 480 3.55 -20.50 -36.97
CA ARG B 480 2.77 -21.67 -36.54
C ARG B 480 3.70 -22.83 -36.16
N TYR B 481 4.53 -22.65 -35.13
CA TYR B 481 5.56 -23.65 -34.72
C TYR B 481 6.21 -23.34 -33.34
N GLY C 69 0.97 32.24 23.82
CA GLY C 69 0.33 31.00 23.34
C GLY C 69 -1.12 30.84 23.70
N LEU C 70 -1.71 29.68 23.36
CA LEU C 70 -3.07 29.31 23.76
C LEU C 70 -2.99 28.26 24.89
N GLU C 71 -2.45 28.67 26.03
CA GLU C 71 -1.91 27.70 27.04
C GLU C 71 -2.90 26.78 27.75
N ALA C 72 -4.15 27.27 27.89
CA ALA C 72 -5.20 26.51 28.55
C ALA C 72 -5.58 25.29 27.67
N LEU C 73 -5.67 25.51 26.36
CA LEU C 73 -5.94 24.45 25.40
C LEU C 73 -4.81 23.45 25.36
N MSE C 74 -3.60 23.97 25.30
CA MSE C 74 -2.36 23.14 25.22
C MSE C 74 -2.13 22.24 26.41
O MSE C 74 -1.96 21.03 26.21
CB MSE C 74 -1.17 24.10 25.22
CG MSE C 74 -0.91 24.79 23.87
SE MSE C 74 0.50 26.21 23.88
CE MSE C 74 2.04 25.04 23.51
N SER C 75 -2.26 22.80 27.61
CA SER C 75 -1.94 22.06 28.85
C SER C 75 -2.98 20.93 29.17
N SER C 76 -4.26 21.15 28.93
CA SER C 76 -5.27 20.13 29.24
C SER C 76 -5.39 19.26 28.03
N GLY C 77 -5.10 17.97 28.20
CA GLY C 77 -4.87 17.07 27.07
C GLY C 77 -6.11 16.51 26.49
N ARG C 78 -6.90 17.36 25.85
CA ARG C 78 -8.06 16.93 25.09
C ARG C 78 -7.83 17.14 23.64
N VAL C 79 -6.62 17.50 23.26
CA VAL C 79 -6.35 17.89 21.89
C VAL C 79 -5.13 17.20 21.33
N ASP C 80 -5.13 17.12 20.03
CA ASP C 80 -4.09 16.51 19.30
C ASP C 80 -2.70 16.99 19.82
N ASN C 81 -1.77 16.06 19.85
CA ASN C 81 -0.38 16.36 20.31
C ASN C 81 0.36 17.37 19.43
N LEU C 82 0.21 17.20 18.12
CA LEU C 82 0.79 18.11 17.13
C LEU C 82 0.18 19.47 17.30
N ALA C 83 -1.13 19.52 17.48
CA ALA C 83 -1.80 20.79 17.66
C ALA C 83 -1.16 21.56 18.84
N VAL C 84 -0.83 20.85 19.90
CA VAL C 84 -0.31 21.48 21.08
C VAL C 84 0.90 22.35 20.78
N VAL C 85 1.79 21.81 19.96
CA VAL C 85 3.00 22.55 19.65
C VAL C 85 2.77 23.79 18.82
N MSE C 86 1.83 23.68 17.91
CA MSE C 86 1.49 24.83 17.07
C MSE C 86 0.84 25.92 17.81
O MSE C 86 0.77 27.05 17.34
CB MSE C 86 0.49 24.30 16.09
CG MSE C 86 1.23 23.38 15.12
SE MSE C 86 0.26 23.67 13.53
CE MSE C 86 1.51 25.16 12.93
N GLY C 87 0.30 25.62 18.96
CA GLY C 87 -0.35 26.60 19.78
C GLY C 87 0.64 27.64 20.19
N LEU C 88 1.94 27.36 20.13
CA LEU C 88 2.92 28.36 20.48
C LEU C 88 2.70 29.61 19.62
N HIS C 89 2.32 29.49 18.37
CA HIS C 89 2.03 30.66 17.52
C HIS C 89 0.57 30.79 17.21
N PRO C 90 -0.21 31.55 18.01
CA PRO C 90 -1.67 31.55 17.72
C PRO C 90 -2.15 32.13 16.37
N ASP C 91 -1.49 33.11 15.81
CA ASP C 91 -1.95 33.65 14.53
C ASP C 91 -1.90 32.57 13.46
N TYR C 92 -0.91 31.70 13.49
CA TYR C 92 -0.86 30.58 12.53
C TYR C 92 -1.84 29.43 12.86
N PHE C 93 -2.01 29.09 14.11
CA PHE C 93 -2.96 28.04 14.52
C PHE C 93 -4.36 28.39 14.00
N THR C 94 -4.76 29.63 14.24
CA THR C 94 -6.02 30.16 13.69
C THR C 94 -6.24 29.66 12.26
N SER C 95 -5.29 29.97 11.39
CA SER C 95 -5.39 29.67 9.96
C SER C 95 -5.13 28.19 9.60
N PHE C 96 -4.26 27.52 10.35
CA PHE C 96 -4.06 26.06 10.16
C PHE C 96 -5.31 25.24 10.52
N TRP C 97 -5.94 25.55 11.66
CA TRP C 97 -7.14 24.85 12.08
C TRP C 97 -8.35 24.94 11.09
N ARG C 98 -8.49 26.05 10.40
CA ARG C 98 -9.56 26.20 9.40
C ARG C 98 -9.39 25.26 8.22
N LEU C 99 -8.16 25.10 7.74
CA LEU C 99 -7.87 24.14 6.66
C LEU C 99 -7.97 22.70 7.16
N HIS C 100 -7.43 22.42 8.33
CA HIS C 100 -7.60 21.08 8.98
C HIS C 100 -9.09 20.71 9.12
N TYR C 101 -9.91 21.65 9.60
CA TYR C 101 -11.34 21.45 9.79
C TYR C 101 -12.12 21.39 8.47
N LEU C 102 -11.69 22.13 7.45
CA LEU C 102 -12.30 22.04 6.11
C LEU C 102 -12.02 20.69 5.46
N LEU C 103 -10.76 20.27 5.46
CA LEU C 103 -10.32 19.04 4.76
C LEU C 103 -10.84 17.77 5.39
N LEU C 104 -10.79 17.67 6.72
CA LEU C 104 -11.08 16.40 7.42
C LEU C 104 -12.42 16.36 8.14
N HIS C 105 -13.17 17.48 8.21
CA HIS C 105 -14.44 17.58 8.95
C HIS C 105 -15.63 18.31 8.28
N THR C 106 -15.53 18.81 7.05
CA THR C 106 -16.62 19.57 6.38
C THR C 106 -17.04 18.86 5.11
N ASP C 107 -18.35 18.93 4.77
CA ASP C 107 -18.91 18.43 3.50
C ASP C 107 -18.07 18.88 2.37
N GLY C 108 -17.58 17.94 1.57
CA GLY C 108 -16.75 18.24 0.40
C GLY C 108 -16.90 17.20 -0.70
N PRO C 109 -16.23 17.39 -1.85
CA PRO C 109 -16.37 16.48 -3.00
C PRO C 109 -16.13 14.97 -2.76
N LEU C 110 -15.23 14.62 -1.86
CA LEU C 110 -14.90 13.23 -1.51
C LEU C 110 -15.55 12.76 -0.20
N ALA C 111 -15.90 11.46 -0.12
CA ALA C 111 -16.42 10.80 1.07
C ALA C 111 -15.43 10.90 2.21
N SER C 112 -15.94 10.90 3.44
CA SER C 112 -15.11 11.18 4.63
C SER C 112 -14.01 10.12 4.93
N SER C 113 -14.25 8.86 4.56
CA SER C 113 -13.26 7.77 4.72
C SER C 113 -12.16 7.84 3.66
N TRP C 114 -12.51 8.28 2.45
CA TRP C 114 -11.54 8.45 1.35
C TRP C 114 -10.49 9.55 1.65
N ARG C 115 -10.91 10.59 2.39
CA ARG C 115 -10.01 11.69 2.77
C ARG C 115 -8.94 11.28 3.78
N HIS C 116 -9.34 10.42 4.70
CA HIS C 116 -8.40 9.85 5.69
C HIS C 116 -7.43 8.83 5.05
N TYR C 117 -7.88 8.13 3.99
CA TYR C 117 -7.01 7.16 3.27
C TYR C 117 -6.02 7.85 2.33
N ILE C 118 -6.42 8.99 1.73
CA ILE C 118 -5.48 9.84 0.94
C ILE C 118 -4.39 10.39 1.85
N ALA C 119 -4.78 10.74 3.08
CA ALA C 119 -3.87 11.27 4.11
C ALA C 119 -2.87 10.20 4.63
N ILE C 120 -3.27 8.93 4.67
CA ILE C 120 -2.35 7.81 5.03
C ILE C 120 -1.28 7.63 3.96
N MSE C 121 -1.70 7.55 2.71
CA MSE C 121 -0.81 7.42 1.57
C MSE C 121 0.21 8.51 1.50
O MSE C 121 1.38 8.24 1.23
CB MSE C 121 -1.63 7.50 0.27
CG MSE C 121 -2.50 6.29 -0.06
SE MSE C 121 -3.30 6.68 -1.81
CE MSE C 121 -5.14 6.24 -1.47
N ALA C 122 -0.25 9.75 1.69
CA ALA C 122 0.62 10.96 1.64
C ALA C 122 1.65 10.99 2.76
N ALA C 123 1.21 10.70 3.97
CA ALA C 123 2.09 10.64 5.15
C ALA C 123 3.01 9.43 5.15
N ALA C 124 2.62 8.35 4.46
CA ALA C 124 3.44 7.12 4.33
C ALA C 124 4.69 7.36 3.51
N ARG C 125 4.63 8.28 2.55
CA ARG C 125 5.81 8.68 1.73
C ARG C 125 7.06 9.02 2.57
N HIS C 126 6.89 9.62 3.72
CA HIS C 126 7.99 9.97 4.64
C HIS C 126 8.06 9.09 5.89
N GLN C 127 7.36 7.96 5.87
CA GLN C 127 7.34 7.03 6.99
C GLN C 127 7.02 7.74 8.35
N CYS C 128 5.94 8.47 8.37
CA CYS C 128 5.51 9.24 9.54
C CYS C 128 4.47 8.47 10.33
N SER C 129 4.93 7.59 11.23
CA SER C 129 3.94 6.75 11.98
C SER C 129 3.03 7.54 12.91
N TYR C 130 3.35 8.80 13.15
CA TYR C 130 2.41 9.74 13.82
C TYR C 130 1.13 9.95 12.97
N LEU C 131 1.27 10.47 11.78
CA LEU C 131 0.12 10.85 10.92
C LEU C 131 -0.58 9.65 10.26
N VAL C 132 0.17 8.57 9.98
CA VAL C 132 -0.44 7.32 9.49
C VAL C 132 -1.34 6.68 10.56
N GLY C 133 -0.87 6.67 11.82
CA GLY C 133 -1.66 6.18 12.99
C GLY C 133 -2.91 6.97 13.31
N SER C 134 -2.84 8.30 13.19
CA SER C 134 -3.99 9.20 13.38
C SER C 134 -5.10 8.92 12.37
N HIS C 135 -4.74 8.99 11.08
CA HIS C 135 -5.70 8.84 10.00
C HIS C 135 -6.13 7.36 9.83
N MSE C 136 -5.32 6.40 10.28
CA MSE C 136 -5.74 4.98 10.32
C MSE C 136 -6.90 4.81 11.28
O MSE C 136 -7.89 4.19 10.93
CB MSE C 136 -4.64 4.03 10.78
CG MSE C 136 -3.93 3.36 9.61
SE MSE C 136 -2.51 2.10 10.18
CE MSE C 136 -1.90 1.79 8.41
N ALA C 137 -6.76 5.35 12.50
CA ALA C 137 -7.82 5.32 13.51
C ALA C 137 -9.08 6.10 13.08
N GLU C 138 -8.88 7.29 12.54
CA GLU C 138 -9.98 8.14 12.03
C GLU C 138 -10.69 7.54 10.80
N PHE C 139 -9.95 6.84 9.93
CA PHE C 139 -10.50 6.07 8.78
C PHE C 139 -11.47 5.01 9.25
N LEU C 140 -11.07 4.24 10.25
CA LEU C 140 -11.90 3.21 10.88
C LEU C 140 -13.11 3.81 11.65
N GLN C 141 -12.87 4.85 12.46
CA GLN C 141 -13.93 5.59 13.18
C GLN C 141 -15.01 6.10 12.28
N THR C 142 -14.63 6.71 11.17
CA THR C 142 -15.56 7.28 10.17
C THR C 142 -16.17 6.24 9.17
N GLY C 143 -16.07 4.94 9.47
CA GLY C 143 -16.71 3.91 8.70
C GLY C 143 -16.00 3.43 7.45
N GLY C 144 -14.69 3.47 7.46
CA GLY C 144 -13.87 3.02 6.33
C GLY C 144 -13.78 1.52 6.29
N ASP C 145 -13.64 0.95 5.10
CA ASP C 145 -13.57 -0.51 4.90
C ASP C 145 -12.21 -0.96 5.41
N PRO C 146 -12.18 -1.83 6.46
CA PRO C 146 -10.87 -2.18 7.08
C PRO C 146 -9.91 -3.01 6.23
N GLU C 147 -10.38 -3.70 5.18
CA GLU C 147 -9.49 -4.38 4.20
C GLU C 147 -8.39 -3.49 3.65
N TRP C 148 -8.74 -2.21 3.42
CA TRP C 148 -7.87 -1.22 2.79
C TRP C 148 -6.58 -0.98 3.61
N LEU C 149 -6.61 -1.26 4.91
CA LEU C 149 -5.42 -1.07 5.80
C LEU C 149 -4.41 -2.21 5.76
N LEU C 150 -4.74 -3.31 5.07
CA LEU C 150 -3.79 -4.40 4.82
C LEU C 150 -2.70 -3.98 3.79
N GLY C 151 -3.06 -3.08 2.89
CA GLY C 151 -2.12 -2.49 1.95
C GLY C 151 -2.82 -1.67 0.86
N LEU C 152 -2.03 -1.08 -0.05
CA LEU C 152 -2.58 -0.29 -1.15
C LEU C 152 -3.19 -1.14 -2.27
N HIS C 153 -2.68 -2.38 -2.47
CA HIS C 153 -3.23 -3.32 -3.46
C HIS C 153 -4.65 -3.76 -3.15
N ARG C 154 -5.15 -3.43 -1.95
CA ARG C 154 -6.53 -3.69 -1.51
C ARG C 154 -7.52 -2.49 -1.66
N ALA C 155 -7.08 -1.31 -2.09
CA ALA C 155 -7.97 -0.12 -2.23
C ALA C 155 -8.51 -0.02 -3.66
N PRO C 156 -9.63 0.73 -3.90
CA PRO C 156 -10.22 0.83 -5.22
C PRO C 156 -9.24 1.32 -6.29
N GLU C 157 -9.54 1.01 -7.56
CA GLU C 157 -8.70 1.44 -8.67
C GLU C 157 -8.47 2.96 -8.68
N LYS C 158 -9.54 3.70 -8.35
CA LYS C 158 -9.52 5.17 -8.28
C LYS C 158 -8.39 5.73 -7.40
N LEU C 159 -8.15 5.06 -6.28
CA LEU C 159 -7.17 5.50 -5.26
C LEU C 159 -5.73 5.08 -5.52
N ARG C 160 -5.51 4.07 -6.36
CA ARG C 160 -4.12 3.66 -6.75
C ARG C 160 -3.51 4.50 -7.87
N LYS C 161 -4.34 4.93 -8.83
CA LYS C 161 -3.95 5.94 -9.81
C LYS C 161 -3.29 7.19 -9.18
N LEU C 162 -3.74 7.52 -7.97
CA LEU C 162 -3.26 8.68 -7.19
C LEU C 162 -1.83 8.56 -6.61
N SER C 163 -1.26 7.35 -6.54
CA SER C 163 0.08 7.15 -5.90
C SER C 163 1.27 7.38 -6.86
N GLU C 164 0.98 7.72 -8.12
CA GLU C 164 1.99 8.20 -9.08
C GLU C 164 2.21 9.74 -8.96
N ILE C 165 1.13 10.52 -8.86
CA ILE C 165 1.16 11.98 -8.57
C ILE C 165 1.54 12.29 -7.11
N ASN C 166 1.30 11.34 -6.21
CA ASN C 166 1.61 11.52 -4.78
C ASN C 166 3.11 11.51 -4.49
N LYS C 167 3.83 10.55 -5.03
CA LYS C 167 5.30 10.44 -4.76
C LYS C 167 6.07 11.61 -5.38
N LEU C 168 5.53 12.16 -6.47
CA LEU C 168 6.10 13.35 -7.10
C LEU C 168 5.84 14.62 -6.28
N LEU C 169 4.59 14.85 -5.88
CA LEU C 169 4.24 16.00 -4.99
C LEU C 169 5.11 16.08 -3.74
N ALA C 170 5.36 14.93 -3.13
CA ALA C 170 6.18 14.79 -1.93
C ALA C 170 7.65 15.10 -2.17
N HIS C 171 8.22 14.51 -3.21
CA HIS C 171 9.67 14.45 -3.40
C HIS C 171 10.22 15.27 -4.58
N ARG C 172 9.56 15.23 -5.73
CA ARG C 172 10.01 15.95 -6.95
C ARG C 172 8.82 16.55 -7.73
N PRO C 173 8.22 17.66 -7.21
CA PRO C 173 6.98 18.16 -7.78
C PRO C 173 7.10 18.77 -9.18
N TRP C 174 8.31 19.25 -9.51
CA TRP C 174 8.63 19.80 -10.84
C TRP C 174 8.38 18.81 -11.99
N LEU C 175 8.54 17.51 -11.74
CA LEU C 175 8.26 16.43 -12.74
C LEU C 175 6.79 16.21 -13.08
N ILE C 176 5.87 16.87 -12.37
CA ILE C 176 4.44 16.76 -12.66
C ILE C 176 4.15 17.48 -13.97
N THR C 177 3.83 16.72 -15.02
CA THR C 177 3.42 17.23 -16.32
C THR C 177 1.88 17.08 -16.48
N LYS C 178 1.36 17.59 -17.60
CA LYS C 178 -0.07 17.49 -17.94
C LYS C 178 -0.55 16.05 -18.17
N GLU C 179 0.39 15.15 -18.57
CA GLU C 179 0.08 13.72 -18.80
C GLU C 179 -0.32 12.99 -17.51
N HIS C 180 0.26 13.38 -16.36
CA HIS C 180 -0.13 12.86 -15.03
C HIS C 180 -1.56 13.24 -14.68
N ILE C 181 -1.97 14.46 -15.02
CA ILE C 181 -3.34 14.96 -14.83
C ILE C 181 -4.33 14.28 -15.78
N GLN C 182 -3.92 14.13 -17.04
CA GLN C 182 -4.74 13.44 -18.04
C GLN C 182 -5.01 11.96 -17.63
N ALA C 183 -4.00 11.26 -17.08
CA ALA C 183 -4.12 9.85 -16.61
C ALA C 183 -5.15 9.69 -15.46
N LEU C 184 -5.29 10.70 -14.62
CA LEU C 184 -6.28 10.70 -13.54
C LEU C 184 -7.74 10.95 -14.02
N LEU C 185 -7.90 11.72 -15.10
CA LEU C 185 -9.23 12.12 -15.65
C LEU C 185 -9.52 11.36 -16.97
N LYS C 186 -10.76 11.47 -17.45
CA LYS C 186 -11.17 11.01 -18.79
C LYS C 186 -11.19 9.49 -19.11
N THR C 187 -10.58 8.62 -18.30
CA THR C 187 -10.69 7.15 -18.46
C THR C 187 -12.19 6.69 -18.36
N GLY C 188 -12.49 5.50 -18.86
CA GLY C 188 -13.83 4.92 -18.81
C GLY C 188 -14.34 4.60 -17.40
N GLU C 189 -13.55 3.92 -16.56
CA GLU C 189 -14.01 3.39 -15.29
C GLU C 189 -13.60 4.20 -14.09
N HIS C 190 -14.55 4.74 -13.33
CA HIS C 190 -14.29 5.42 -12.04
C HIS C 190 -13.11 6.46 -12.03
N THR C 191 -13.27 7.56 -12.77
CA THR C 191 -12.26 8.64 -12.91
C THR C 191 -12.47 9.79 -11.94
N TRP C 192 -11.47 10.67 -11.83
CA TRP C 192 -11.52 11.83 -10.94
C TRP C 192 -12.17 13.05 -11.58
N SER C 193 -13.04 13.75 -10.86
CA SER C 193 -13.44 15.12 -11.20
C SER C 193 -12.25 16.08 -10.95
N LEU C 194 -12.36 17.29 -11.49
CA LEU C 194 -11.47 18.39 -11.09
C LEU C 194 -11.80 18.83 -9.64
N ALA C 195 -13.10 18.88 -9.31
CA ALA C 195 -13.61 19.15 -7.97
C ALA C 195 -12.93 18.29 -6.91
N GLU C 196 -12.82 17.01 -7.22
CA GLU C 196 -12.26 15.98 -6.34
C GLU C 196 -10.75 15.89 -6.39
N LEU C 197 -10.17 15.97 -7.59
CA LEU C 197 -8.72 15.91 -7.75
C LEU C 197 -8.03 17.06 -7.02
N ILE C 198 -8.57 18.28 -7.18
CA ILE C 198 -8.08 19.46 -6.45
C ILE C 198 -8.11 19.21 -4.94
N GLN C 199 -9.22 18.72 -4.40
CA GLN C 199 -9.31 18.39 -2.97
C GLN C 199 -8.29 17.34 -2.52
N ALA C 200 -8.06 16.34 -3.36
CA ALA C 200 -7.03 15.28 -3.10
C ALA C 200 -5.62 15.84 -3.14
N LEU C 201 -5.34 16.77 -4.06
CA LEU C 201 -4.03 17.47 -4.12
C LEU C 201 -3.75 18.36 -2.91
N VAL C 202 -4.80 18.97 -2.36
CA VAL C 202 -4.68 19.79 -1.13
C VAL C 202 -4.46 18.87 0.10
N LEU C 203 -5.12 17.71 0.13
CA LEU C 203 -4.92 16.68 1.20
C LEU C 203 -3.51 16.06 1.17
N LEU C 204 -3.04 15.68 -0.02
CA LEU C 204 -1.70 15.10 -0.22
C LEU C 204 -0.62 16.08 0.20
N THR C 205 -0.72 17.32 -0.28
CA THR C 205 0.25 18.39 0.08
C THR C 205 0.13 18.82 1.55
N HIS C 206 -1.09 18.85 2.09
CA HIS C 206 -1.31 19.16 3.54
C HIS C 206 -0.67 18.11 4.44
N CYS C 207 -0.77 16.85 4.05
CA CYS C 207 -0.16 15.74 4.80
C CYS C 207 1.34 15.58 4.60
N HIS C 208 1.88 16.01 3.46
CA HIS C 208 3.34 16.08 3.26
C HIS C 208 3.99 17.15 4.13
N SER C 209 3.28 18.27 4.30
CA SER C 209 3.79 19.41 5.02
C SER C 209 3.59 19.31 6.52
N LEU C 210 2.49 18.68 6.94
CA LEU C 210 2.34 18.27 8.35
C LEU C 210 3.41 17.21 8.71
N SER C 211 3.72 16.33 7.76
CA SER C 211 4.74 15.28 7.94
C SER C 211 6.15 15.84 8.20
N SER C 212 6.49 16.94 7.55
CA SER C 212 7.78 17.63 7.78
C SER C 212 7.77 18.44 9.09
N PHE C 213 6.63 19.02 9.43
CA PHE C 213 6.44 19.65 10.74
C PHE C 213 6.58 18.63 11.89
N VAL C 214 6.04 17.43 11.71
CA VAL C 214 6.05 16.38 12.76
C VAL C 214 7.47 15.94 13.14
N PHE C 215 8.31 15.69 12.13
CA PHE C 215 9.74 15.28 12.38
C PHE C 215 10.62 16.47 12.74
N GLY C 216 10.37 17.64 12.13
CA GLY C 216 11.12 18.85 12.46
C GLY C 216 11.04 19.28 13.91
N CYS C 217 9.83 19.25 14.49
CA CYS C 217 9.58 19.58 15.91
C CYS C 217 9.67 18.39 16.87
N GLY C 218 9.69 17.18 16.33
CA GLY C 218 9.84 15.96 17.09
C GLY C 218 8.58 15.37 17.64
N ILE C 219 7.43 15.74 17.11
CA ILE C 219 6.13 15.44 17.75
C ILE C 219 5.99 13.92 18.02
N LEU C 220 5.97 13.52 19.28
CA LEU C 220 5.89 12.10 19.68
C LEU C 220 4.43 11.62 19.64
N PRO C 221 4.23 10.32 19.34
CA PRO C 221 2.83 9.86 19.32
C PRO C 221 2.20 9.80 20.71
N GLU C 222 0.91 9.51 20.85
CA GLU C 222 0.24 9.65 22.15
C GLU C 222 0.68 8.55 23.15
N GLY C 223 0.80 7.30 22.73
CA GLY C 223 0.91 6.13 23.66
C GLY C 223 1.83 5.07 23.20
N SER C 228 5.54 15.16 27.61
CA SER C 228 6.42 15.46 26.55
C SER C 228 5.68 15.44 25.21
N PRO C 229 5.04 16.54 24.78
CA PRO C 229 4.57 16.63 23.36
C PRO C 229 5.67 16.48 22.30
N ALA C 230 6.91 16.91 22.62
CA ALA C 230 8.13 16.68 21.78
C ALA C 230 9.38 16.33 22.61
N PRO C 231 10.39 15.60 22.04
CA PRO C 231 11.68 15.32 22.67
C PRO C 231 12.76 16.31 22.26
N GLN C 232 12.40 17.31 21.47
CA GLN C 232 13.31 18.36 21.01
C GLN C 232 12.91 19.72 21.60
N ALA C 233 11.64 20.10 21.47
CA ALA C 233 11.06 21.27 22.15
C ALA C 233 10.46 20.80 23.49
N PRO C 234 11.07 21.16 24.67
CA PRO C 234 10.43 20.84 25.95
C PRO C 234 9.38 21.87 26.34
N THR C 235 8.10 21.54 26.21
CA THR C 235 7.00 22.53 26.47
C THR C 235 6.92 22.95 27.93
N PRO C 236 6.93 21.99 28.91
CA PRO C 236 6.73 22.41 30.32
C PRO C 236 7.71 23.50 30.87
N PRO C 237 9.06 23.38 30.63
CA PRO C 237 9.95 24.56 30.95
C PRO C 237 9.72 25.78 30.03
N SER C 238 9.38 25.53 28.78
CA SER C 238 9.08 26.61 27.79
C SER C 238 7.87 27.48 28.11
N GLU C 239 6.90 26.96 28.86
CA GLU C 239 5.61 27.62 29.07
C GLU C 239 5.64 28.96 29.78
N GLN C 240 6.62 29.23 30.63
CA GLN C 240 6.34 30.09 31.78
C GLN C 240 7.25 31.20 32.14
N SER C 241 6.71 32.07 32.98
CA SER C 241 7.43 33.16 33.63
C SER C 241 8.59 32.60 34.50
N SER C 242 9.81 33.04 34.21
CA SER C 242 10.98 32.70 34.94
C SER C 242 11.15 34.03 35.62
N SER C 257 23.27 40.32 23.96
CA SER C 257 23.81 39.49 25.09
C SER C 257 24.82 38.46 24.49
N ALA C 258 24.36 37.34 23.95
CA ALA C 258 25.16 36.66 22.92
C ALA C 258 25.47 37.63 21.74
N ARG C 259 26.34 37.21 20.82
CA ARG C 259 27.23 38.08 20.04
C ARG C 259 27.24 37.74 18.54
N ASP C 260 27.41 36.45 18.24
CA ASP C 260 27.23 35.96 16.87
C ASP C 260 25.78 36.27 16.37
N VAL C 261 24.82 36.30 17.30
CA VAL C 261 23.45 36.78 17.05
C VAL C 261 23.49 38.26 16.64
N GLU C 262 24.26 39.08 17.35
CA GLU C 262 24.48 40.52 17.00
C GLU C 262 25.24 40.69 15.66
N ALA C 263 26.17 39.76 15.38
CA ALA C 263 26.83 39.69 14.06
C ALA C 263 25.82 39.44 12.89
N LEU C 264 24.85 38.57 13.13
CA LEU C 264 23.74 38.36 12.19
C LEU C 264 22.89 39.65 12.02
N MSE C 265 22.52 40.28 13.14
CA MSE C 265 21.68 41.51 13.14
C MSE C 265 22.35 42.69 12.47
O MSE C 265 21.70 43.48 11.77
CB MSE C 265 21.31 42.01 14.53
CG MSE C 265 20.64 40.97 15.36
SE MSE C 265 19.74 41.79 16.88
CE MSE C 265 20.88 40.82 18.18
N GLU C 266 23.66 42.82 12.71
CA GLU C 266 24.47 43.84 12.04
C GLU C 266 24.55 43.62 10.52
N ARG C 267 24.54 42.35 10.12
CA ARG C 267 24.46 41.98 8.70
C ARG C 267 23.11 42.28 8.05
N MSE C 268 22.02 42.01 8.80
CA MSE C 268 20.65 42.38 8.37
C MSE C 268 20.46 43.90 8.20
O MSE C 268 19.57 44.33 7.46
CB MSE C 268 19.64 41.87 9.38
CG MSE C 268 19.44 40.35 9.42
SE MSE C 268 18.42 39.67 11.01
CE MSE C 268 16.67 40.33 10.31
N GLN C 269 21.27 44.73 8.90
CA GLN C 269 21.25 46.20 8.74
C GLN C 269 21.75 46.65 7.36
N GLN C 270 22.94 46.17 6.99
CA GLN C 270 23.61 46.52 5.73
C GLN C 270 22.78 46.20 4.49
N LEU C 271 22.15 45.03 4.49
CA LEU C 271 21.20 44.64 3.42
C LEU C 271 20.04 45.61 3.32
N GLN C 272 19.50 46.04 4.48
CA GLN C 272 18.33 46.92 4.55
C GLN C 272 18.54 48.38 4.15
N GLU C 273 19.70 48.76 3.64
CA GLU C 273 19.93 50.07 2.99
C GLU C 273 19.75 50.09 1.47
N SER C 274 19.90 48.95 0.82
CA SER C 274 19.89 48.90 -0.69
C SER C 274 18.55 49.15 -1.34
N GLN C 283 24.21 42.52 -12.30
CA GLN C 283 22.91 42.10 -12.80
C GLN C 283 22.87 40.70 -13.46
N GLU C 284 23.91 40.34 -14.23
CA GLU C 284 23.97 39.04 -14.89
C GLU C 284 24.41 37.87 -13.96
N GLU C 285 25.21 38.16 -12.94
CA GLU C 285 25.56 37.15 -11.89
C GLU C 285 24.44 36.94 -10.84
N MSE C 286 23.21 37.39 -11.16
CA MSE C 286 22.04 37.11 -10.32
C MSE C 286 21.52 35.72 -10.59
O MSE C 286 21.24 34.98 -9.64
CB MSE C 286 20.94 38.15 -10.57
CG MSE C 286 20.06 38.34 -9.35
SE MSE C 286 20.89 39.67 -8.18
CE MSE C 286 22.45 38.93 -7.32
N GLU C 287 21.35 35.40 -11.87
CA GLU C 287 20.92 34.08 -12.29
C GLU C 287 21.95 32.98 -11.94
N SER C 288 23.23 33.26 -12.09
CA SER C 288 24.31 32.26 -11.75
C SER C 288 24.69 32.22 -10.23
N ARG C 289 24.12 33.10 -9.39
CA ARG C 289 24.17 32.93 -7.91
C ARG C 289 23.07 32.00 -7.41
N PHE C 290 21.93 31.97 -8.10
CA PHE C 290 20.84 31.01 -7.85
C PHE C 290 21.28 29.57 -8.21
N GLU C 291 21.91 29.42 -9.37
CA GLU C 291 22.42 28.11 -9.87
C GLU C 291 23.34 27.38 -8.91
N LEU C 292 24.12 28.13 -8.11
CA LEU C 292 25.14 27.52 -7.19
C LEU C 292 24.45 27.06 -5.90
N GLU C 293 23.57 27.94 -5.36
CA GLU C 293 22.70 27.61 -4.23
C GLU C 293 21.83 26.35 -4.45
N LYS C 294 21.29 26.24 -5.66
CA LYS C 294 20.34 25.17 -6.02
C LYS C 294 21.00 23.79 -6.05
N SER C 295 22.13 23.67 -6.75
CA SER C 295 22.88 22.40 -6.84
C SER C 295 23.75 22.10 -5.58
N GLU C 296 23.98 23.10 -4.73
CA GLU C 296 24.81 22.95 -3.50
C GLU C 296 24.53 21.70 -2.61
N SER C 297 23.26 21.34 -2.47
CA SER C 297 22.81 20.22 -1.59
C SER C 297 23.29 20.39 -0.12
N PRO C 311 13.82 0.70 6.70
CA PRO C 311 13.19 0.73 8.05
C PRO C 311 11.66 0.60 8.06
N HIS C 312 11.08 0.31 9.24
CA HIS C 312 9.62 0.29 9.52
C HIS C 312 8.78 -0.48 8.45
N PRO C 313 8.77 -1.83 8.50
CA PRO C 313 8.05 -2.64 7.48
C PRO C 313 6.57 -2.30 7.17
N ASP C 314 5.78 -1.91 8.18
CA ASP C 314 4.28 -1.91 8.05
C ASP C 314 3.63 -0.86 7.16
N MSE C 315 4.32 0.25 6.89
CA MSE C 315 3.71 1.32 6.05
C MSE C 315 4.33 1.44 4.68
O MSE C 315 3.94 2.35 3.93
CB MSE C 315 3.59 2.64 6.79
CG MSE C 315 4.89 3.31 7.22
SE MSE C 315 4.45 4.52 8.72
CE MSE C 315 6.24 4.50 9.54
N LEU C 316 5.22 0.51 4.31
CA LEU C 316 5.68 0.38 2.91
C LEU C 316 4.54 0.00 1.95
N CYS C 317 3.54 -0.72 2.45
CA CYS C 317 2.42 -1.22 1.61
C CYS C 317 1.45 -0.12 1.12
N PHE C 318 1.46 1.06 1.75
CA PHE C 318 0.62 2.20 1.31
C PHE C 318 1.25 3.08 0.23
N VAL C 319 2.51 2.78 -0.14
CA VAL C 319 3.24 3.53 -1.16
C VAL C 319 3.54 2.65 -2.37
N GLU C 320 3.68 3.25 -3.55
CA GLU C 320 4.06 2.58 -4.81
C GLU C 320 5.55 2.20 -4.81
N ASP C 321 6.39 3.22 -4.71
CA ASP C 321 7.83 3.14 -4.95
C ASP C 321 8.56 3.80 -3.78
N PRO C 322 8.87 3.02 -2.73
CA PRO C 322 9.69 3.59 -1.61
C PRO C 322 11.14 3.72 -2.03
N THR C 323 11.93 4.48 -1.31
CA THR C 323 13.29 4.97 -1.73
C THR C 323 13.31 5.84 -3.01
N PHE C 324 12.17 6.35 -3.46
CA PHE C 324 12.13 7.47 -4.44
C PHE C 324 12.26 8.78 -3.67
N GLY C 325 13.49 9.19 -3.38
CA GLY C 325 13.75 10.37 -2.58
C GLY C 325 13.81 11.62 -3.44
N TYR C 326 14.27 12.69 -2.80
CA TYR C 326 14.56 13.96 -3.49
C TYR C 326 15.81 13.77 -4.36
N GLU C 327 16.81 13.05 -3.85
CA GLU C 327 18.06 12.82 -4.58
C GLU C 327 17.96 11.79 -5.71
N ASP C 328 18.76 12.02 -6.75
CA ASP C 328 18.76 11.26 -8.01
C ASP C 328 19.06 9.77 -7.82
N PHE C 329 20.16 9.46 -7.12
CA PHE C 329 20.75 8.11 -7.02
C PHE C 329 21.03 7.47 -8.43
N THR C 330 21.37 8.36 -9.39
CA THR C 330 21.75 8.03 -10.78
C THR C 330 22.62 9.21 -11.27
N ARG C 331 23.86 9.24 -10.83
CA ARG C 331 24.83 10.26 -11.27
C ARG C 331 26.28 9.78 -11.22
N ALA C 336 20.05 18.99 -8.13
CA ALA C 336 19.80 20.03 -9.08
C ALA C 336 18.49 19.82 -9.84
N PRO C 337 17.38 20.49 -9.41
CA PRO C 337 16.16 20.54 -10.25
C PRO C 337 16.32 21.48 -11.42
N PRO C 338 15.38 21.46 -12.41
CA PRO C 338 15.43 22.53 -13.41
C PRO C 338 15.08 23.92 -12.82
N THR C 339 15.70 24.98 -13.32
CA THR C 339 15.40 26.36 -12.91
C THR C 339 14.02 26.76 -13.42
N PHE C 340 13.23 27.41 -12.58
CA PHE C 340 11.88 27.84 -12.92
C PHE C 340 11.66 29.31 -12.47
N ARG C 341 11.33 30.18 -13.41
CA ARG C 341 10.96 31.57 -13.12
C ARG C 341 9.59 31.62 -12.43
N ALA C 342 9.58 32.09 -11.18
CA ALA C 342 8.36 32.21 -10.37
C ALA C 342 7.23 33.01 -11.03
N GLN C 343 7.57 34.07 -11.73
CA GLN C 343 6.59 34.94 -12.44
C GLN C 343 5.76 34.22 -13.49
N ASP C 344 6.27 33.13 -14.08
CA ASP C 344 5.48 32.29 -15.05
C ASP C 344 4.21 31.74 -14.42
N TYR C 345 4.31 31.27 -13.17
CA TYR C 345 3.17 30.70 -12.43
C TYR C 345 3.23 31.02 -10.91
N THR C 346 2.91 32.26 -10.53
CA THR C 346 2.85 32.65 -9.11
C THR C 346 1.59 32.17 -8.43
N TRP C 347 1.60 32.18 -7.09
CA TRP C 347 0.38 31.94 -6.31
C TRP C 347 -0.65 33.09 -6.48
N GLU C 348 -0.18 34.32 -6.23
CA GLU C 348 -1.05 35.51 -6.26
C GLU C 348 -1.89 35.66 -7.54
N ASP C 349 -1.24 35.55 -8.70
CA ASP C 349 -1.88 35.75 -10.03
C ASP C 349 -2.58 34.48 -10.54
N HIS C 350 -1.80 33.46 -10.84
CA HIS C 350 -2.29 32.26 -11.59
C HIS C 350 -2.96 31.18 -10.73
N GLY C 351 -2.22 30.64 -9.78
CA GLY C 351 -2.65 29.49 -8.99
C GLY C 351 -3.81 29.70 -8.02
N TYR C 352 -3.95 30.90 -7.48
CA TYR C 352 -5.08 31.26 -6.59
C TYR C 352 -6.42 31.29 -7.35
N SER C 353 -6.40 31.80 -8.60
CA SER C 353 -7.56 31.80 -9.50
C SER C 353 -8.07 30.40 -9.83
N LEU C 354 -7.13 29.48 -10.08
CA LEU C 354 -7.48 28.10 -10.46
C LEU C 354 -8.15 27.29 -9.33
N ILE C 355 -7.60 27.36 -8.12
CA ILE C 355 -8.21 26.73 -6.94
C ILE C 355 -9.54 27.40 -6.57
N GLN C 356 -9.66 28.71 -6.80
CA GLN C 356 -10.92 29.46 -6.52
C GLN C 356 -12.11 28.95 -7.34
N ARG C 357 -11.88 28.66 -8.62
CA ARG C 357 -12.97 28.23 -9.55
C ARG C 357 -13.34 26.76 -9.39
N LEU C 358 -12.36 25.92 -9.10
CA LEU C 358 -12.57 24.47 -8.91
C LEU C 358 -12.95 23.99 -7.49
N TYR C 359 -12.51 24.70 -6.46
CA TYR C 359 -12.70 24.32 -5.03
C TYR C 359 -12.80 25.60 -4.19
N PRO C 360 -13.99 26.25 -4.22
CA PRO C 360 -14.12 27.65 -3.67
C PRO C 360 -13.71 27.81 -2.18
N GLU C 361 -14.05 26.82 -1.34
CA GLU C 361 -13.91 26.90 0.12
C GLU C 361 -12.45 26.99 0.56
N GLY C 362 -11.65 26.05 0.06
CA GLY C 362 -10.23 25.90 0.44
C GLY C 362 -9.24 26.70 -0.39
N GLY C 363 -9.71 27.42 -1.40
CA GLY C 363 -8.89 28.39 -2.13
C GLY C 363 -8.59 29.59 -1.26
N GLN C 364 -9.64 30.14 -0.66
CA GLN C 364 -9.51 31.27 0.29
C GLN C 364 -8.70 30.90 1.54
N LEU C 365 -8.95 29.72 2.11
CA LEU C 365 -8.26 29.28 3.37
C LEU C 365 -6.77 28.92 3.16
N LEU C 366 -6.37 28.53 1.96
CA LEU C 366 -4.93 28.33 1.63
C LEU C 366 -4.18 29.66 1.46
N ASP C 367 -4.85 30.64 0.84
CA ASP C 367 -4.29 31.99 0.65
C ASP C 367 -4.03 32.67 2.00
N GLU C 368 -5.04 32.65 2.87
CA GLU C 368 -4.95 33.28 4.21
C GLU C 368 -3.91 32.67 5.09
N LYS C 369 -3.66 31.38 4.89
CA LYS C 369 -2.67 30.62 5.67
C LYS C 369 -1.24 30.78 5.18
N PHE C 370 -1.03 30.86 3.85
CA PHE C 370 0.30 31.22 3.27
C PHE C 370 0.69 32.61 3.72
N GLN C 371 -0.25 33.54 3.60
CA GLN C 371 -0.05 34.93 3.98
C GLN C 371 0.08 35.12 5.49
N ALA C 372 -0.57 34.26 6.27
CA ALA C 372 -0.43 34.27 7.72
C ALA C 372 0.96 33.85 8.17
N ALA C 373 1.53 32.81 7.55
CA ALA C 373 2.88 32.29 7.92
C ALA C 373 4.05 33.11 7.37
N TYR C 374 3.85 33.69 6.19
CA TYR C 374 4.83 34.64 5.60
C TYR C 374 4.88 35.92 6.41
N SER C 375 3.73 36.55 6.65
CA SER C 375 3.60 37.79 7.46
C SER C 375 4.04 37.64 8.91
N LEU C 376 3.86 36.47 9.51
CA LEU C 376 4.03 36.27 10.96
C LEU C 376 5.38 36.72 11.46
N THR C 377 5.34 37.76 12.31
CA THR C 377 6.49 38.19 13.09
C THR C 377 6.14 38.76 14.42
N TYR C 378 7.03 38.54 15.39
CA TYR C 378 6.95 39.21 16.70
C TYR C 378 7.95 40.28 16.84
N ASN C 379 8.65 40.55 15.77
CA ASN C 379 9.66 41.56 15.71
C ASN C 379 10.79 41.35 16.69
N THR C 380 11.13 40.09 16.95
CA THR C 380 12.16 39.82 17.93
C THR C 380 13.16 38.83 17.35
N ILE C 381 14.37 38.83 17.86
CA ILE C 381 15.37 37.88 17.42
C ILE C 381 16.03 37.12 18.58
N ALA C 382 15.32 36.15 19.11
CA ALA C 382 15.89 35.33 20.15
C ALA C 382 16.39 36.20 21.29
N MSE C 383 15.54 36.95 21.97
CA MSE C 383 15.88 37.83 23.13
C MSE C 383 16.36 39.22 22.73
O MSE C 383 17.08 39.83 23.47
CB MSE C 383 16.92 37.25 24.12
CG MSE C 383 18.27 38.05 24.28
SE MSE C 383 19.83 37.35 23.25
CE MSE C 383 21.42 38.08 24.04
N HIS C 384 15.98 39.69 21.54
CA HIS C 384 16.15 41.09 21.17
C HIS C 384 14.86 41.47 20.51
N SER C 385 14.19 42.50 20.99
CA SER C 385 12.84 42.86 20.48
C SER C 385 12.70 44.05 19.50
N GLY C 386 13.70 44.85 19.26
CA GLY C 386 13.46 46.01 18.29
C GLY C 386 13.51 45.67 16.80
N VAL C 387 14.11 44.56 16.37
CA VAL C 387 14.26 44.21 14.96
C VAL C 387 13.07 43.89 14.06
N ASP C 388 13.26 44.17 12.79
CA ASP C 388 12.37 43.86 11.73
C ASP C 388 13.18 42.77 11.05
N THR C 389 12.63 41.56 11.02
CA THR C 389 13.29 40.40 10.48
C THR C 389 12.72 39.99 9.15
N SER C 390 12.01 40.90 8.50
CA SER C 390 11.33 40.56 7.24
C SER C 390 12.41 40.04 6.28
N VAL C 391 13.58 40.60 6.35
CA VAL C 391 14.70 40.15 5.54
C VAL C 391 15.08 38.70 5.84
N LEU C 392 15.21 38.34 7.11
CA LEU C 392 15.62 36.95 7.45
C LEU C 392 14.59 35.88 7.06
N ARG C 393 13.32 36.19 7.29
CA ARG C 393 12.28 35.26 6.97
C ARG C 393 12.15 35.06 5.42
N ARG C 394 12.36 36.11 4.64
CA ARG C 394 12.32 35.99 3.16
C ARG C 394 13.42 35.04 2.67
N ALA C 395 14.58 35.11 3.27
CA ALA C 395 15.66 34.22 2.89
C ALA C 395 15.29 32.76 3.15
N ILE C 396 14.69 32.49 4.29
CA ILE C 396 14.26 31.13 4.60
C ILE C 396 13.22 30.65 3.59
N TRP C 397 12.24 31.48 3.29
CA TRP C 397 11.14 31.12 2.38
C TRP C 397 11.74 30.90 1.02
N ASN C 398 12.62 31.80 0.60
CA ASN C 398 13.22 31.73 -0.75
C ASN C 398 14.19 30.58 -0.97
N TYR C 399 14.95 30.23 0.05
CA TYR C 399 15.88 29.09 -0.03
C TYR C 399 15.17 27.72 -0.23
N ILE C 400 14.07 27.49 0.46
CA ILE C 400 13.27 26.26 0.33
C ILE C 400 12.56 26.20 -1.03
N HIS C 401 12.17 27.35 -1.58
CA HIS C 401 11.68 27.44 -2.97
C HIS C 401 12.82 27.18 -3.97
N CYS C 402 14.01 27.67 -3.65
CA CYS C 402 15.26 27.36 -4.41
C CYS C 402 15.66 25.87 -4.38
N VAL C 403 15.37 25.17 -3.29
CA VAL C 403 15.56 23.71 -3.22
C VAL C 403 14.56 23.00 -4.17
N PHE C 404 13.35 23.50 -4.30
CA PHE C 404 12.32 22.97 -5.20
C PHE C 404 12.33 23.61 -6.59
N GLY C 405 13.41 24.34 -6.91
CA GLY C 405 13.68 24.83 -8.27
C GLY C 405 13.09 26.17 -8.71
N ILE C 406 12.59 26.97 -7.77
CA ILE C 406 11.86 28.23 -8.06
C ILE C 406 12.76 29.48 -7.78
N ARG C 407 13.15 30.17 -8.86
CA ARG C 407 13.89 31.44 -8.79
C ARG C 407 12.93 32.63 -8.82
N TYR C 408 13.16 33.60 -7.92
CA TYR C 408 12.46 34.88 -7.92
C TYR C 408 13.27 35.92 -8.67
N ASP C 409 12.56 36.61 -9.55
CA ASP C 409 13.14 37.28 -10.71
C ASP C 409 14.15 38.37 -10.36
N ASP C 410 13.92 39.13 -9.30
CA ASP C 410 14.90 40.15 -8.81
C ASP C 410 15.13 40.02 -7.31
N TYR C 411 15.57 38.86 -6.87
CA TYR C 411 16.00 38.61 -5.49
C TYR C 411 17.47 38.15 -5.52
N ASP C 412 18.31 38.81 -4.73
CA ASP C 412 19.73 38.51 -4.62
C ASP C 412 19.93 37.23 -3.79
N TYR C 413 20.21 36.12 -4.48
CA TYR C 413 20.40 34.84 -3.79
C TYR C 413 21.73 34.69 -3.03
N GLY C 414 22.61 35.68 -3.18
CA GLY C 414 23.80 35.79 -2.33
C GLY C 414 23.45 36.07 -0.89
N GLU C 415 22.30 36.72 -0.67
CA GLU C 415 21.76 37.00 0.69
C GLU C 415 21.53 35.75 1.57
N VAL C 416 21.29 34.59 0.95
CA VAL C 416 20.89 33.35 1.64
C VAL C 416 21.94 32.82 2.60
N ASN C 417 23.05 32.29 2.10
CA ASN C 417 24.20 31.83 2.94
C ASN C 417 24.92 32.94 3.71
N GLN C 418 24.70 34.19 3.32
CA GLN C 418 25.14 35.37 4.09
C GLN C 418 24.38 35.48 5.44
N LEU C 419 23.08 35.19 5.43
CA LEU C 419 22.20 35.26 6.62
C LEU C 419 21.88 33.92 7.31
N LEU C 420 21.94 32.81 6.59
CA LEU C 420 21.54 31.48 7.10
C LEU C 420 22.78 30.66 7.38
N GLU C 421 22.93 30.21 8.62
CA GLU C 421 24.07 29.44 9.06
C GLU C 421 24.25 28.15 8.22
N ARG C 422 25.42 27.53 8.40
CA ARG C 422 25.69 26.26 7.77
C ARG C 422 24.74 25.15 8.29
N ASN C 423 24.46 25.17 9.61
CA ASN C 423 23.60 24.15 10.24
C ASN C 423 22.10 24.39 10.12
N LEU C 424 21.68 25.64 9.88
CA LEU C 424 20.26 25.96 9.58
C LEU C 424 19.90 25.46 8.19
N LYS C 425 20.81 25.65 7.24
CA LYS C 425 20.69 25.12 5.88
C LYS C 425 20.56 23.58 5.80
N VAL C 426 21.45 22.85 6.47
CA VAL C 426 21.38 21.38 6.50
C VAL C 426 20.11 20.88 7.26
N TYR C 427 19.62 21.66 8.25
CA TYR C 427 18.36 21.36 8.96
C TYR C 427 17.11 21.64 8.10
N ILE C 428 17.06 22.82 7.48
CA ILE C 428 15.95 23.21 6.59
C ILE C 428 15.82 22.23 5.40
N LYS C 429 16.96 21.84 4.82
CA LYS C 429 16.98 20.94 3.65
C LYS C 429 16.62 19.48 4.01
N THR C 430 17.04 19.04 5.19
CA THR C 430 16.63 17.71 5.71
C THR C 430 15.11 17.68 5.93
N VAL C 431 14.59 18.61 6.73
CA VAL C 431 13.16 18.64 7.10
C VAL C 431 12.26 18.84 5.85
N ALA C 432 12.71 19.61 4.87
CA ALA C 432 11.95 19.82 3.61
C ALA C 432 11.98 18.61 2.64
N CYS C 433 13.12 17.91 2.56
CA CYS C 433 13.35 16.84 1.57
C CYS C 433 13.40 15.42 2.14
N TYR C 434 14.22 15.19 3.16
CA TYR C 434 14.29 13.91 3.91
C TYR C 434 13.85 14.10 5.40
N PRO C 435 12.54 14.33 5.68
CA PRO C 435 12.09 14.71 7.02
C PRO C 435 12.37 13.69 8.15
N GLU C 436 12.14 12.41 7.89
CA GLU C 436 12.71 11.31 8.74
C GLU C 436 14.25 11.45 8.66
N LYS C 437 14.97 10.76 9.52
CA LYS C 437 16.43 11.06 9.75
C LYS C 437 16.75 12.55 10.05
N THR C 438 15.81 13.24 10.69
CA THR C 438 16.05 14.46 11.46
C THR C 438 16.40 13.91 12.84
N THR C 439 17.46 14.36 13.46
CA THR C 439 17.84 13.94 14.81
C THR C 439 17.75 15.15 15.77
N ARG C 440 17.72 14.90 17.09
CA ARG C 440 17.77 15.97 18.09
C ARG C 440 19.13 16.71 18.06
N ARG C 441 20.24 15.97 17.81
CA ARG C 441 21.57 16.60 17.58
C ARG C 441 21.49 17.72 16.53
N MSE C 442 20.80 17.45 15.45
CA MSE C 442 20.64 18.40 14.34
C MSE C 442 19.76 19.62 14.71
O MSE C 442 20.07 20.74 14.33
CB MSE C 442 20.05 17.67 13.15
CG MSE C 442 20.37 18.37 11.86
SE MSE C 442 19.46 17.39 10.45
CE MSE C 442 17.66 18.00 10.65
N TYR C 443 18.66 19.37 15.43
CA TYR C 443 17.78 20.45 15.92
C TYR C 443 18.52 21.42 16.90
N ASN C 444 19.32 20.86 17.82
CA ASN C 444 20.12 21.65 18.78
C ASN C 444 21.34 22.34 18.18
N LEU C 445 21.93 21.73 17.17
CA LEU C 445 23.23 22.19 16.63
C LEU C 445 23.17 23.50 15.82
N PHE C 446 21.97 24.00 15.46
CA PHE C 446 21.79 25.28 14.75
C PHE C 446 21.10 26.30 15.66
N TRP C 447 21.34 27.59 15.39
CA TRP C 447 20.71 28.69 16.13
C TRP C 447 20.67 28.36 17.63
N ARG C 448 21.85 28.08 18.19
CA ARG C 448 21.99 27.63 19.58
C ARG C 448 21.52 28.62 20.63
N HIS C 449 21.61 29.90 20.36
CA HIS C 449 21.12 30.96 21.28
C HIS C 449 19.68 31.45 20.97
N PHE C 450 18.97 30.81 20.05
CA PHE C 450 17.58 31.18 19.70
C PHE C 450 16.58 30.42 20.56
N ARG C 451 15.43 31.04 20.85
CA ARG C 451 14.37 30.45 21.67
C ARG C 451 13.66 29.32 20.93
N HIS C 452 13.12 28.37 21.68
CA HIS C 452 12.47 27.18 21.10
C HIS C 452 11.27 27.54 20.20
N SER C 453 10.53 28.58 20.56
CA SER C 453 9.34 29.03 19.78
C SER C 453 9.74 29.51 18.39
N GLU C 454 10.94 30.06 18.25
CA GLU C 454 11.47 30.52 16.95
C GLU C 454 11.97 29.41 16.02
N LYS C 455 12.21 28.21 16.56
CA LYS C 455 12.55 27.03 15.73
C LYS C 455 11.28 26.33 15.23
N VAL C 456 10.19 26.45 16.00
CA VAL C 456 8.88 26.08 15.51
C VAL C 456 8.52 27.05 14.37
N HIS C 457 8.85 28.34 14.55
CA HIS C 457 8.60 29.40 13.55
C HIS C 457 9.20 29.05 12.17
N VAL C 458 10.44 28.55 12.13
CA VAL C 458 11.09 28.17 10.83
C VAL C 458 10.39 26.96 10.21
N ASN C 459 9.81 26.06 11.02
CA ASN C 459 8.99 24.96 10.51
C ASN C 459 7.65 25.38 9.91
N LEU C 460 7.10 26.51 10.35
CA LEU C 460 5.88 27.09 9.79
C LEU C 460 6.15 27.71 8.42
N LEU C 461 7.24 28.47 8.32
CA LEU C 461 7.74 28.97 7.03
C LEU C 461 8.12 27.85 6.05
N LEU C 462 8.77 26.84 6.59
CA LEU C 462 9.25 25.69 5.81
C LEU C 462 8.15 24.79 5.22
N LEU C 463 7.11 24.51 6.01
CA LEU C 463 5.99 23.69 5.54
C LEU C 463 5.09 24.41 4.54
N GLU C 464 4.88 25.72 4.73
CA GLU C 464 4.06 26.52 3.83
C GLU C 464 4.78 26.87 2.52
N ALA C 465 6.09 27.14 2.60
CA ALA C 465 6.92 27.35 1.42
C ALA C 465 7.02 26.06 0.54
N ARG C 466 7.19 24.94 1.20
CA ARG C 466 7.18 23.63 0.57
C ARG C 466 5.84 23.22 -0.09
N MSE C 467 4.74 23.45 0.63
CA MSE C 467 3.39 23.13 0.14
C MSE C 467 3.06 23.97 -1.06
O MSE C 467 2.50 23.46 -2.03
CB MSE C 467 2.30 23.41 1.20
CG MSE C 467 1.06 22.57 1.00
SE MSE C 467 -0.52 23.16 2.00
CE MSE C 467 0.29 22.78 3.80
N GLN C 468 3.40 25.27 -1.02
CA GLN C 468 3.14 26.18 -2.14
C GLN C 468 3.89 25.81 -3.41
N ALA C 469 5.14 25.38 -3.26
CA ALA C 469 5.93 24.87 -4.40
C ALA C 469 5.29 23.61 -5.01
N ALA C 470 4.99 22.63 -4.16
CA ALA C 470 4.31 21.40 -4.58
C ALA C 470 2.95 21.68 -5.27
N LEU C 471 2.15 22.55 -4.67
CA LEU C 471 0.83 22.94 -5.24
C LEU C 471 0.95 23.70 -6.55
N LEU C 472 1.87 24.65 -6.61
CA LEU C 472 2.06 25.47 -7.82
C LEU C 472 2.42 24.64 -9.08
N TYR C 473 3.27 23.62 -8.94
CA TYR C 473 3.62 22.71 -10.04
C TYR C 473 2.43 21.83 -10.52
N ALA C 474 1.61 21.38 -9.57
CA ALA C 474 0.42 20.60 -9.88
C ALA C 474 -0.71 21.44 -10.51
N LEU C 475 -0.86 22.69 -10.06
CA LEU C 475 -1.80 23.64 -10.66
C LEU C 475 -1.29 24.13 -12.02
N ARG C 476 0.04 24.18 -12.20
CA ARG C 476 0.69 24.46 -13.50
C ARG C 476 0.37 23.38 -14.52
N ALA C 477 0.32 22.12 -14.06
CA ALA C 477 -0.06 20.98 -14.90
C ALA C 477 -1.56 20.95 -15.29
N ILE C 478 -2.43 21.50 -14.44
CA ILE C 478 -3.89 21.54 -14.71
C ILE C 478 -4.26 22.61 -15.73
N THR C 479 -3.74 23.83 -15.57
CA THR C 479 -3.99 24.92 -16.55
C THR C 479 -3.44 24.59 -17.95
N ARG C 480 -2.34 23.85 -18.02
CA ARG C 480 -1.80 23.33 -19.29
C ARG C 480 -2.51 22.01 -19.73
N TYR C 481 -3.84 22.07 -19.95
CA TYR C 481 -4.67 20.89 -20.18
C TYR C 481 -6.06 21.25 -20.68
N GLY D 69 2.01 -7.22 11.70
CA GLY D 69 0.92 -6.46 12.36
C GLY D 69 0.54 -5.17 11.66
N LEU D 70 -0.35 -4.37 12.26
CA LEU D 70 -0.71 -3.00 11.79
C LEU D 70 -0.06 -2.00 12.76
N GLU D 71 1.26 -1.94 12.73
CA GLU D 71 2.05 -1.30 13.83
C GLU D 71 1.92 0.20 14.02
N ALA D 72 1.62 0.93 12.94
CA ALA D 72 1.43 2.39 13.02
C ALA D 72 0.17 2.74 13.82
N LEU D 73 -0.91 1.98 13.60
CA LEU D 73 -2.17 2.12 14.36
C LEU D 73 -2.00 1.76 15.82
N MSE D 74 -1.38 0.61 16.05
CA MSE D 74 -1.16 0.05 17.40
C MSE D 74 -0.46 0.99 18.34
O MSE D 74 -0.98 1.37 19.35
CB MSE D 74 -0.33 -1.25 17.28
CG MSE D 74 -1.13 -2.43 16.74
SE MSE D 74 -0.01 -4.02 16.36
CE MSE D 74 0.52 -4.59 18.16
N SER D 75 0.73 1.44 17.97
CA SER D 75 1.61 2.25 18.85
C SER D 75 1.18 3.74 19.01
N SER D 76 0.56 4.31 17.97
CA SER D 76 -0.04 5.66 18.05
C SER D 76 -1.39 5.52 18.71
N GLY D 77 -1.43 5.89 20.00
CA GLY D 77 -2.57 5.60 20.82
C GLY D 77 -3.80 6.44 20.64
N ARG D 78 -4.47 6.29 19.49
CA ARG D 78 -5.75 6.90 19.23
C ARG D 78 -6.80 5.84 19.15
N VAL D 79 -6.45 4.63 19.55
CA VAL D 79 -7.35 3.52 19.38
C VAL D 79 -7.49 2.71 20.66
N ASP D 80 -8.60 2.01 20.73
CA ASP D 80 -8.93 1.13 21.83
C ASP D 80 -7.74 0.20 22.22
N ASN D 81 -7.56 0.02 23.49
CA ASN D 81 -6.47 -0.80 24.00
C ASN D 81 -6.58 -2.27 23.58
N LEU D 82 -7.78 -2.78 23.59
CA LEU D 82 -8.07 -4.16 23.18
C LEU D 82 -7.76 -4.26 21.73
N ALA D 83 -8.14 -3.25 20.96
CA ALA D 83 -7.91 -3.31 19.51
C ALA D 83 -6.43 -3.44 19.21
N VAL D 84 -5.59 -2.81 20.00
CA VAL D 84 -4.14 -2.88 19.78
C VAL D 84 -3.60 -4.27 19.76
N VAL D 85 -4.01 -5.10 20.71
CA VAL D 85 -3.49 -6.47 20.78
C VAL D 85 -3.92 -7.32 19.62
N MSE D 86 -5.14 -7.14 19.16
CA MSE D 86 -5.62 -7.87 17.95
C MSE D 86 -5.01 -7.47 16.65
O MSE D 86 -5.08 -8.19 15.69
CB MSE D 86 -7.13 -7.63 17.80
CG MSE D 86 -7.81 -8.49 18.80
SE MSE D 86 -9.60 -8.20 18.50
CE MSE D 86 -9.86 -9.37 17.14
N GLY D 87 -4.38 -6.30 16.62
CA GLY D 87 -3.60 -5.88 15.48
C GLY D 87 -2.42 -6.78 15.14
N LEU D 88 -1.98 -7.61 16.10
CA LEU D 88 -0.96 -8.66 15.83
C LEU D 88 -1.37 -9.61 14.67
N HIS D 89 -2.67 -9.81 14.49
CA HIS D 89 -3.25 -10.65 13.42
C HIS D 89 -4.20 -9.87 12.50
N PRO D 90 -3.65 -9.22 11.42
CA PRO D 90 -4.46 -8.30 10.60
C PRO D 90 -5.64 -8.93 9.88
N ASP D 91 -5.53 -10.21 9.53
CA ASP D 91 -6.61 -10.90 8.80
C ASP D 91 -7.82 -11.19 9.67
N TYR D 92 -7.62 -11.26 10.99
CA TYR D 92 -8.75 -11.30 11.94
C TYR D 92 -9.28 -9.91 12.43
N PHE D 93 -8.39 -8.94 12.58
CA PHE D 93 -8.77 -7.54 12.89
C PHE D 93 -9.70 -6.92 11.82
N THR D 94 -9.41 -7.20 10.54
CA THR D 94 -10.28 -6.84 9.40
C THR D 94 -11.73 -7.25 9.67
N SER D 95 -11.95 -8.55 9.93
CA SER D 95 -13.28 -9.12 10.11
C SER D 95 -13.93 -8.80 11.47
N PHE D 96 -13.12 -8.71 12.52
CA PHE D 96 -13.61 -8.28 13.86
C PHE D 96 -14.14 -6.84 13.87
N TRP D 97 -13.36 -5.92 13.25
CA TRP D 97 -13.75 -4.51 13.18
C TRP D 97 -15.08 -4.26 12.44
N ARG D 98 -15.39 -5.05 11.42
CA ARG D 98 -16.67 -4.95 10.70
C ARG D 98 -17.89 -5.28 11.56
N LEU D 99 -17.79 -6.34 12.37
CA LEU D 99 -18.84 -6.68 13.31
C LEU D 99 -18.92 -5.65 14.47
N HIS D 100 -17.76 -5.25 15.01
CA HIS D 100 -17.70 -4.16 16.04
C HIS D 100 -18.36 -2.88 15.54
N TYR D 101 -18.04 -2.49 14.31
CA TYR D 101 -18.61 -1.28 13.67
C TYR D 101 -20.09 -1.43 13.28
N LEU D 102 -20.51 -2.65 12.91
CA LEU D 102 -21.94 -2.92 12.66
C LEU D 102 -22.77 -2.85 13.92
N LEU D 103 -22.33 -3.54 14.97
CA LEU D 103 -23.09 -3.65 16.23
C LEU D 103 -23.19 -2.36 17.00
N LEU D 104 -22.10 -1.62 17.11
CA LEU D 104 -22.03 -0.45 18.01
C LEU D 104 -22.06 0.92 17.32
N HIS D 105 -22.03 0.96 15.98
CA HIS D 105 -21.96 2.23 15.20
C HIS D 105 -22.85 2.37 13.97
N THR D 106 -23.62 1.38 13.57
CA THR D 106 -24.44 1.41 12.33
C THR D 106 -25.91 1.31 12.65
N ASP D 107 -26.75 2.02 11.87
CA ASP D 107 -28.21 1.94 11.96
C ASP D 107 -28.63 0.50 12.06
N GLY D 108 -29.38 0.13 13.09
CA GLY D 108 -29.90 -1.22 13.30
C GLY D 108 -31.20 -1.22 14.09
N PRO D 109 -31.80 -2.40 14.28
CA PRO D 109 -33.13 -2.50 14.94
C PRO D 109 -33.28 -1.83 16.33
N LEU D 110 -32.20 -1.78 17.12
CA LEU D 110 -32.19 -1.18 18.47
C LEU D 110 -31.56 0.20 18.49
N ALA D 111 -32.07 1.07 19.37
CA ALA D 111 -31.51 2.40 19.65
C ALA D 111 -30.06 2.26 20.12
N SER D 112 -29.28 3.29 19.88
CA SER D 112 -27.83 3.25 20.13
C SER D 112 -27.41 3.13 21.64
N SER D 113 -28.23 3.66 22.56
CA SER D 113 -27.97 3.54 24.00
C SER D 113 -28.33 2.17 24.55
N TRP D 114 -29.37 1.54 23.99
CA TRP D 114 -29.78 0.18 24.36
C TRP D 114 -28.71 -0.88 24.02
N ARG D 115 -27.97 -0.67 22.92
CA ARG D 115 -26.91 -1.59 22.50
C ARG D 115 -25.70 -1.61 23.45
N HIS D 116 -25.37 -0.42 23.97
CA HIS D 116 -24.29 -0.29 24.96
C HIS D 116 -24.71 -0.82 26.33
N TYR D 117 -26.01 -0.77 26.66
CA TYR D 117 -26.51 -1.33 27.94
C TYR D 117 -26.66 -2.86 27.89
N ILE D 118 -26.99 -3.43 26.73
CA ILE D 118 -26.94 -4.89 26.52
C ILE D 118 -25.51 -5.41 26.66
N ALA D 119 -24.55 -4.63 26.17
CA ALA D 119 -23.10 -4.93 26.25
C ALA D 119 -22.53 -4.86 27.71
N ILE D 120 -23.07 -3.98 28.54
CA ILE D 120 -22.72 -3.91 29.98
C ILE D 120 -23.19 -5.17 30.71
N MSE D 121 -24.47 -5.52 30.53
CA MSE D 121 -25.08 -6.72 31.12
C MSE D 121 -24.33 -7.97 30.77
O MSE D 121 -24.07 -8.81 31.64
CB MSE D 121 -26.48 -6.89 30.57
CG MSE D 121 -27.51 -5.89 31.10
SE MSE D 121 -29.20 -6.53 30.33
CE MSE D 121 -29.89 -4.83 29.72
N ALA D 122 -23.98 -8.11 29.48
CA ALA D 122 -23.25 -9.29 28.96
C ALA D 122 -21.82 -9.42 29.50
N ALA D 123 -21.09 -8.32 29.49
CA ALA D 123 -19.72 -8.27 30.04
C ALA D 123 -19.68 -8.37 31.58
N ALA D 124 -20.77 -7.96 32.26
CA ALA D 124 -20.89 -8.06 33.73
C ALA D 124 -20.93 -9.49 34.23
N ARG D 125 -21.47 -10.40 33.41
CA ARG D 125 -21.51 -11.85 33.72
C ARG D 125 -20.16 -12.40 34.13
N HIS D 126 -19.07 -11.91 33.54
CA HIS D 126 -17.70 -12.34 33.87
C HIS D 126 -16.90 -11.31 34.65
N GLN D 127 -17.59 -10.33 35.22
CA GLN D 127 -16.95 -9.27 36.00
C GLN D 127 -15.76 -8.62 35.26
N CYS D 128 -15.99 -8.20 34.03
CA CYS D 128 -14.98 -7.60 33.17
C CYS D 128 -15.02 -6.09 33.25
N SER D 129 -14.33 -5.51 34.23
CA SER D 129 -14.41 -4.03 34.40
C SER D 129 -13.79 -3.24 33.25
N TYR D 130 -13.06 -3.91 32.38
CA TYR D 130 -12.64 -3.30 31.10
C TYR D 130 -13.84 -2.95 30.19
N LEU D 131 -14.62 -3.95 29.81
CA LEU D 131 -15.76 -3.79 28.86
C LEU D 131 -16.99 -3.12 29.47
N VAL D 132 -17.22 -3.30 30.78
CA VAL D 132 -18.28 -2.59 31.50
C VAL D 132 -18.00 -1.08 31.54
N GLY D 133 -16.76 -0.72 31.83
CA GLY D 133 -16.32 0.68 31.79
C GLY D 133 -16.40 1.37 30.43
N SER D 134 -16.06 0.66 29.35
CA SER D 134 -16.11 1.18 27.97
C SER D 134 -17.53 1.53 27.59
N HIS D 135 -18.42 0.54 27.71
CA HIS D 135 -19.79 0.69 27.32
C HIS D 135 -20.58 1.56 28.31
N MSE D 136 -20.11 1.69 29.56
CA MSE D 136 -20.70 2.66 30.51
C MSE D 136 -20.50 4.07 30.03
O MSE D 136 -21.43 4.86 30.00
CB MSE D 136 -20.12 2.58 31.93
CG MSE D 136 -21.00 1.77 32.87
SE MSE D 136 -20.27 1.67 34.69
CE MSE D 136 -21.53 0.38 35.28
N ALA D 137 -19.26 4.40 29.66
CA ALA D 137 -18.92 5.72 29.12
C ALA D 137 -19.61 6.01 27.77
N GLU D 138 -19.61 5.02 26.88
CA GLU D 138 -20.28 5.13 25.57
C GLU D 138 -21.79 5.22 25.67
N PHE D 139 -22.39 4.53 26.64
CA PHE D 139 -23.85 4.63 26.97
C PHE D 139 -24.23 6.07 27.33
N LEU D 140 -23.44 6.69 28.20
CA LEU D 140 -23.60 8.07 28.59
C LEU D 140 -23.34 9.05 27.42
N GLN D 141 -22.26 8.86 26.69
CA GLN D 141 -21.90 9.67 25.48
C GLN D 141 -22.97 9.68 24.45
N THR D 142 -23.53 8.52 24.16
CA THR D 142 -24.63 8.37 23.19
C THR D 142 -26.05 8.72 23.71
N GLY D 143 -26.16 9.40 24.83
CA GLY D 143 -27.43 9.90 25.36
C GLY D 143 -28.29 8.94 26.11
N GLY D 144 -27.68 8.02 26.81
CA GLY D 144 -28.39 7.04 27.64
C GLY D 144 -28.85 7.64 28.94
N ASP D 145 -29.93 7.14 29.49
CA ASP D 145 -30.52 7.65 30.74
C ASP D 145 -29.62 7.20 31.88
N PRO D 146 -28.99 8.16 32.62
CA PRO D 146 -27.98 7.74 33.63
C PRO D 146 -28.50 6.98 34.85
N GLU D 147 -29.81 7.04 35.15
CA GLU D 147 -30.44 6.18 36.21
C GLU D 147 -30.12 4.70 36.07
N TRP D 148 -30.06 4.24 34.82
CA TRP D 148 -29.89 2.83 34.47
C TRP D 148 -28.54 2.29 34.96
N LEU D 149 -27.55 3.15 35.19
CA LEU D 149 -26.23 2.71 35.69
C LEU D 149 -26.15 2.53 37.19
N LEU D 150 -27.21 2.88 37.93
CA LEU D 150 -27.31 2.57 39.36
C LEU D 150 -27.52 1.06 39.60
N GLY D 151 -28.15 0.39 38.63
CA GLY D 151 -28.33 -1.07 38.66
C GLY D 151 -29.32 -1.56 37.61
N LEU D 152 -29.56 -2.87 37.57
CA LEU D 152 -30.48 -3.44 36.58
C LEU D 152 -31.96 -3.26 36.95
N HIS D 153 -32.28 -3.18 38.27
CA HIS D 153 -33.65 -2.90 38.72
C HIS D 153 -34.18 -1.52 38.29
N ARG D 154 -33.29 -0.67 37.76
CA ARG D 154 -33.61 0.66 37.23
C ARG D 154 -33.80 0.72 35.69
N ALA D 155 -33.60 -0.37 34.95
CA ALA D 155 -33.77 -0.37 33.48
C ALA D 155 -35.22 -0.80 33.09
N PRO D 156 -35.69 -0.49 31.86
CA PRO D 156 -37.01 -0.87 31.41
C PRO D 156 -37.32 -2.37 31.52
N GLU D 157 -38.61 -2.71 31.60
CA GLU D 157 -39.05 -4.11 31.71
C GLU D 157 -38.46 -4.96 30.58
N LYS D 158 -38.44 -4.37 29.37
CA LYS D 158 -37.92 -5.03 28.15
C LYS D 158 -36.50 -5.58 28.31
N LEU D 159 -35.65 -4.82 29.00
CA LEU D 159 -34.22 -5.14 29.16
C LEU D 159 -33.90 -6.11 30.31
N ARG D 160 -34.81 -6.27 31.28
CA ARG D 160 -34.61 -7.26 32.37
C ARG D 160 -35.02 -8.67 31.97
N LYS D 161 -36.07 -8.82 31.14
CA LYS D 161 -36.42 -10.10 30.52
C LYS D 161 -35.23 -10.77 29.84
N LEU D 162 -34.33 -9.94 29.34
CA LEU D 162 -33.08 -10.37 28.66
C LEU D 162 -31.97 -11.01 29.55
N SER D 163 -32.03 -10.82 30.88
CA SER D 163 -30.96 -11.33 31.78
C SER D 163 -31.14 -12.79 32.22
N GLU D 164 -32.21 -13.42 31.78
CA GLU D 164 -32.42 -14.88 31.95
C GLU D 164 -31.74 -15.68 30.80
N ILE D 165 -31.92 -15.23 29.56
CA ILE D 165 -31.20 -15.77 28.36
C ILE D 165 -29.73 -15.37 28.30
N ASN D 166 -29.37 -14.27 28.96
CA ASN D 166 -27.98 -13.79 29.00
C ASN D 166 -27.07 -14.67 29.84
N LYS D 167 -27.49 -15.02 31.06
CA LYS D 167 -26.64 -15.85 31.95
C LYS D 167 -26.44 -17.26 31.38
N LEU D 168 -27.43 -17.73 30.61
CA LEU D 168 -27.33 -19.03 29.93
C LEU D 168 -26.37 -18.98 28.75
N LEU D 169 -26.53 -17.99 27.88
CA LEU D 169 -25.59 -17.80 26.73
C LEU D 169 -24.13 -17.74 27.15
N ALA D 170 -23.86 -17.04 28.25
CA ALA D 170 -22.52 -16.89 28.82
C ALA D 170 -21.95 -18.21 29.37
N HIS D 171 -22.73 -18.91 30.18
CA HIS D 171 -22.25 -20.00 31.02
C HIS D 171 -22.71 -21.41 30.62
N ARG D 172 -23.97 -21.57 30.26
CA ARG D 172 -24.58 -22.87 29.92
C ARG D 172 -25.59 -22.75 28.77
N PRO D 173 -25.09 -22.55 27.54
CA PRO D 173 -25.99 -22.23 26.40
C PRO D 173 -26.89 -23.36 25.95
N TRP D 174 -26.49 -24.62 26.23
CA TRP D 174 -27.30 -25.83 25.96
C TRP D 174 -28.67 -25.84 26.63
N LEU D 175 -28.80 -25.20 27.81
CA LEU D 175 -30.08 -25.07 28.54
C LEU D 175 -31.12 -24.15 27.88
N ILE D 176 -30.75 -23.42 26.82
CA ILE D 176 -31.66 -22.52 26.12
C ILE D 176 -32.66 -23.36 25.35
N THR D 177 -33.92 -23.37 25.80
CA THR D 177 -35.04 -24.02 25.15
C THR D 177 -35.91 -22.97 24.42
N LYS D 178 -36.92 -23.45 23.72
CA LYS D 178 -37.90 -22.58 23.01
C LYS D 178 -38.74 -21.70 23.97
N GLU D 179 -38.91 -22.17 25.24
CA GLU D 179 -39.67 -21.42 26.27
C GLU D 179 -38.99 -20.10 26.66
N HIS D 180 -37.64 -20.06 26.64
CA HIS D 180 -36.86 -18.82 26.85
C HIS D 180 -37.10 -17.77 25.75
N ILE D 181 -37.20 -18.25 24.52
CA ILE D 181 -37.53 -17.41 23.36
C ILE D 181 -39.00 -16.92 23.36
N GLN D 182 -39.91 -17.83 23.72
CA GLN D 182 -41.34 -17.50 23.86
C GLN D 182 -41.56 -16.41 24.94
N ALA D 183 -40.84 -16.48 26.07
CA ALA D 183 -40.91 -15.49 27.19
C ALA D 183 -40.50 -14.07 26.76
N LEU D 184 -39.56 -13.97 25.83
CA LEU D 184 -39.11 -12.68 25.27
C LEU D 184 -40.09 -12.05 24.23
N LEU D 185 -40.85 -12.88 23.51
CA LEU D 185 -41.81 -12.45 22.45
C LEU D 185 -43.27 -12.63 22.93
N LYS D 186 -44.21 -12.08 22.18
CA LYS D 186 -45.66 -12.35 22.35
C LYS D 186 -46.40 -11.85 23.61
N THR D 187 -45.69 -11.41 24.65
CA THR D 187 -46.31 -10.75 25.82
C THR D 187 -47.07 -9.44 25.38
N GLY D 188 -47.99 -8.96 26.21
CA GLY D 188 -48.74 -7.74 25.93
C GLY D 188 -47.90 -6.47 25.92
N GLU D 189 -47.05 -6.25 26.94
CA GLU D 189 -46.35 -4.99 27.14
C GLU D 189 -44.91 -4.98 26.71
N HIS D 190 -44.55 -4.13 25.75
CA HIS D 190 -43.16 -3.88 25.32
C HIS D 190 -42.30 -5.17 25.08
N THR D 191 -42.65 -5.95 24.04
CA THR D 191 -42.00 -7.22 23.68
C THR D 191 -40.93 -7.07 22.62
N TRP D 192 -40.11 -8.10 22.44
CA TRP D 192 -39.01 -8.12 21.47
C TRP D 192 -39.46 -8.57 20.09
N SER D 193 -39.03 -7.88 19.03
CA SER D 193 -39.05 -8.41 17.67
C SER D 193 -38.01 -9.52 17.52
N LEU D 194 -38.12 -10.30 16.45
CA LEU D 194 -37.06 -11.21 16.02
C LEU D 194 -35.90 -10.40 15.49
N ALA D 195 -36.21 -9.34 14.72
CA ALA D 195 -35.23 -8.37 14.22
C ALA D 195 -34.31 -7.87 15.35
N GLU D 196 -34.92 -7.52 16.46
CA GLU D 196 -34.23 -6.97 17.63
C GLU D 196 -33.61 -8.02 18.55
N LEU D 197 -34.32 -9.12 18.80
CA LEU D 197 -33.82 -10.20 19.64
C LEU D 197 -32.55 -10.79 19.07
N ILE D 198 -32.54 -11.06 17.77
CA ILE D 198 -31.34 -11.55 17.07
C ILE D 198 -30.16 -10.59 17.27
N GLN D 199 -30.37 -9.30 17.07
CA GLN D 199 -29.31 -8.29 17.28
C GLN D 199 -28.79 -8.27 18.71
N ALA D 200 -29.70 -8.44 19.67
CA ALA D 200 -29.34 -8.53 21.09
C ALA D 200 -28.54 -9.80 21.39
N LEU D 201 -28.90 -10.93 20.79
CA LEU D 201 -28.15 -12.19 20.95
C LEU D 201 -26.74 -12.13 20.36
N VAL D 202 -26.57 -11.38 19.28
CA VAL D 202 -25.23 -11.16 18.67
C VAL D 202 -24.38 -10.21 19.54
N LEU D 203 -25.01 -9.19 20.14
CA LEU D 203 -24.33 -8.28 21.12
C LEU D 203 -23.93 -9.01 22.42
N LEU D 204 -24.84 -9.82 22.99
CA LEU D 204 -24.58 -10.60 24.22
C LEU D 204 -23.44 -11.57 24.00
N THR D 205 -23.49 -12.34 22.91
CA THR D 205 -22.43 -13.30 22.55
C THR D 205 -21.12 -12.61 22.13
N HIS D 206 -21.19 -11.47 21.47
CA HIS D 206 -19.99 -10.68 21.11
C HIS D 206 -19.26 -10.15 22.32
N CYS D 207 -20.03 -9.69 23.32
CA CYS D 207 -19.46 -9.19 24.56
C CYS D 207 -18.99 -10.30 25.51
N HIS D 208 -19.58 -11.49 25.46
CA HIS D 208 -19.08 -12.66 26.23
C HIS D 208 -17.73 -13.14 25.69
N SER D 209 -17.55 -13.06 24.38
CA SER D 209 -16.37 -13.54 23.72
C SER D 209 -15.25 -12.52 23.69
N LEU D 210 -15.58 -11.24 23.60
CA LEU D 210 -14.59 -10.18 23.88
C LEU D 210 -14.15 -10.25 25.35
N SER D 211 -15.07 -10.57 26.26
CA SER D 211 -14.77 -10.70 27.70
C SER D 211 -13.74 -11.82 28.02
N SER D 212 -13.80 -12.91 27.28
CA SER D 212 -12.81 -14.01 27.43
C SER D 212 -11.46 -13.65 26.79
N PHE D 213 -11.51 -12.94 25.67
CA PHE D 213 -10.31 -12.36 25.04
C PHE D 213 -9.57 -11.35 25.97
N VAL D 214 -10.33 -10.51 26.66
CA VAL D 214 -9.77 -9.47 27.55
C VAL D 214 -8.95 -10.08 28.69
N PHE D 215 -9.49 -11.10 29.37
CA PHE D 215 -8.79 -11.76 30.50
C PHE D 215 -7.71 -12.71 30.01
N GLY D 216 -7.97 -13.41 28.91
CA GLY D 216 -6.99 -14.32 28.31
C GLY D 216 -5.68 -13.67 27.94
N CYS D 217 -5.76 -12.50 27.29
CA CYS D 217 -4.57 -11.70 26.88
C CYS D 217 -4.09 -10.67 27.94
N GLY D 218 -4.93 -10.45 28.95
CA GLY D 218 -4.59 -9.56 30.06
C GLY D 218 -4.86 -8.09 29.84
N ILE D 219 -5.70 -7.74 28.89
CA ILE D 219 -5.89 -6.35 28.42
C ILE D 219 -6.19 -5.40 29.58
N LEU D 220 -5.26 -4.50 29.91
CA LEU D 220 -5.42 -3.57 31.05
C LEU D 220 -6.26 -2.37 30.65
N PRO D 221 -7.02 -1.78 31.61
CA PRO D 221 -7.82 -0.59 31.22
C PRO D 221 -6.95 0.63 30.94
N GLU D 222 -7.51 1.73 30.47
CA GLU D 222 -6.67 2.85 29.95
C GLU D 222 -5.98 3.62 31.08
N GLY D 223 -6.66 3.85 32.21
CA GLY D 223 -6.16 4.72 33.28
C GLY D 223 -6.54 4.16 34.62
N SER D 228 1.98 -0.46 28.29
CA SER D 228 1.57 -1.76 28.58
C SER D 228 0.11 -1.94 28.21
N PRO D 229 -0.22 -2.24 26.93
CA PRO D 229 -1.57 -2.76 26.60
C PRO D 229 -2.00 -4.04 27.37
N ALA D 230 -1.05 -4.92 27.70
CA ALA D 230 -1.27 -6.14 28.56
C ALA D 230 -0.09 -6.42 29.54
N PRO D 231 -0.33 -7.05 30.71
CA PRO D 231 0.71 -7.48 31.66
C PRO D 231 1.18 -8.90 31.43
N GLN D 232 0.67 -9.55 30.39
CA GLN D 232 1.01 -10.94 30.02
C GLN D 232 1.75 -10.97 28.69
N ALA D 233 1.17 -10.33 27.66
CA ALA D 233 1.82 -10.11 26.37
C ALA D 233 2.52 -8.73 26.43
N PRO D 234 3.88 -8.68 26.46
CA PRO D 234 4.55 -7.35 26.41
C PRO D 234 4.73 -6.86 24.98
N THR D 235 3.92 -5.91 24.52
CA THR D 235 3.95 -5.46 23.11
C THR D 235 5.28 -4.78 22.74
N PRO D 236 5.79 -3.81 23.56
CA PRO D 236 7.01 -3.06 23.12
C PRO D 236 8.26 -3.94 22.77
N PRO D 237 8.65 -4.92 23.63
CA PRO D 237 9.69 -5.90 23.15
C PRO D 237 9.22 -6.82 21.99
N SER D 238 7.94 -7.18 21.99
CA SER D 238 7.33 -8.03 20.95
C SER D 238 7.34 -7.42 19.53
N GLU D 239 7.36 -6.08 19.42
CA GLU D 239 7.13 -5.38 18.15
C GLU D 239 8.13 -5.60 17.05
N GLN D 240 9.37 -5.96 17.39
CA GLN D 240 10.47 -5.54 16.53
C GLN D 240 11.51 -6.51 16.16
N SER D 241 12.27 -6.08 15.14
CA SER D 241 13.45 -6.76 14.65
C SER D 241 14.50 -6.93 15.78
N SER D 242 14.88 -8.18 16.04
CA SER D 242 15.88 -8.55 16.98
C SER D 242 16.94 -8.87 15.97
N SER D 257 13.91 -27.16 25.47
CA SER D 257 14.47 -26.08 24.59
C SER D 257 14.47 -26.50 23.11
N ALA D 258 13.35 -26.25 22.41
CA ALA D 258 13.19 -26.51 21.00
C ALA D 258 13.09 -28.03 20.66
N ARG D 259 12.49 -28.87 21.52
CA ARG D 259 12.49 -30.34 21.35
C ARG D 259 11.13 -30.99 21.65
N ASP D 260 10.55 -30.67 22.80
CA ASP D 260 9.15 -31.04 23.09
C ASP D 260 8.21 -30.44 22.03
N VAL D 261 8.60 -29.29 21.46
CA VAL D 261 7.94 -28.70 20.29
C VAL D 261 8.08 -29.64 19.09
N GLU D 262 9.27 -30.19 18.87
CA GLU D 262 9.52 -31.21 17.80
C GLU D 262 8.77 -32.55 18.06
N ALA D 263 8.65 -32.92 19.34
CA ALA D 263 7.83 -34.08 19.75
C ALA D 263 6.33 -33.87 19.37
N LEU D 264 5.82 -32.64 19.53
CA LEU D 264 4.48 -32.26 19.06
C LEU D 264 4.34 -32.36 17.52
N MSE D 265 5.32 -31.79 16.80
CA MSE D 265 5.33 -31.77 15.32
C MSE D 265 5.43 -33.14 14.72
O MSE D 265 4.79 -33.45 13.69
CB MSE D 265 6.52 -30.96 14.71
CG MSE D 265 6.63 -29.56 15.23
SE MSE D 265 7.69 -28.53 14.12
CE MSE D 265 9.03 -28.16 15.53
N GLU D 266 6.24 -34.00 15.34
CA GLU D 266 6.36 -35.40 14.93
C GLU D 266 5.05 -36.19 15.14
N ARG D 267 4.32 -35.80 16.18
CA ARG D 267 3.00 -36.37 16.44
C ARG D 267 1.95 -35.91 15.42
N MSE D 268 2.03 -34.63 15.04
CA MSE D 268 1.18 -34.08 13.99
C MSE D 268 1.39 -34.73 12.61
O MSE D 268 0.49 -34.71 11.75
CB MSE D 268 1.41 -32.56 13.88
CG MSE D 268 0.88 -31.69 15.03
SE MSE D 268 1.55 -29.79 15.03
CE MSE D 268 0.37 -29.28 13.50
N GLN D 269 2.57 -35.30 12.37
CA GLN D 269 2.88 -36.07 11.13
C GLN D 269 2.06 -37.39 11.04
N GLN D 270 2.15 -38.18 12.10
CA GLN D 270 1.49 -39.49 12.19
C GLN D 270 -0.05 -39.44 12.00
N LEU D 271 -0.67 -38.43 12.60
CA LEU D 271 -2.11 -38.15 12.39
C LEU D 271 -2.42 -37.82 10.93
N GLN D 272 -1.55 -37.04 10.30
CA GLN D 272 -1.75 -36.60 8.90
C GLN D 272 -1.57 -37.67 7.80
N GLU D 273 -1.37 -38.93 8.14
CA GLU D 273 -1.42 -40.07 7.16
C GLU D 273 -2.76 -40.75 7.03
N SER D 274 -3.61 -40.67 8.06
CA SER D 274 -4.90 -41.41 8.08
C SER D 274 -5.91 -40.91 7.07
N GLN D 283 -14.47 -47.91 15.67
CA GLN D 283 -15.61 -47.10 15.30
C GLN D 283 -16.63 -46.80 16.41
N GLU D 284 -16.93 -47.78 17.29
CA GLU D 284 -17.89 -47.56 18.39
C GLU D 284 -17.29 -46.83 19.62
N GLU D 285 -15.99 -46.97 19.84
CA GLU D 285 -15.26 -46.18 20.88
C GLU D 285 -14.96 -44.74 20.45
N MSE D 286 -15.62 -44.25 19.40
CA MSE D 286 -15.52 -42.85 18.98
C MSE D 286 -16.40 -41.98 19.82
O MSE D 286 -15.96 -40.92 20.30
CB MSE D 286 -15.91 -42.68 17.51
CG MSE D 286 -15.22 -41.49 16.86
SE MSE D 286 -13.45 -42.05 16.20
CE MSE D 286 -12.26 -42.34 17.68
N GLU D 287 -17.66 -42.42 20.00
CA GLU D 287 -18.60 -41.72 20.85
C GLU D 287 -18.17 -41.73 22.33
N SER D 288 -17.62 -42.86 22.81
CA SER D 288 -17.16 -42.99 24.23
C SER D 288 -15.73 -42.40 24.49
N ARG D 289 -15.03 -41.96 23.46
CA ARG D 289 -13.80 -41.10 23.64
C ARG D 289 -14.17 -39.60 23.81
N PHE D 290 -15.28 -39.18 23.20
CA PHE D 290 -15.85 -37.83 23.39
C PHE D 290 -16.38 -37.68 24.81
N GLU D 291 -17.13 -38.67 25.28
CA GLU D 291 -17.71 -38.70 26.65
C GLU D 291 -16.72 -38.49 27.78
N LEU D 292 -15.49 -38.95 27.60
CA LEU D 292 -14.43 -38.87 28.67
C LEU D 292 -13.78 -37.49 28.68
N GLU D 293 -13.49 -36.98 27.48
CA GLU D 293 -13.03 -35.60 27.27
C GLU D 293 -14.00 -34.52 27.82
N LYS D 294 -15.29 -34.73 27.62
CA LYS D 294 -16.35 -33.78 27.98
C LYS D 294 -16.49 -33.63 29.48
N SER D 295 -16.60 -34.75 30.20
CA SER D 295 -16.71 -34.73 31.69
C SER D 295 -15.37 -34.51 32.43
N GLU D 296 -14.24 -34.67 31.74
CA GLU D 296 -12.87 -34.51 32.32
C GLU D 296 -12.59 -33.26 33.20
N SER D 297 -13.14 -32.12 32.80
CA SER D 297 -12.98 -30.82 33.52
C SER D 297 -11.48 -30.42 33.65
N PRO D 311 -16.30 -11.22 44.65
CA PRO D 311 -15.40 -10.06 44.45
C PRO D 311 -16.09 -8.87 43.73
N HIS D 312 -15.44 -7.68 43.73
CA HIS D 312 -15.86 -6.47 42.96
C HIS D 312 -17.36 -6.10 43.11
N PRO D 313 -17.72 -5.43 44.23
CA PRO D 313 -19.16 -5.10 44.50
C PRO D 313 -19.97 -4.36 43.40
N ASP D 314 -19.36 -3.45 42.64
CA ASP D 314 -20.14 -2.49 41.81
C ASP D 314 -20.88 -3.00 40.57
N MSE D 315 -20.45 -4.13 40.01
CA MSE D 315 -21.11 -4.64 38.77
C MSE D 315 -21.95 -5.88 38.98
O MSE D 315 -22.47 -6.42 38.00
CB MSE D 315 -20.14 -4.76 37.61
CG MSE D 315 -18.97 -5.74 37.77
SE MSE D 315 -17.54 -5.19 36.51
CE MSE D 315 -16.05 -5.97 37.56
N LEU D 316 -22.15 -6.28 40.24
CA LEU D 316 -23.15 -7.31 40.59
C LEU D 316 -24.57 -6.85 40.29
N CYS D 317 -24.83 -5.53 40.34
CA CYS D 317 -26.17 -4.99 40.13
C CYS D 317 -26.68 -5.07 38.68
N PHE D 318 -25.78 -5.27 37.71
CA PHE D 318 -26.18 -5.47 36.29
C PHE D 318 -26.53 -6.90 35.88
N VAL D 319 -26.38 -7.85 36.81
CA VAL D 319 -26.70 -9.27 36.58
C VAL D 319 -27.87 -9.74 37.47
N GLU D 320 -28.60 -10.75 37.05
CA GLU D 320 -29.69 -11.36 37.82
C GLU D 320 -29.11 -12.25 38.95
N ASP D 321 -28.33 -13.25 38.58
CA ASP D 321 -27.89 -14.35 39.46
C ASP D 321 -26.37 -14.52 39.28
N PRO D 322 -25.57 -13.79 40.06
CA PRO D 322 -24.10 -14.01 40.06
C PRO D 322 -23.75 -15.32 40.77
N THR D 323 -22.54 -15.80 40.59
CA THR D 323 -22.10 -17.20 40.92
C THR D 323 -22.90 -18.32 40.19
N PHE D 324 -23.66 -18.02 39.14
CA PHE D 324 -24.15 -19.04 38.19
C PHE D 324 -23.05 -19.29 37.20
N GLY D 325 -22.12 -20.18 37.52
CA GLY D 325 -20.98 -20.50 36.67
C GLY D 325 -21.28 -21.58 35.64
N TYR D 326 -20.22 -22.03 35.02
CA TYR D 326 -20.26 -23.21 34.15
C TYR D 326 -20.49 -24.47 35.01
N GLU D 327 -19.82 -24.56 36.18
CA GLU D 327 -19.94 -25.73 37.07
C GLU D 327 -21.25 -25.81 37.87
N ASP D 328 -21.70 -27.06 38.07
CA ASP D 328 -23.00 -27.42 38.66
C ASP D 328 -23.17 -26.87 40.08
N PHE D 329 -22.17 -27.14 40.96
CA PHE D 329 -22.24 -26.92 42.44
C PHE D 329 -23.49 -27.62 43.06
N THR D 330 -23.86 -28.76 42.47
CA THR D 330 -24.99 -29.64 42.88
C THR D 330 -24.59 -31.03 42.35
N ARG D 331 -23.63 -31.65 43.04
CA ARG D 331 -23.21 -33.02 42.73
C ARG D 331 -22.60 -33.72 43.95
N ALA D 336 -20.10 -31.88 32.98
CA ALA D 336 -20.71 -32.75 31.99
C ALA D 336 -22.02 -32.14 31.43
N PRO D 337 -21.96 -31.44 30.27
CA PRO D 337 -23.20 -31.08 29.52
C PRO D 337 -23.80 -32.26 28.80
N PRO D 338 -25.04 -32.14 28.28
CA PRO D 338 -25.56 -33.24 27.43
C PRO D 338 -24.79 -33.29 26.10
N THR D 339 -24.59 -34.48 25.55
CA THR D 339 -23.95 -34.67 24.21
C THR D 339 -24.88 -34.16 23.12
N PHE D 340 -24.34 -33.43 22.16
CA PHE D 340 -25.10 -32.87 21.04
C PHE D 340 -24.38 -33.13 19.70
N ARG D 341 -25.04 -33.81 18.77
CA ARG D 341 -24.53 -34.04 17.42
C ARG D 341 -24.56 -32.74 16.63
N ALA D 342 -23.40 -32.28 16.22
CA ALA D 342 -23.24 -31.03 15.46
C ALA D 342 -24.04 -30.97 14.16
N GLN D 343 -24.14 -32.08 13.45
CA GLN D 343 -24.91 -32.18 12.18
C GLN D 343 -26.39 -31.83 12.31
N ASP D 344 -26.99 -32.03 13.50
CA ASP D 344 -28.41 -31.63 13.76
C ASP D 344 -28.64 -30.15 13.49
N TYR D 345 -27.70 -29.31 13.93
CA TYR D 345 -27.77 -27.85 13.78
C TYR D 345 -26.39 -27.20 13.57
N THR D 346 -25.82 -27.34 12.37
CA THR D 346 -24.54 -26.71 12.02
C THR D 346 -24.69 -25.22 11.75
N TRP D 347 -23.56 -24.50 11.77
CA TRP D 347 -23.53 -23.12 11.31
C TRP D 347 -23.77 -23.01 9.78
N GLU D 348 -22.99 -23.77 9.01
CA GLU D 348 -23.05 -23.73 7.53
C GLU D 348 -24.44 -23.90 6.91
N ASP D 349 -25.16 -24.94 7.33
CA ASP D 349 -26.52 -25.30 6.81
C ASP D 349 -27.64 -24.50 7.49
N HIS D 350 -27.86 -24.76 8.78
CA HIS D 350 -29.05 -24.28 9.49
C HIS D 350 -28.96 -22.84 10.02
N GLY D 351 -27.99 -22.60 10.89
CA GLY D 351 -27.88 -21.33 11.64
C GLY D 351 -27.55 -20.08 10.84
N TYR D 352 -26.80 -20.23 9.77
CA TYR D 352 -26.47 -19.11 8.86
C TYR D 352 -27.69 -18.58 8.09
N SER D 353 -28.56 -19.51 7.65
CA SER D 353 -29.85 -19.17 7.00
C SER D 353 -30.78 -18.39 7.90
N LEU D 354 -30.86 -18.76 9.19
CA LEU D 354 -31.77 -18.11 10.14
C LEU D 354 -31.37 -16.66 10.45
N ILE D 355 -30.07 -16.42 10.69
CA ILE D 355 -29.55 -15.05 10.90
C ILE D 355 -29.65 -14.22 9.60
N GLN D 356 -29.48 -14.86 8.45
CA GLN D 356 -29.60 -14.17 7.15
C GLN D 356 -30.99 -13.53 6.90
N ARG D 357 -32.05 -14.24 7.25
CA ARG D 357 -33.44 -13.78 6.98
C ARG D 357 -33.90 -12.75 8.01
N LEU D 358 -33.48 -12.91 9.26
CA LEU D 358 -33.88 -12.00 10.36
C LEU D 358 -33.01 -10.75 10.56
N TYR D 359 -31.74 -10.82 10.21
CA TYR D 359 -30.77 -9.73 10.43
C TYR D 359 -29.72 -9.78 9.33
N PRO D 360 -30.09 -9.27 8.11
CA PRO D 360 -29.26 -9.51 6.90
C PRO D 360 -27.76 -9.07 6.99
N GLU D 361 -27.52 -7.92 7.64
CA GLU D 361 -26.19 -7.27 7.67
C GLU D 361 -25.12 -8.10 8.41
N GLY D 362 -25.47 -8.52 9.61
CA GLY D 362 -24.56 -9.24 10.52
C GLY D 362 -24.55 -10.74 10.40
N GLY D 363 -25.39 -11.28 9.53
CA GLY D 363 -25.34 -12.70 9.18
C GLY D 363 -24.11 -13.01 8.34
N GLN D 364 -23.90 -12.20 7.31
CA GLN D 364 -22.71 -12.28 6.45
C GLN D 364 -21.40 -12.00 7.20
N LEU D 365 -21.40 -10.97 8.06
CA LEU D 365 -20.19 -10.57 8.80
C LEU D 365 -19.79 -11.56 9.93
N LEU D 366 -20.74 -12.30 10.48
CA LEU D 366 -20.43 -13.41 11.45
C LEU D 366 -19.82 -14.63 10.74
N ASP D 367 -20.33 -14.95 9.55
CA ASP D 367 -19.79 -16.04 8.71
C ASP D 367 -18.34 -15.82 8.26
N GLU D 368 -18.08 -14.65 7.73
CA GLU D 368 -16.72 -14.27 7.27
C GLU D 368 -15.69 -14.25 8.39
N LYS D 369 -16.14 -13.90 9.61
CA LYS D 369 -15.29 -13.80 10.80
C LYS D 369 -15.00 -15.15 11.46
N PHE D 370 -16.00 -16.06 11.50
CA PHE D 370 -15.78 -17.47 11.95
C PHE D 370 -14.77 -18.13 11.01
N GLN D 371 -15.01 -17.97 9.70
CA GLN D 371 -14.17 -18.54 8.67
C GLN D 371 -12.79 -17.88 8.60
N ALA D 372 -12.70 -16.61 8.94
CA ALA D 372 -11.39 -15.90 9.02
C ALA D 372 -10.50 -16.43 10.15
N ALA D 373 -11.09 -16.70 11.33
CA ALA D 373 -10.33 -17.19 12.53
C ALA D 373 -10.02 -18.68 12.47
N TYR D 374 -10.93 -19.47 11.88
CA TYR D 374 -10.72 -20.92 11.63
C TYR D 374 -9.62 -21.10 10.60
N SER D 375 -9.74 -20.45 9.45
CA SER D 375 -8.74 -20.48 8.38
C SER D 375 -7.36 -19.96 8.78
N LEU D 376 -7.30 -18.95 9.65
CA LEU D 376 -6.05 -18.18 9.92
C LEU D 376 -4.89 -19.06 10.30
N THR D 377 -3.89 -19.09 9.43
CA THR D 377 -2.68 -19.79 9.63
C THR D 377 -1.51 -19.02 9.11
N TYR D 378 -0.42 -18.98 9.82
CA TYR D 378 0.83 -18.37 9.31
C TYR D 378 1.79 -19.41 8.88
N ASN D 379 1.36 -20.63 8.97
CA ASN D 379 2.14 -21.82 8.60
C ASN D 379 3.36 -22.01 9.45
N THR D 380 3.33 -21.61 10.70
CA THR D 380 4.47 -21.73 11.57
C THR D 380 4.13 -22.26 12.94
N ILE D 381 5.11 -22.80 13.64
CA ILE D 381 4.94 -23.34 14.97
C ILE D 381 6.01 -22.80 15.92
N ALA D 382 5.87 -21.53 16.28
CA ALA D 382 6.81 -20.98 17.29
C ALA D 382 8.23 -21.17 16.87
N MSE D 383 8.60 -20.62 15.72
CA MSE D 383 9.96 -20.69 15.12
C MSE D 383 10.16 -22.04 14.49
O MSE D 383 11.29 -22.45 14.36
CB MSE D 383 11.07 -20.51 16.16
CG MSE D 383 11.95 -21.78 16.36
SE MSE D 383 11.70 -23.00 17.95
CE MSE D 383 11.62 -24.88 17.27
N HIS D 384 9.10 -22.73 14.08
CA HIS D 384 9.12 -23.95 13.30
C HIS D 384 8.70 -23.17 12.03
N SER D 385 9.53 -23.13 11.02
CA SER D 385 9.26 -22.21 9.88
C SER D 385 8.15 -22.60 8.91
N GLY D 386 8.01 -23.86 8.48
CA GLY D 386 7.05 -24.13 7.39
C GLY D 386 6.26 -25.32 7.80
N VAL D 387 4.95 -25.26 7.94
CA VAL D 387 4.23 -26.43 8.43
C VAL D 387 2.74 -26.17 8.31
N ASP D 388 1.96 -27.25 8.29
CA ASP D 388 0.52 -27.19 8.18
C ASP D 388 0.10 -27.54 9.53
N THR D 389 -0.59 -26.61 10.18
CA THR D 389 -1.09 -26.81 11.52
C THR D 389 -2.58 -26.90 11.53
N SER D 390 -3.17 -27.21 10.38
CA SER D 390 -4.61 -27.30 10.30
C SER D 390 -5.05 -28.35 11.33
N VAL D 391 -4.28 -29.38 11.48
CA VAL D 391 -4.58 -30.37 12.51
C VAL D 391 -4.59 -29.86 13.93
N LEU D 392 -3.61 -29.06 14.30
CA LEU D 392 -3.56 -28.52 15.70
C LEU D 392 -4.66 -27.53 16.05
N ARG D 393 -4.97 -26.64 15.12
CA ARG D 393 -6.05 -25.67 15.33
C ARG D 393 -7.44 -26.31 15.38
N ARG D 394 -7.71 -27.32 14.56
CA ARG D 394 -8.99 -28.10 14.63
C ARG D 394 -9.19 -28.73 15.99
N ALA D 395 -8.13 -29.20 16.59
CA ALA D 395 -8.16 -29.76 17.96
C ALA D 395 -8.46 -28.73 19.06
N ILE D 396 -8.00 -27.50 18.87
CA ILE D 396 -8.32 -26.38 19.78
C ILE D 396 -9.79 -25.98 19.60
N TRP D 397 -10.23 -25.85 18.36
CA TRP D 397 -11.62 -25.52 18.02
C TRP D 397 -12.59 -26.60 18.52
N ASN D 398 -12.30 -27.86 18.24
CA ASN D 398 -13.16 -28.99 18.60
C ASN D 398 -13.23 -29.34 20.09
N TYR D 399 -12.17 -29.03 20.84
CA TYR D 399 -12.15 -29.18 22.31
C TYR D 399 -13.05 -28.18 23.05
N ILE D 400 -13.04 -26.93 22.59
CA ILE D 400 -13.89 -25.89 23.15
C ILE D 400 -15.35 -26.11 22.81
N HIS D 401 -15.64 -26.65 21.64
CA HIS D 401 -17.01 -27.11 21.33
C HIS D 401 -17.41 -28.33 22.17
N CYS D 402 -16.45 -29.22 22.43
CA CYS D 402 -16.62 -30.37 23.37
C CYS D 402 -16.85 -29.95 24.83
N VAL D 403 -16.29 -28.82 25.26
CA VAL D 403 -16.59 -28.22 26.59
C VAL D 403 -18.04 -27.72 26.63
N PHE D 404 -18.55 -27.16 25.55
CA PHE D 404 -19.94 -26.71 25.42
C PHE D 404 -20.92 -27.78 24.88
N GLY D 405 -20.49 -29.04 24.85
CA GLY D 405 -21.35 -30.21 24.58
C GLY D 405 -21.56 -30.66 23.13
N ILE D 406 -20.72 -30.19 22.20
CA ILE D 406 -20.92 -30.42 20.75
C ILE D 406 -19.91 -31.45 20.20
N ARG D 407 -20.43 -32.64 19.84
CA ARG D 407 -19.66 -33.70 19.17
C ARG D 407 -19.75 -33.58 17.64
N TYR D 408 -18.59 -33.69 16.97
CA TYR D 408 -18.49 -33.79 15.51
C TYR D 408 -18.42 -35.24 15.07
N ASP D 409 -19.26 -35.56 14.10
CA ASP D 409 -19.78 -36.91 13.85
C ASP D 409 -18.70 -37.94 13.51
N ASP D 410 -17.68 -37.55 12.77
CA ASP D 410 -16.50 -38.45 12.48
C ASP D 410 -15.17 -37.72 12.74
N TYR D 411 -14.99 -37.24 13.96
CA TYR D 411 -13.73 -36.68 14.44
C TYR D 411 -13.25 -37.51 15.63
N ASP D 412 -12.00 -37.95 15.55
CA ASP D 412 -11.34 -38.74 16.59
C ASP D 412 -10.95 -37.86 17.76
N TYR D 413 -11.76 -37.90 18.83
CA TYR D 413 -11.50 -37.07 20.00
C TYR D 413 -10.31 -37.53 20.88
N GLY D 414 -9.73 -38.67 20.57
CA GLY D 414 -8.45 -39.08 21.10
C GLY D 414 -7.30 -38.18 20.69
N GLU D 415 -7.44 -37.56 19.52
CA GLU D 415 -6.45 -36.58 19.00
C GLU D 415 -6.20 -35.35 19.91
N VAL D 416 -7.20 -35.00 20.76
CA VAL D 416 -7.17 -33.74 21.56
C VAL D 416 -6.06 -33.71 22.62
N ASN D 417 -6.16 -34.54 23.65
CA ASN D 417 -5.08 -34.68 24.69
C ASN D 417 -3.76 -35.27 24.16
N GLN D 418 -3.81 -35.89 22.99
CA GLN D 418 -2.60 -36.32 22.26
C GLN D 418 -1.77 -35.12 21.77
N LEU D 419 -2.45 -34.07 21.29
CA LEU D 419 -1.83 -32.82 20.76
C LEU D 419 -1.79 -31.62 21.71
N LEU D 420 -2.73 -31.54 22.65
CA LEU D 420 -2.88 -30.35 23.52
C LEU D 420 -2.34 -30.68 24.90
N GLU D 421 -1.39 -29.89 25.36
CA GLU D 421 -0.73 -30.08 26.66
C GLU D 421 -1.71 -30.09 27.81
N ARG D 422 -1.23 -30.53 28.97
CA ARG D 422 -2.00 -30.49 30.18
C ARG D 422 -2.33 -29.03 30.57
N ASN D 423 -1.36 -28.12 30.40
CA ASN D 423 -1.54 -26.72 30.77
C ASN D 423 -2.27 -25.83 29.76
N LEU D 424 -2.27 -26.24 28.49
CA LEU D 424 -3.06 -25.54 27.43
C LEU D 424 -4.55 -25.83 27.64
N LYS D 425 -4.87 -27.08 27.98
CA LYS D 425 -6.23 -27.49 28.32
C LYS D 425 -6.81 -26.72 29.53
N VAL D 426 -6.06 -26.63 30.63
CA VAL D 426 -6.52 -25.91 31.82
C VAL D 426 -6.64 -24.39 31.53
N TYR D 427 -5.81 -23.86 30.63
CA TYR D 427 -5.86 -22.46 30.20
C TYR D 427 -7.07 -22.18 29.27
N ILE D 428 -7.24 -23.01 28.25
CA ILE D 428 -8.37 -22.91 27.31
C ILE D 428 -9.72 -23.02 28.05
N LYS D 429 -9.81 -23.96 29.00
CA LYS D 429 -11.06 -24.20 29.74
C LYS D 429 -11.37 -23.09 30.73
N THR D 430 -10.33 -22.52 31.34
CA THR D 430 -10.46 -21.33 32.22
C THR D 430 -10.98 -20.15 31.43
N VAL D 431 -10.27 -19.79 30.37
CA VAL D 431 -10.61 -18.60 29.54
C VAL D 431 -12.00 -18.75 28.86
N ALA D 432 -12.37 -19.96 28.45
CA ALA D 432 -13.72 -20.22 27.85
C ALA D 432 -14.89 -20.21 28.88
N CYS D 433 -14.65 -20.72 30.09
CA CYS D 433 -15.70 -20.92 31.11
C CYS D 433 -15.64 -19.99 32.32
N TYR D 434 -14.48 -19.90 32.96
CA TYR D 434 -14.19 -18.97 34.08
C TYR D 434 -13.09 -17.94 33.69
N PRO D 435 -13.39 -16.97 32.77
CA PRO D 435 -12.36 -16.09 32.23
C PRO D 435 -11.62 -15.20 33.23
N GLU D 436 -12.35 -14.59 34.17
CA GLU D 436 -11.72 -14.03 35.40
C GLU D 436 -11.03 -15.19 36.12
N LYS D 437 -10.20 -14.91 37.12
CA LYS D 437 -9.27 -15.95 37.67
C LYS D 437 -8.46 -16.69 36.60
N THR D 438 -8.12 -15.99 35.53
CA THR D 438 -6.96 -16.27 34.65
C THR D 438 -5.82 -15.51 35.29
N THR D 439 -4.70 -16.15 35.53
CA THR D 439 -3.52 -15.48 36.10
C THR D 439 -2.37 -15.47 35.08
N ARG D 440 -1.38 -14.61 35.29
CA ARG D 440 -0.17 -14.58 34.44
C ARG D 440 0.66 -15.88 34.60
N ARG D 441 0.73 -16.44 35.82
CA ARG D 441 1.33 -17.78 36.02
C ARG D 441 0.77 -18.80 35.04
N MSE D 442 -0.54 -18.79 34.88
CA MSE D 442 -1.24 -19.73 33.99
C MSE D 442 -0.94 -19.48 32.51
O MSE D 442 -0.80 -20.43 31.73
CB MSE D 442 -2.73 -19.63 34.27
CG MSE D 442 -3.46 -20.89 33.83
SE MSE D 442 -5.35 -20.60 34.10
CE MSE D 442 -5.81 -19.49 32.62
N TYR D 443 -0.92 -18.22 32.11
CA TYR D 443 -0.57 -17.82 30.73
C TYR D 443 0.87 -18.22 30.33
N ASN D 444 1.82 -18.04 31.25
CA ASN D 444 3.23 -18.43 31.05
C ASN D 444 3.47 -19.94 31.12
N LEU D 445 2.70 -20.63 31.94
CA LEU D 445 2.98 -22.04 32.29
C LEU D 445 2.68 -23.04 31.15
N PHE D 446 2.00 -22.61 30.08
CA PHE D 446 1.73 -23.47 28.89
C PHE D 446 2.50 -22.97 27.68
N TRP D 447 2.78 -23.87 26.72
CA TRP D 447 3.48 -23.53 25.47
C TRP D 447 4.60 -22.55 25.74
N ARG D 448 5.51 -22.92 26.63
CA ARG D 448 6.60 -22.03 27.10
C ARG D 448 7.55 -21.58 26.01
N HIS D 449 7.77 -22.40 24.99
CA HIS D 449 8.66 -22.04 23.86
C HIS D 449 7.90 -21.42 22.65
N PHE D 450 6.60 -21.15 22.78
CA PHE D 450 5.81 -20.55 21.70
C PHE D 450 5.86 -19.03 21.77
N ARG D 451 5.76 -18.35 20.62
CA ARG D 451 5.77 -16.87 20.55
C ARG D 451 4.49 -16.25 21.09
N HIS D 452 4.60 -15.04 21.61
CA HIS D 452 3.46 -14.33 22.23
C HIS D 452 2.26 -14.13 21.25
N SER D 453 2.54 -13.90 19.98
CA SER D 453 1.50 -13.74 18.95
C SER D 453 0.65 -15.01 18.75
N GLU D 454 1.26 -16.18 18.97
CA GLU D 454 0.55 -17.47 18.86
C GLU D 454 -0.34 -17.82 20.05
N LYS D 455 -0.17 -17.13 21.18
CA LYS D 455 -1.07 -17.26 22.35
C LYS D 455 -2.28 -16.33 22.22
N VAL D 456 -2.09 -15.21 21.50
CA VAL D 456 -3.21 -14.40 21.06
C VAL D 456 -4.02 -15.21 20.05
N HIS D 457 -3.33 -15.96 19.18
CA HIS D 457 -3.96 -16.84 18.17
C HIS D 457 -4.94 -17.85 18.77
N VAL D 458 -4.57 -18.49 19.89
CA VAL D 458 -5.47 -19.47 20.55
C VAL D 458 -6.71 -18.76 21.15
N ASN D 459 -6.57 -17.51 21.57
CA ASN D 459 -7.71 -16.71 22.02
C ASN D 459 -8.71 -16.33 20.92
N LEU D 460 -8.22 -16.23 19.68
CA LEU D 460 -9.07 -15.94 18.52
C LEU D 460 -9.90 -17.15 18.14
N LEU D 461 -9.26 -18.32 18.11
CA LEU D 461 -9.97 -19.59 17.94
C LEU D 461 -10.95 -19.84 19.08
N LEU D 462 -10.52 -19.54 20.29
CA LEU D 462 -11.30 -19.79 21.51
C LEU D 462 -12.55 -18.94 21.65
N LEU D 463 -12.46 -17.66 21.29
CA LEU D 463 -13.60 -16.77 21.36
C LEU D 463 -14.62 -17.02 20.26
N GLU D 464 -14.15 -17.37 19.06
CA GLU D 464 -15.03 -17.68 17.91
C GLU D 464 -15.70 -19.04 18.01
N ALA D 465 -14.97 -20.03 18.54
CA ALA D 465 -15.54 -21.35 18.84
C ALA D 465 -16.61 -21.30 19.92
N ARG D 466 -16.33 -20.54 20.97
CA ARG D 466 -17.26 -20.29 22.06
C ARG D 466 -18.53 -19.54 21.64
N MSE D 467 -18.36 -18.49 20.84
CA MSE D 467 -19.48 -17.66 20.33
C MSE D 467 -20.37 -18.47 19.44
O MSE D 467 -21.59 -18.37 19.57
CB MSE D 467 -18.99 -16.44 19.51
CG MSE D 467 -19.98 -15.31 19.53
SE MSE D 467 -19.65 -13.93 18.19
CE MSE D 467 -17.92 -13.32 18.96
N GLN D 468 -19.78 -19.28 18.56
CA GLN D 468 -20.55 -20.13 17.65
C GLN D 468 -21.39 -21.17 18.36
N ALA D 469 -20.83 -21.77 19.42
CA ALA D 469 -21.57 -22.71 20.28
C ALA D 469 -22.78 -22.02 20.96
N ALA D 470 -22.51 -20.88 21.62
CA ALA D 470 -23.54 -20.06 22.25
C ALA D 470 -24.63 -19.62 21.27
N LEU D 471 -24.23 -19.14 20.10
CA LEU D 471 -25.18 -18.73 19.04
C LEU D 471 -26.00 -19.86 18.47
N LEU D 472 -25.35 -20.99 18.20
CA LEU D 472 -26.03 -22.15 17.62
C LEU D 472 -27.17 -22.72 18.49
N TYR D 473 -26.97 -22.77 19.81
CA TYR D 473 -28.01 -23.20 20.73
C TYR D 473 -29.21 -22.22 20.78
N ALA D 474 -28.93 -20.92 20.71
CA ALA D 474 -29.97 -19.87 20.71
C ALA D 474 -30.76 -19.82 19.39
N LEU D 475 -30.07 -20.05 18.29
CA LEU D 475 -30.71 -20.18 16.98
C LEU D 475 -31.47 -21.50 16.85
N ARG D 476 -30.99 -22.54 17.53
CA ARG D 476 -31.70 -23.85 17.64
C ARG D 476 -33.04 -23.67 18.36
N ALA D 477 -33.07 -22.82 19.38
CA ALA D 477 -34.29 -22.50 20.11
C ALA D 477 -35.30 -21.65 19.31
N ILE D 478 -34.81 -20.82 18.38
CA ILE D 478 -35.69 -19.95 17.54
C ILE D 478 -36.39 -20.73 16.43
N THR D 479 -35.65 -21.59 15.72
CA THR D 479 -36.25 -22.45 14.66
C THR D 479 -37.28 -23.45 15.23
N ARG D 480 -37.05 -23.92 16.45
CA ARG D 480 -38.02 -24.72 17.19
C ARG D 480 -39.10 -23.87 17.89
N TYR D 481 -39.89 -23.10 17.12
CA TYR D 481 -40.83 -22.10 17.66
C TYR D 481 -41.81 -21.58 16.60
N GLY E 69 -19.79 3.64 44.75
CA GLY E 69 -19.49 4.43 43.54
C GLY E 69 -19.86 3.73 42.28
N LEU E 70 -19.55 4.31 41.12
CA LEU E 70 -19.70 3.66 39.77
C LEU E 70 -18.31 3.25 39.29
N GLU E 71 -17.71 2.28 39.98
CA GLU E 71 -16.23 2.07 39.90
C GLU E 71 -15.68 1.58 38.58
N ALA E 72 -16.49 0.84 37.81
CA ALA E 72 -16.04 0.36 36.49
C ALA E 72 -15.86 1.53 35.49
N LEU E 73 -16.76 2.50 35.52
CA LEU E 73 -16.67 3.71 34.71
C LEU E 73 -15.46 4.56 35.09
N MSE E 74 -15.33 4.81 36.39
CA MSE E 74 -14.27 5.68 36.97
C MSE E 74 -12.89 5.30 36.58
O MSE E 74 -12.18 6.04 36.00
CB MSE E 74 -14.39 5.62 38.53
CG MSE E 74 -15.57 6.43 39.08
SE MSE E 74 -15.84 6.19 41.01
CE MSE E 74 -14.27 7.10 41.76
N SER E 75 -12.51 4.05 36.88
CA SER E 75 -11.11 3.53 36.72
C SER E 75 -10.73 3.20 35.23
N SER E 76 -11.69 2.79 34.42
CA SER E 76 -11.45 2.55 32.98
C SER E 76 -11.63 3.87 32.23
N GLY E 77 -10.49 4.48 31.92
CA GLY E 77 -10.42 5.89 31.62
C GLY E 77 -10.87 6.32 30.29
N ARG E 78 -12.16 6.19 30.03
CA ARG E 78 -12.77 6.66 28.77
C ARG E 78 -13.65 7.85 29.06
N VAL E 79 -13.52 8.40 30.26
CA VAL E 79 -14.41 9.48 30.70
C VAL E 79 -13.65 10.66 31.29
N ASP E 80 -14.33 11.77 31.23
CA ASP E 80 -13.87 13.03 31.73
C ASP E 80 -13.26 12.86 33.13
N ASN E 81 -12.21 13.56 33.39
CA ASN E 81 -11.54 13.51 34.69
C ASN E 81 -12.38 14.01 35.91
N LEU E 82 -13.09 15.12 35.70
CA LEU E 82 -13.97 15.67 36.71
C LEU E 82 -15.08 14.70 37.00
N ALA E 83 -15.65 14.15 35.94
CA ALA E 83 -16.73 13.16 36.09
C ALA E 83 -16.34 12.00 37.00
N VAL E 84 -15.09 11.59 36.94
CA VAL E 84 -14.58 10.46 37.76
C VAL E 84 -14.78 10.72 39.23
N VAL E 85 -14.44 11.91 39.72
CA VAL E 85 -14.53 12.22 41.15
C VAL E 85 -15.97 12.27 41.63
N MSE E 86 -16.90 12.70 40.78
CA MSE E 86 -18.36 12.73 41.11
C MSE E 86 -19.04 11.40 41.08
O MSE E 86 -20.04 11.25 41.70
CB MSE E 86 -19.08 13.61 40.11
CG MSE E 86 -18.80 15.04 40.42
SE MSE E 86 -19.76 16.07 39.21
CE MSE E 86 -21.39 15.94 40.06
N GLY E 87 -18.40 10.40 40.46
CA GLY E 87 -18.80 9.01 40.57
C GLY E 87 -18.80 8.42 41.97
N LEU E 88 -18.08 9.02 42.91
CA LEU E 88 -18.15 8.66 44.35
C LEU E 88 -19.59 8.76 44.91
N HIS E 89 -20.40 9.67 44.36
CA HIS E 89 -21.81 9.86 44.73
C HIS E 89 -22.79 9.64 43.58
N PRO E 90 -23.20 8.36 43.33
CA PRO E 90 -24.01 8.04 42.09
C PRO E 90 -25.37 8.73 41.98
N ASP E 91 -26.00 9.04 43.11
CA ASP E 91 -27.32 9.70 43.11
C ASP E 91 -27.26 11.17 42.71
N TYR E 92 -26.09 11.80 42.87
CA TYR E 92 -25.82 13.15 42.28
C TYR E 92 -25.23 13.17 40.84
N PHE E 93 -24.39 12.19 40.50
CA PHE E 93 -23.89 11.99 39.14
C PHE E 93 -25.02 11.74 38.12
N THR E 94 -26.04 10.96 38.50
CA THR E 94 -27.28 10.75 37.73
C THR E 94 -27.85 12.10 37.28
N SER E 95 -28.13 13.00 38.23
CA SER E 95 -28.79 14.28 37.98
C SER E 95 -27.85 15.34 37.36
N PHE E 96 -26.57 15.32 37.74
CA PHE E 96 -25.55 16.21 37.12
C PHE E 96 -25.36 15.91 35.62
N TRP E 97 -25.23 14.63 35.27
CA TRP E 97 -25.02 14.22 33.87
C TRP E 97 -26.19 14.61 32.92
N ARG E 98 -27.42 14.63 33.42
CA ARG E 98 -28.58 15.04 32.60
C ARG E 98 -28.53 16.51 32.21
N LEU E 99 -28.12 17.38 33.16
CA LEU E 99 -27.94 18.80 32.87
C LEU E 99 -26.71 19.02 31.97
N HIS E 100 -25.60 18.36 32.27
CA HIS E 100 -24.38 18.40 31.38
C HIS E 100 -24.72 17.98 29.94
N TYR E 101 -25.46 16.89 29.80
CA TYR E 101 -25.88 16.38 28.49
C TYR E 101 -26.94 17.26 27.80
N LEU E 102 -27.82 17.91 28.58
CA LEU E 102 -28.81 18.88 28.02
C LEU E 102 -28.13 20.11 27.50
N LEU E 103 -27.27 20.70 28.32
CA LEU E 103 -26.61 21.98 27.99
C LEU E 103 -25.63 21.88 26.84
N LEU E 104 -24.81 20.84 26.82
CA LEU E 104 -23.65 20.77 25.89
C LEU E 104 -23.81 19.76 24.76
N HIS E 105 -24.89 18.95 24.77
CA HIS E 105 -25.11 17.88 23.75
C HIS E 105 -26.54 17.73 23.14
N THR E 106 -27.52 18.54 23.51
CA THR E 106 -28.93 18.41 23.03
C THR E 106 -29.34 19.65 22.29
N ASP E 107 -30.17 19.47 21.24
CA ASP E 107 -30.79 20.58 20.49
C ASP E 107 -31.38 21.59 21.43
N GLY E 108 -30.99 22.85 21.32
CA GLY E 108 -31.47 23.93 22.17
C GLY E 108 -31.44 25.28 21.45
N PRO E 109 -31.91 26.34 22.10
CA PRO E 109 -31.98 27.66 21.47
C PRO E 109 -30.69 28.21 20.83
N LEU E 110 -29.51 27.91 21.40
CA LEU E 110 -28.21 28.39 20.90
C LEU E 110 -27.48 27.33 20.11
N ALA E 111 -26.70 27.75 19.12
CA ALA E 111 -25.79 26.90 18.32
C ALA E 111 -24.77 26.23 19.23
N SER E 112 -24.27 25.07 18.79
CA SER E 112 -23.41 24.22 19.63
C SER E 112 -22.01 24.82 19.95
N SER E 113 -21.47 25.64 19.07
CA SER E 113 -20.16 26.33 19.30
C SER E 113 -20.32 27.52 20.24
N TRP E 114 -21.46 28.21 20.20
CA TRP E 114 -21.76 29.34 21.10
C TRP E 114 -21.87 28.90 22.59
N ARG E 115 -22.36 27.67 22.82
CA ARG E 115 -22.49 27.13 24.17
C ARG E 115 -21.16 26.83 24.84
N HIS E 116 -20.22 26.36 24.04
CA HIS E 116 -18.84 26.11 24.51
C HIS E 116 -18.07 27.40 24.72
N TYR E 117 -18.39 28.46 23.97
CA TYR E 117 -17.74 29.77 24.16
C TYR E 117 -18.30 30.55 25.35
N ILE E 118 -19.60 30.40 25.64
CA ILE E 118 -20.21 30.94 26.89
C ILE E 118 -19.57 30.28 28.12
N ALA E 119 -19.27 28.99 27.99
CA ALA E 119 -18.63 28.19 29.04
C ALA E 119 -17.17 28.57 29.29
N ILE E 120 -16.46 28.99 28.27
CA ILE E 120 -15.05 29.50 28.41
C ILE E 120 -15.05 30.79 29.21
N MSE E 121 -15.90 31.72 28.79
CA MSE E 121 -16.05 33.02 29.47
C MSE E 121 -16.37 32.88 30.92
O MSE E 121 -15.80 33.60 31.73
CB MSE E 121 -17.22 33.79 28.82
CG MSE E 121 -16.98 34.34 27.42
SE MSE E 121 -18.60 35.37 26.99
CE MSE E 121 -18.93 34.72 25.19
N ALA E 122 -17.32 31.99 31.23
CA ALA E 122 -17.78 31.73 32.61
C ALA E 122 -16.70 31.13 33.48
N ALA E 123 -16.02 30.12 32.96
CA ALA E 123 -14.91 29.46 33.65
C ALA E 123 -13.65 30.31 33.74
N ALA E 124 -13.49 31.27 32.82
CA ALA E 124 -12.35 32.24 32.84
C ALA E 124 -12.40 33.20 34.00
N ARG E 125 -13.60 33.53 34.47
CA ARG E 125 -13.81 34.40 35.67
C ARG E 125 -13.01 33.95 36.88
N HIS E 126 -12.84 32.65 37.08
CA HIS E 126 -12.05 32.07 38.19
C HIS E 126 -10.71 31.47 37.76
N GLN E 127 -10.26 31.81 36.57
CA GLN E 127 -8.99 31.31 36.04
C GLN E 127 -8.86 29.76 36.17
N CYS E 128 -9.87 29.06 35.68
CA CYS E 128 -9.94 27.59 35.72
C CYS E 128 -9.43 26.97 34.43
N SER E 129 -8.10 26.77 34.30
CA SER E 129 -7.54 26.24 33.02
C SER E 129 -7.94 24.79 32.70
N TYR E 130 -8.50 24.09 33.66
CA TYR E 130 -9.20 22.82 33.41
C TYR E 130 -10.44 23.01 32.47
N LEU E 131 -11.42 23.79 32.88
CA LEU E 131 -12.69 23.96 32.13
C LEU E 131 -12.55 24.85 30.88
N VAL E 132 -11.64 25.82 30.90
CA VAL E 132 -11.33 26.65 29.71
C VAL E 132 -10.69 25.80 28.62
N GLY E 133 -9.77 24.91 29.00
CA GLY E 133 -9.17 23.93 28.09
C GLY E 133 -10.12 22.93 27.46
N SER E 134 -11.08 22.41 28.24
CA SER E 134 -12.09 21.42 27.79
C SER E 134 -12.95 22.04 26.71
N HIS E 135 -13.56 23.18 27.04
CA HIS E 135 -14.50 23.84 26.17
C HIS E 135 -13.77 24.53 25.00
N MSE E 136 -12.48 24.86 25.14
CA MSE E 136 -11.65 25.36 24.01
C MSE E 136 -11.51 24.32 22.95
O MSE E 136 -11.75 24.57 21.79
CB MSE E 136 -10.25 25.80 24.39
CG MSE E 136 -10.11 27.30 24.60
SE MSE E 136 -8.24 27.81 25.09
CE MSE E 136 -8.80 29.64 25.47
N ALA E 137 -11.14 23.11 23.37
CA ALA E 137 -11.03 21.96 22.46
C ALA E 137 -12.38 21.55 21.86
N GLU E 138 -13.42 21.49 22.70
CA GLU E 138 -14.80 21.17 22.24
C GLU E 138 -15.40 22.24 21.32
N PHE E 139 -15.08 23.51 21.56
CA PHE E 139 -15.45 24.63 20.67
C PHE E 139 -14.90 24.44 19.27
N LEU E 140 -13.61 24.10 19.19
CA LEU E 140 -12.92 23.80 17.92
C LEU E 140 -13.45 22.52 17.23
N GLN E 141 -13.59 21.44 18.01
CA GLN E 141 -14.17 20.17 17.52
C GLN E 141 -15.53 20.33 16.91
N THR E 142 -16.41 21.07 17.57
CA THR E 142 -17.79 21.30 17.12
C THR E 142 -17.92 22.39 16.01
N GLY E 143 -16.81 22.79 15.38
CA GLY E 143 -16.81 23.73 14.27
C GLY E 143 -16.85 25.20 14.58
N GLY E 144 -16.28 25.60 15.70
CA GLY E 144 -16.27 27.03 16.13
C GLY E 144 -15.21 27.79 15.37
N ASP E 145 -15.44 29.08 15.17
CA ASP E 145 -14.50 29.95 14.42
C ASP E 145 -13.29 30.17 15.31
N PRO E 146 -12.10 29.72 14.86
CA PRO E 146 -10.92 29.78 15.76
C PRO E 146 -10.38 31.19 16.12
N GLU E 147 -10.70 32.22 15.34
CA GLU E 147 -10.36 33.63 15.71
C GLU E 147 -10.80 34.01 17.13
N TRP E 148 -11.97 33.49 17.53
CA TRP E 148 -12.62 33.83 18.80
C TRP E 148 -11.75 33.45 20.00
N LEU E 149 -10.83 32.49 19.83
CA LEU E 149 -9.92 32.04 20.92
C LEU E 149 -8.68 32.91 21.12
N LEU E 150 -8.45 33.88 20.25
CA LEU E 150 -7.41 34.93 20.46
C LEU E 150 -7.79 35.93 21.59
N GLY E 151 -9.09 36.11 21.80
CA GLY E 151 -9.62 36.91 22.92
C GLY E 151 -11.11 37.23 22.77
N LEU E 152 -11.66 37.99 23.73
CA LEU E 152 -13.08 38.34 23.70
C LEU E 152 -13.41 39.47 22.73
N HIS E 153 -12.43 40.39 22.47
CA HIS E 153 -12.62 41.47 21.48
C HIS E 153 -12.79 40.95 20.04
N ARG E 154 -12.56 39.66 19.83
CA ARG E 154 -12.72 38.96 18.54
C ARG E 154 -14.07 38.17 18.39
N ALA E 155 -14.94 38.13 19.41
CA ALA E 155 -16.23 37.43 19.29
C ALA E 155 -17.35 38.42 18.86
N PRO E 156 -18.49 37.92 18.33
CA PRO E 156 -19.61 38.76 17.96
C PRO E 156 -20.11 39.73 19.05
N GLU E 157 -20.75 40.83 18.63
CA GLU E 157 -21.29 41.82 19.54
C GLU E 157 -22.23 41.17 20.58
N LYS E 158 -23.03 40.20 20.09
CA LYS E 158 -24.01 39.47 20.94
C LYS E 158 -23.39 38.82 22.17
N LEU E 159 -22.19 38.28 22.01
CA LEU E 159 -21.47 37.54 23.05
C LEU E 159 -20.68 38.42 24.05
N ARG E 160 -20.35 39.67 23.69
CA ARG E 160 -19.65 40.59 24.63
C ARG E 160 -20.59 41.30 25.59
N LYS E 161 -21.80 41.65 25.13
CA LYS E 161 -22.86 42.14 26.03
C LYS E 161 -23.07 41.22 27.26
N LEU E 162 -22.82 39.93 27.06
CA LEU E 162 -22.94 38.89 28.10
C LEU E 162 -21.88 38.90 29.21
N SER E 163 -20.74 39.58 29.02
CA SER E 163 -19.66 39.59 30.02
C SER E 163 -19.83 40.66 31.13
N GLU E 164 -20.89 41.46 31.07
CA GLU E 164 -21.29 42.35 32.18
C GLU E 164 -22.19 41.59 33.23
N ILE E 165 -23.17 40.81 32.75
CA ILE E 165 -23.99 39.90 33.60
C ILE E 165 -23.21 38.67 34.08
N ASN E 166 -22.16 38.30 33.37
CA ASN E 166 -21.32 37.13 33.73
C ASN E 166 -20.47 37.34 34.99
N LYS E 167 -19.76 38.46 35.04
CA LYS E 167 -18.89 38.75 36.20
C LYS E 167 -19.71 38.95 37.48
N LEU E 168 -20.94 39.43 37.34
CA LEU E 168 -21.86 39.58 38.48
C LEU E 168 -22.39 38.24 38.95
N LEU E 169 -22.90 37.41 38.05
CA LEU E 169 -23.35 36.04 38.40
C LEU E 169 -22.30 35.24 39.16
N ALA E 170 -21.04 35.35 38.72
CA ALA E 170 -19.89 34.68 39.33
C ALA E 170 -19.57 35.19 40.74
N HIS E 171 -19.47 36.52 40.88
CA HIS E 171 -18.86 37.14 42.06
C HIS E 171 -19.84 37.90 42.97
N ARG E 172 -20.79 38.65 42.39
CA ARG E 172 -21.77 39.46 43.16
C ARG E 172 -23.15 39.45 42.49
N PRO E 173 -23.88 38.31 42.58
CA PRO E 173 -25.13 38.17 41.84
C PRO E 173 -26.29 39.08 42.29
N TRP E 174 -26.26 39.50 43.59
CA TRP E 174 -27.26 40.44 44.14
C TRP E 174 -27.34 41.78 43.38
N LEU E 175 -26.22 42.23 42.78
CA LEU E 175 -26.16 43.46 41.97
C LEU E 175 -26.88 43.39 40.61
N ILE E 176 -27.37 42.21 40.22
CA ILE E 176 -28.11 42.06 38.97
C ILE E 176 -29.48 42.68 39.11
N THR E 177 -29.68 43.79 38.42
CA THR E 177 -30.97 44.51 38.37
C THR E 177 -31.65 44.24 37.02
N LYS E 178 -32.86 44.77 36.87
CA LYS E 178 -33.63 44.67 35.60
C LYS E 178 -32.96 45.39 34.42
N GLU E 179 -32.14 46.43 34.72
CA GLU E 179 -31.40 47.19 33.69
C GLU E 179 -30.36 46.33 32.96
N HIS E 180 -29.73 45.39 33.66
CA HIS E 180 -28.80 44.39 33.03
C HIS E 180 -29.52 43.49 32.04
N ILE E 181 -30.75 43.08 32.37
CA ILE E 181 -31.60 42.24 31.50
C ILE E 181 -32.12 43.03 30.30
N GLN E 182 -32.54 44.29 30.57
CA GLN E 182 -32.99 45.21 29.51
C GLN E 182 -31.86 45.46 28.48
N ALA E 183 -30.61 45.63 28.93
CA ALA E 183 -29.42 45.86 28.05
C ALA E 183 -29.15 44.67 27.09
N LEU E 184 -29.43 43.45 27.53
CA LEU E 184 -29.29 42.24 26.69
C LEU E 184 -30.40 42.08 25.62
N LEU E 185 -31.61 42.58 25.90
CA LEU E 185 -32.79 42.43 25.02
C LEU E 185 -33.12 43.79 24.37
N LYS E 186 -34.03 43.78 23.39
CA LYS E 186 -34.67 44.99 22.83
C LYS E 186 -33.82 45.96 21.99
N THR E 187 -32.48 45.86 22.03
CA THR E 187 -31.60 46.64 21.14
C THR E 187 -31.91 46.34 19.63
N GLY E 188 -31.49 47.22 18.73
CA GLY E 188 -31.70 47.06 17.29
C GLY E 188 -30.93 45.90 16.66
N GLU E 189 -29.62 45.78 16.93
CA GLU E 189 -28.75 44.82 16.28
C GLU E 189 -28.45 43.55 17.06
N HIS E 190 -28.84 42.39 16.55
CA HIS E 190 -28.48 41.08 17.12
C HIS E 190 -28.67 40.91 18.68
N THR E 191 -29.92 40.95 19.14
CA THR E 191 -30.29 40.85 20.56
C THR E 191 -30.62 39.44 21.02
N TRP E 192 -30.71 39.25 22.33
CA TRP E 192 -31.01 37.95 22.94
C TRP E 192 -32.53 37.71 23.07
N SER E 193 -32.98 36.50 22.75
CA SER E 193 -34.29 35.99 23.19
C SER E 193 -34.29 35.68 24.70
N LEU E 194 -35.47 35.55 25.28
CA LEU E 194 -35.60 35.00 26.62
C LEU E 194 -35.24 33.51 26.58
N ALA E 195 -35.70 32.81 25.54
CA ALA E 195 -35.37 31.40 25.27
C ALA E 195 -33.85 31.16 25.36
N GLU E 196 -33.10 32.05 24.74
CA GLU E 196 -31.65 31.98 24.63
C GLU E 196 -30.91 32.52 25.84
N LEU E 197 -31.37 33.66 26.36
CA LEU E 197 -30.74 34.28 27.54
C LEU E 197 -30.81 33.32 28.74
N ILE E 198 -31.98 32.71 28.98
CA ILE E 198 -32.16 31.72 30.04
C ILE E 198 -31.15 30.60 29.90
N GLN E 199 -31.01 30.05 28.70
CA GLN E 199 -30.02 28.98 28.45
C GLN E 199 -28.59 29.41 28.69
N ALA E 200 -28.26 30.65 28.33
CA ALA E 200 -26.92 31.22 28.59
C ALA E 200 -26.70 31.44 30.11
N LEU E 201 -27.74 31.87 30.85
CA LEU E 201 -27.64 32.03 32.31
C LEU E 201 -27.45 30.68 33.04
N VAL E 202 -28.04 29.62 32.52
CA VAL E 202 -27.86 28.25 33.07
C VAL E 202 -26.43 27.73 32.75
N LEU E 203 -25.92 28.05 31.56
CA LEU E 203 -24.52 27.71 31.18
C LEU E 203 -23.47 28.46 32.00
N LEU E 204 -23.66 29.77 32.16
CA LEU E 204 -22.74 30.62 32.95
C LEU E 204 -22.69 30.13 34.39
N THR E 205 -23.86 29.93 35.01
CA THR E 205 -23.95 29.44 36.40
C THR E 205 -23.47 27.99 36.54
N HIS E 206 -23.75 27.15 35.55
CA HIS E 206 -23.25 25.75 35.55
C HIS E 206 -21.72 25.70 35.50
N CYS E 207 -21.11 26.58 34.71
CA CYS E 207 -19.65 26.66 34.60
C CYS E 207 -18.95 27.38 35.76
N HIS E 208 -19.66 28.30 36.45
CA HIS E 208 -19.14 28.89 37.69
C HIS E 208 -19.10 27.87 38.83
N SER E 209 -20.09 26.99 38.86
CA SER E 209 -20.24 26.01 39.93
C SER E 209 -19.42 24.77 39.70
N LEU E 210 -19.24 24.38 38.44
CA LEU E 210 -18.23 23.35 38.08
C LEU E 210 -16.83 23.89 38.39
N SER E 211 -16.61 25.18 38.16
CA SER E 211 -15.31 25.84 38.42
C SER E 211 -14.91 25.80 39.92
N SER E 212 -15.88 25.95 40.80
CA SER E 212 -15.63 25.83 42.26
C SER E 212 -15.44 24.37 42.70
N PHE E 213 -16.18 23.45 42.08
CA PHE E 213 -15.98 22.00 42.28
C PHE E 213 -14.57 21.55 41.83
N VAL E 214 -14.08 22.09 40.71
CA VAL E 214 -12.75 21.71 40.14
C VAL E 214 -11.57 22.07 41.07
N PHE E 215 -11.58 23.29 41.63
CA PHE E 215 -10.52 23.71 42.57
C PHE E 215 -10.73 23.13 43.95
N GLY E 216 -11.98 23.03 44.40
CA GLY E 216 -12.29 22.43 45.69
C GLY E 216 -11.80 20.99 45.88
N CYS E 217 -12.02 20.17 44.86
CA CYS E 217 -11.57 18.76 44.84
C CYS E 217 -10.17 18.55 44.25
N GLY E 218 -9.63 19.58 43.61
CA GLY E 218 -8.28 19.56 43.06
C GLY E 218 -8.14 18.96 41.69
N ILE E 219 -9.22 18.87 40.93
CA ILE E 219 -9.27 18.07 39.68
C ILE E 219 -8.15 18.49 38.71
N LEU E 220 -7.16 17.62 38.50
CA LEU E 220 -6.00 17.94 37.64
C LEU E 220 -6.35 17.74 36.16
N PRO E 221 -5.71 18.53 35.26
CA PRO E 221 -6.07 18.33 33.83
C PRO E 221 -5.53 17.00 33.27
N GLU E 222 -5.85 16.62 32.04
CA GLU E 222 -5.55 15.23 31.53
C GLU E 222 -4.05 15.00 31.27
N GLY E 223 -3.35 15.99 30.72
CA GLY E 223 -1.94 15.84 30.33
C GLY E 223 -1.19 17.11 30.59
N SER E 228 -3.86 9.85 39.01
CA SER E 228 -4.23 10.86 39.90
C SER E 228 -5.29 11.77 39.30
N PRO E 229 -6.61 11.42 39.41
CA PRO E 229 -7.67 12.40 39.10
C PRO E 229 -7.64 13.70 39.91
N ALA E 230 -7.18 13.63 41.17
CA ALA E 230 -6.93 14.81 42.04
C ALA E 230 -5.62 14.68 42.87
N PRO E 231 -4.96 15.80 43.29
CA PRO E 231 -3.84 15.83 44.22
C PRO E 231 -4.26 16.04 45.68
N GLN E 232 -5.57 16.11 45.93
CA GLN E 232 -6.14 16.29 47.28
C GLN E 232 -6.90 15.03 47.71
N ALA E 233 -7.82 14.56 46.86
CA ALA E 233 -8.51 13.27 47.03
C ALA E 233 -7.69 12.19 46.26
N PRO E 234 -6.96 11.27 46.95
CA PRO E 234 -6.33 10.14 46.24
C PRO E 234 -7.30 9.00 45.94
N THR E 235 -7.77 8.87 44.70
CA THR E 235 -8.82 7.85 44.35
C THR E 235 -8.32 6.40 44.51
N PRO E 236 -7.13 6.06 43.96
CA PRO E 236 -6.72 4.61 44.02
C PRO E 236 -6.68 3.97 45.46
N PRO E 237 -6.09 4.63 46.50
CA PRO E 237 -6.29 4.09 47.90
C PRO E 237 -7.74 4.21 48.42
N SER E 238 -8.44 5.27 48.00
CA SER E 238 -9.86 5.51 48.39
C SER E 238 -10.83 4.44 47.90
N GLU E 239 -10.52 3.74 46.80
CA GLU E 239 -11.47 2.86 46.10
C GLU E 239 -11.99 1.70 46.86
N GLN E 240 -11.24 1.20 47.84
CA GLN E 240 -11.33 -0.21 48.15
C GLN E 240 -11.39 -0.65 49.57
N SER E 241 -11.66 -1.97 49.67
CA SER E 241 -11.62 -2.80 50.85
C SER E 241 -10.47 -2.54 51.83
N SER E 242 -10.90 -2.18 53.05
CA SER E 242 -10.06 -1.93 54.21
C SER E 242 -10.00 -3.31 54.87
N ALA E 258 -11.39 10.30 66.96
CA ALA E 258 -12.70 9.84 66.93
C ALA E 258 -13.52 10.42 68.14
N ARG E 259 -13.32 11.70 68.54
CA ARG E 259 -13.90 12.29 69.78
C ARG E 259 -14.50 13.70 69.63
N ASP E 260 -13.71 14.61 69.07
CA ASP E 260 -14.23 15.92 68.62
C ASP E 260 -15.38 15.70 67.59
N VAL E 261 -15.32 14.60 66.82
CA VAL E 261 -16.41 14.14 65.96
C VAL E 261 -17.64 13.81 66.82
N GLU E 262 -17.43 13.10 67.94
CA GLU E 262 -18.52 12.80 68.91
C GLU E 262 -19.05 14.07 69.61
N ALA E 263 -18.15 15.04 69.85
CA ALA E 263 -18.55 16.35 70.37
C ALA E 263 -19.50 17.11 69.38
N LEU E 264 -19.21 16.99 68.08
CA LEU E 264 -20.11 17.49 67.03
C LEU E 264 -21.49 16.78 67.06
N MSE E 265 -21.47 15.44 67.11
CA MSE E 265 -22.70 14.61 67.10
C MSE E 265 -23.57 14.82 68.31
O MSE E 265 -24.81 14.84 68.20
CB MSE E 265 -22.43 13.12 67.10
CG MSE E 265 -21.54 12.73 65.97
SE MSE E 265 -21.60 10.86 65.63
CE MSE E 265 -19.70 10.52 66.09
N GLU E 266 -22.94 14.98 69.47
CA GLU E 266 -23.65 15.31 70.70
C GLU E 266 -24.30 16.71 70.64
N ARG E 267 -23.65 17.62 69.92
CA ARG E 267 -24.22 18.94 69.65
C ARG E 267 -25.42 18.89 68.69
N MSE E 268 -25.33 18.05 67.66
CA MSE E 268 -26.45 17.80 66.74
C MSE E 268 -27.69 17.19 67.41
O MSE E 268 -28.80 17.34 66.90
CB MSE E 268 -25.98 16.89 65.60
CG MSE E 268 -25.00 17.51 64.57
SE MSE E 268 -24.11 16.19 63.34
CE MSE E 268 -25.79 15.92 62.30
N GLN E 269 -27.50 16.50 68.54
CA GLN E 269 -28.62 15.96 69.36
C GLN E 269 -29.44 17.07 70.00
N GLN E 270 -28.75 17.97 70.72
CA GLN E 270 -29.37 19.08 71.48
C GLN E 270 -30.24 20.00 70.60
N LEU E 271 -29.74 20.31 69.41
CA LEU E 271 -30.51 21.07 68.40
C LEU E 271 -31.77 20.34 67.99
N GLN E 272 -31.66 19.02 67.79
CA GLN E 272 -32.79 18.18 67.32
C GLN E 272 -33.92 17.92 68.31
N GLU E 273 -33.91 18.52 69.50
CA GLU E 273 -35.06 18.53 70.45
C GLU E 273 -36.00 19.73 70.34
N SER E 274 -35.51 20.85 69.79
CA SER E 274 -36.29 22.12 69.75
C SER E 274 -37.52 22.07 68.85
N GLN E 283 -36.49 35.87 69.75
CA GLN E 283 -37.04 36.02 68.43
C GLN E 283 -36.52 37.25 67.63
N GLU E 284 -36.25 38.40 68.28
CA GLU E 284 -35.74 39.59 67.58
C GLU E 284 -34.21 39.56 67.28
N GLU E 285 -33.44 38.85 68.12
CA GLU E 285 -32.00 38.58 67.84
C GLU E 285 -31.78 37.48 66.80
N MSE E 286 -32.82 37.12 66.03
CA MSE E 286 -32.70 36.19 64.90
C MSE E 286 -32.14 36.88 63.69
O MSE E 286 -31.23 36.36 63.05
CB MSE E 286 -34.05 35.56 64.56
CG MSE E 286 -33.89 34.18 63.95
SE MSE E 286 -33.82 32.86 65.41
CE MSE E 286 -32.07 32.97 66.30
N GLU E 287 -32.70 38.06 63.38
CA GLU E 287 -32.24 38.89 62.28
C GLU E 287 -30.81 39.41 62.53
N SER E 288 -30.50 39.80 63.76
CA SER E 288 -29.14 40.32 64.09
C SER E 288 -28.08 39.23 64.36
N ARG E 289 -28.49 37.96 64.37
CA ARG E 289 -27.50 36.81 64.34
C ARG E 289 -27.09 36.47 62.91
N PHE E 290 -27.99 36.71 61.96
CA PHE E 290 -27.68 36.61 60.52
C PHE E 290 -26.70 37.71 60.08
N GLU E 291 -26.96 38.94 60.52
CA GLU E 291 -26.10 40.12 60.23
C GLU E 291 -24.63 39.95 60.59
N LEU E 292 -24.34 39.20 61.66
CA LEU E 292 -22.93 39.01 62.18
C LEU E 292 -22.21 37.95 61.35
N GLU E 293 -22.92 36.85 61.08
CA GLU E 293 -22.46 35.77 60.17
C GLU E 293 -22.13 36.26 58.74
N LYS E 294 -22.96 37.14 58.23
CA LYS E 294 -22.86 37.65 56.83
C LYS E 294 -21.64 38.52 56.64
N SER E 295 -21.43 39.51 57.51
CA SER E 295 -20.24 40.40 57.45
C SER E 295 -18.93 39.76 58.01
N GLU E 296 -19.04 38.67 58.76
CA GLU E 296 -17.87 37.97 59.34
C GLU E 296 -16.63 37.73 58.43
N SER E 297 -16.89 37.38 57.18
CA SER E 297 -15.84 37.04 56.19
C SER E 297 -14.91 35.89 56.66
N PRO E 311 -1.89 36.59 37.84
CA PRO E 311 -1.38 35.30 37.34
C PRO E 311 -1.99 34.85 36.02
N HIS E 312 -1.40 33.83 35.40
CA HIS E 312 -1.91 33.13 34.16
C HIS E 312 -2.36 34.06 33.04
N PRO E 313 -1.41 34.61 32.26
CA PRO E 313 -1.75 35.63 31.23
C PRO E 313 -2.82 35.27 30.18
N ASP E 314 -2.89 34.01 29.75
CA ASP E 314 -3.65 33.65 28.50
C ASP E 314 -5.16 33.70 28.56
N MSE E 315 -5.78 33.59 29.75
CA MSE E 315 -7.26 33.61 29.84
C MSE E 315 -7.85 34.89 30.43
O MSE E 315 -9.05 34.95 30.60
CB MSE E 315 -7.80 32.33 30.45
CG MSE E 315 -7.40 32.08 31.90
SE MSE E 315 -7.54 30.13 32.18
CE MSE E 315 -6.29 30.04 33.71
N LEU E 316 -7.02 35.92 30.65
CA LEU E 316 -7.49 37.29 30.97
C LEU E 316 -8.28 37.91 29.80
N CYS E 317 -7.98 37.51 28.57
CA CYS E 317 -8.62 38.07 27.37
C CYS E 317 -10.08 37.67 27.17
N PHE E 318 -10.52 36.59 27.83
CA PHE E 318 -11.93 36.15 27.77
C PHE E 318 -12.85 36.83 28.77
N VAL E 319 -12.28 37.68 29.64
CA VAL E 319 -13.04 38.41 30.66
C VAL E 319 -12.98 39.92 30.42
N GLU E 320 -14.00 40.67 30.86
CA GLU E 320 -14.07 42.13 30.80
C GLU E 320 -13.14 42.78 31.84
N ASP E 321 -13.41 42.49 33.11
CA ASP E 321 -12.81 43.18 34.25
C ASP E 321 -12.30 42.09 35.22
N PRO E 322 -11.04 41.66 35.06
CA PRO E 322 -10.40 40.72 36.06
C PRO E 322 -10.04 41.47 37.35
N THR E 323 -9.79 40.73 38.42
CA THR E 323 -9.74 41.26 39.82
C THR E 323 -11.06 41.92 40.32
N PHE E 324 -12.20 41.74 39.66
CA PHE E 324 -13.53 42.02 40.23
C PHE E 324 -13.92 40.77 41.04
N GLY E 325 -13.48 40.71 42.29
CA GLY E 325 -13.77 39.61 43.19
C GLY E 325 -15.10 39.78 43.94
N TYR E 326 -15.27 38.90 44.91
CA TYR E 326 -16.37 38.97 45.85
C TYR E 326 -16.14 40.17 46.78
N GLU E 327 -14.90 40.41 47.22
CA GLU E 327 -14.58 41.51 48.15
C GLU E 327 -14.55 42.89 47.49
N ASP E 328 -14.93 43.90 48.27
CA ASP E 328 -15.11 45.31 47.85
C ASP E 328 -13.82 45.93 47.29
N PHE E 329 -12.73 45.84 48.06
CA PHE E 329 -11.46 46.57 47.84
C PHE E 329 -11.69 48.13 47.74
N THR E 330 -12.69 48.61 48.48
CA THR E 330 -13.09 50.03 48.58
C THR E 330 -13.78 50.17 49.94
N ARG E 331 -12.98 50.21 51.01
CA ARG E 331 -13.51 50.42 52.37
C ARG E 331 -12.52 51.08 53.33
N ALA E 336 -19.88 42.12 53.22
CA ALA E 336 -21.24 42.40 53.58
C ALA E 336 -22.11 42.72 52.35
N PRO E 337 -22.85 41.72 51.81
CA PRO E 337 -23.95 42.00 50.82
C PRO E 337 -25.18 42.56 51.48
N PRO E 338 -26.15 43.06 50.69
CA PRO E 338 -27.42 43.47 51.32
C PRO E 338 -28.22 42.25 51.80
N THR E 339 -28.94 42.37 52.91
CA THR E 339 -29.79 41.28 53.41
C THR E 339 -30.97 41.07 52.46
N PHE E 340 -31.30 39.81 52.17
CA PHE E 340 -32.42 39.45 51.28
C PHE E 340 -33.28 38.32 51.90
N ARG E 341 -34.57 38.58 52.11
CA ARG E 341 -35.54 37.58 52.58
C ARG E 341 -35.79 36.55 51.47
N ALA E 342 -35.42 35.30 51.73
CA ALA E 342 -35.61 34.20 50.80
C ALA E 342 -37.06 34.01 50.32
N GLN E 343 -38.04 34.20 51.20
CA GLN E 343 -39.50 34.07 50.88
C GLN E 343 -39.98 35.02 49.77
N ASP E 344 -39.33 36.17 49.59
CA ASP E 344 -39.65 37.10 48.47
C ASP E 344 -39.54 36.42 47.09
N TYR E 345 -38.48 35.64 46.92
CA TYR E 345 -38.19 34.96 45.65
C TYR E 345 -37.51 33.57 45.87
N THR E 346 -38.28 32.58 46.32
CA THR E 346 -37.78 31.19 46.49
C THR E 346 -37.64 30.47 45.16
N TRP E 347 -36.89 29.37 45.17
CA TRP E 347 -36.82 28.45 44.04
C TRP E 347 -38.15 27.71 43.83
N GLU E 348 -38.65 27.09 44.90
CA GLU E 348 -39.88 26.27 44.85
C GLU E 348 -41.09 26.99 44.21
N ASP E 349 -41.39 28.19 44.69
CA ASP E 349 -42.55 28.98 44.26
C ASP E 349 -42.28 29.79 42.97
N HIS E 350 -41.40 30.78 43.05
CA HIS E 350 -41.24 31.78 42.01
C HIS E 350 -40.32 31.36 40.85
N GLY E 351 -39.08 31.06 41.17
CA GLY E 351 -38.03 30.83 40.16
C GLY E 351 -38.14 29.58 39.30
N TYR E 352 -38.73 28.53 39.85
CA TYR E 352 -38.99 27.29 39.10
C TYR E 352 -40.06 27.49 38.00
N SER E 353 -41.09 28.27 38.30
CA SER E 353 -42.13 28.65 37.33
C SER E 353 -41.58 29.40 36.13
N LEU E 354 -40.66 30.34 36.39
CA LEU E 354 -40.10 31.20 35.33
C LEU E 354 -39.21 30.44 34.34
N ILE E 355 -38.33 29.57 34.85
CA ILE E 355 -37.50 28.70 33.98
C ILE E 355 -38.37 27.65 33.25
N GLN E 356 -39.44 27.19 33.88
CA GLN E 356 -40.37 26.22 33.24
C GLN E 356 -41.03 26.76 31.95
N ARG E 357 -41.46 28.03 31.98
CA ARG E 357 -42.19 28.65 30.83
C ARG E 357 -41.25 29.08 29.69
N LEU E 358 -40.06 29.54 30.04
CA LEU E 358 -39.06 30.02 29.06
C LEU E 358 -38.10 28.95 28.50
N TYR E 359 -37.81 27.90 29.28
CA TYR E 359 -36.84 26.86 28.92
C TYR E 359 -37.29 25.52 29.53
N PRO E 360 -38.32 24.85 28.92
CA PRO E 360 -39.03 23.71 29.58
C PRO E 360 -38.12 22.52 30.02
N GLU E 361 -37.12 22.19 29.19
CA GLU E 361 -36.27 20.99 29.35
C GLU E 361 -35.38 21.05 30.61
N GLY E 362 -34.67 22.14 30.76
CA GLY E 362 -33.72 22.35 31.86
C GLY E 362 -34.29 22.95 33.14
N GLY E 363 -35.56 23.31 33.14
CA GLY E 363 -36.24 23.73 34.36
C GLY E 363 -36.43 22.55 35.29
N GLN E 364 -36.96 21.46 34.73
CA GLN E 364 -37.14 20.21 35.45
C GLN E 364 -35.83 19.58 35.94
N LEU E 365 -34.81 19.59 35.09
CA LEU E 365 -33.50 18.98 35.42
C LEU E 365 -32.66 19.78 36.44
N LEU E 366 -32.88 21.10 36.53
CA LEU E 366 -32.27 21.92 37.62
C LEU E 366 -32.95 21.67 38.99
N ASP E 367 -34.28 21.52 38.99
CA ASP E 367 -35.07 21.20 40.22
C ASP E 367 -34.68 19.85 40.82
N GLU E 368 -34.64 18.82 39.96
CA GLU E 368 -34.27 17.45 40.36
C GLU E 368 -32.84 17.33 40.88
N LYS E 369 -31.95 18.18 40.36
CA LYS E 369 -30.54 18.22 40.77
C LYS E 369 -30.27 19.02 42.06
N PHE E 370 -30.98 20.12 42.27
CA PHE E 370 -30.95 20.86 43.57
C PHE E 370 -31.47 19.95 44.70
N GLN E 371 -32.63 19.34 44.43
CA GLN E 371 -33.27 18.43 45.36
C GLN E 371 -32.48 17.13 45.58
N ALA E 372 -31.77 16.67 44.56
CA ALA E 372 -30.85 15.48 44.69
C ALA E 372 -29.65 15.74 45.59
N ALA E 373 -29.03 16.92 45.50
CA ALA E 373 -27.84 17.30 46.33
C ALA E 373 -28.19 17.75 47.75
N TYR E 374 -29.35 18.42 47.91
CA TYR E 374 -29.91 18.77 49.25
C TYR E 374 -30.31 17.49 50.05
N SER E 375 -31.12 16.64 49.39
CA SER E 375 -31.56 15.34 49.94
C SER E 375 -30.45 14.37 50.27
N LEU E 376 -29.39 14.35 49.47
CA LEU E 376 -28.35 13.31 49.51
C LEU E 376 -27.78 13.11 50.90
N THR E 377 -28.03 11.92 51.45
CA THR E 377 -27.53 11.52 52.70
C THR E 377 -27.20 10.07 52.72
N TYR E 378 -26.12 9.69 53.34
CA TYR E 378 -25.77 8.26 53.57
C TYR E 378 -26.00 7.87 55.01
N ASN E 379 -26.49 8.79 55.77
CA ASN E 379 -26.77 8.60 57.16
C ASN E 379 -25.55 8.29 57.94
N THR E 380 -24.39 8.76 57.50
CA THR E 380 -23.16 8.50 58.22
C THR E 380 -22.33 9.74 58.48
N ILE E 381 -21.49 9.71 59.51
CA ILE E 381 -20.66 10.85 59.86
C ILE E 381 -19.21 10.39 60.00
N ALA E 382 -18.55 10.17 58.86
CA ALA E 382 -17.13 9.83 58.89
C ALA E 382 -16.86 8.62 59.80
N MSE E 383 -17.39 7.47 59.44
CA MSE E 383 -17.24 6.20 60.20
C MSE E 383 -18.22 6.05 61.34
O MSE E 383 -17.93 5.30 62.24
CB MSE E 383 -15.85 5.97 60.78
CG MSE E 383 -15.76 6.04 62.34
SE MSE E 383 -14.93 7.66 63.22
CE MSE E 383 -15.92 8.24 64.81
N HIS E 384 -19.33 6.77 61.34
CA HIS E 384 -20.44 6.49 62.24
C HIS E 384 -21.64 6.16 61.39
N SER E 385 -22.16 4.97 61.52
CA SER E 385 -23.22 4.57 60.58
C SER E 385 -24.61 5.11 60.86
N GLY E 386 -25.11 5.19 62.07
CA GLY E 386 -26.61 5.52 62.23
C GLY E 386 -26.84 6.92 62.64
N VAL E 387 -27.07 7.84 61.73
CA VAL E 387 -27.22 9.22 62.08
C VAL E 387 -28.00 9.99 61.07
N ASP E 388 -28.66 11.03 61.51
CA ASP E 388 -29.46 11.88 60.66
C ASP E 388 -28.68 13.16 60.72
N THR E 389 -28.20 13.56 59.56
CA THR E 389 -27.35 14.75 59.42
C THR E 389 -28.03 15.84 58.69
N SER E 390 -29.36 15.79 58.62
CA SER E 390 -30.12 16.80 57.85
C SER E 390 -29.78 18.12 58.47
N VAL E 391 -29.59 18.15 59.79
CA VAL E 391 -29.16 19.40 60.47
C VAL E 391 -27.83 19.95 60.00
N LEU E 392 -26.83 19.10 59.91
CA LEU E 392 -25.49 19.55 59.47
C LEU E 392 -25.50 20.05 58.04
N ARG E 393 -26.15 19.32 57.15
CA ARG E 393 -26.17 19.70 55.73
C ARG E 393 -26.97 21.00 55.51
N ARG E 394 -28.05 21.22 56.27
CA ARG E 394 -28.82 22.47 56.19
C ARG E 394 -27.95 23.67 56.60
N ALA E 395 -27.08 23.49 57.60
CA ALA E 395 -26.14 24.53 58.03
C ALA E 395 -25.04 24.89 57.01
N ILE E 396 -24.60 23.91 56.23
CA ILE E 396 -23.65 24.15 55.09
C ILE E 396 -24.36 24.86 53.94
N TRP E 397 -25.57 24.41 53.60
CA TRP E 397 -26.40 25.05 52.55
C TRP E 397 -26.79 26.50 52.91
N ASN E 398 -27.27 26.71 54.14
CA ASN E 398 -27.71 28.03 54.61
C ASN E 398 -26.62 29.09 54.87
N TYR E 399 -25.42 28.62 55.20
CA TYR E 399 -24.24 29.48 55.32
C TYR E 399 -23.75 30.04 54.00
N ILE E 400 -23.72 29.22 52.96
CA ILE E 400 -23.32 29.65 51.59
C ILE E 400 -24.35 30.57 50.96
N HIS E 401 -25.62 30.39 51.27
CA HIS E 401 -26.66 31.36 50.91
C HIS E 401 -26.51 32.67 51.73
N CYS E 402 -26.12 32.54 53.00
CA CYS E 402 -25.77 33.68 53.87
C CYS E 402 -24.54 34.48 53.40
N VAL E 403 -23.58 33.81 52.75
CA VAL E 403 -22.45 34.50 52.09
C VAL E 403 -22.95 35.30 50.87
N PHE E 404 -23.92 34.79 50.13
CA PHE E 404 -24.55 35.49 48.98
C PHE E 404 -25.77 36.35 49.33
N GLY E 405 -25.97 36.60 50.63
CA GLY E 405 -26.94 37.58 51.13
C GLY E 405 -28.38 37.14 51.39
N ILE E 406 -28.62 35.83 51.45
CA ILE E 406 -29.99 35.27 51.54
C ILE E 406 -30.27 34.74 52.97
N ARG E 407 -31.18 35.43 53.67
CA ARG E 407 -31.69 35.01 54.99
C ARG E 407 -32.99 34.15 54.84
N TYR E 408 -33.05 33.04 55.57
CA TYR E 408 -34.25 32.23 55.72
C TYR E 408 -35.00 32.61 56.96
N ASP E 409 -36.30 32.80 56.77
CA ASP E 409 -37.12 33.65 57.62
C ASP E 409 -37.20 33.20 59.09
N ASP E 410 -37.24 31.88 59.34
CA ASP E 410 -37.17 31.34 60.73
C ASP E 410 -36.17 30.22 60.80
N TYR E 411 -34.92 30.52 60.48
CA TYR E 411 -33.78 29.63 60.72
C TYR E 411 -32.80 30.33 61.68
N ASP E 412 -32.44 29.63 62.75
CA ASP E 412 -31.50 30.11 63.77
C ASP E 412 -30.05 30.07 63.21
N TYR E 413 -29.56 31.24 62.79
CA TYR E 413 -28.20 31.32 62.24
C TYR E 413 -27.04 31.17 63.28
N GLY E 414 -27.39 31.14 64.56
CA GLY E 414 -26.45 30.77 65.61
C GLY E 414 -26.00 29.33 65.47
N GLU E 415 -26.86 28.47 64.88
CA GLU E 415 -26.54 27.05 64.61
C GLU E 415 -25.29 26.83 63.73
N VAL E 416 -24.96 27.81 62.88
CA VAL E 416 -23.89 27.66 61.84
C VAL E 416 -22.49 27.46 62.43
N ASN E 417 -21.93 28.47 63.07
CA ASN E 417 -20.60 28.36 63.78
C ASN E 417 -20.60 27.41 65.01
N GLN E 418 -21.78 27.09 65.51
CA GLN E 418 -21.93 26.04 66.54
C GLN E 418 -21.59 24.66 65.97
N LEU E 419 -21.99 24.40 64.72
CA LEU E 419 -21.80 23.11 64.01
C LEU E 419 -20.63 23.06 63.01
N LEU E 420 -20.26 24.19 62.42
CA LEU E 420 -19.25 24.25 61.35
C LEU E 420 -17.96 24.80 61.88
N GLU E 421 -16.88 24.03 61.76
CA GLU E 421 -15.56 24.38 62.31
C GLU E 421 -15.05 25.71 61.77
N ARG E 422 -14.01 26.23 62.42
CA ARG E 422 -13.35 27.44 61.95
C ARG E 422 -12.72 27.23 60.54
N ASN E 423 -12.12 26.04 60.33
CA ASN E 423 -11.46 25.70 59.05
C ASN E 423 -12.37 25.20 57.91
N LEU E 424 -13.57 24.70 58.25
CA LEU E 424 -14.60 24.35 57.26
C LEU E 424 -15.21 25.63 56.65
N LYS E 425 -15.47 26.61 57.52
CA LYS E 425 -15.95 27.92 57.11
C LYS E 425 -14.99 28.62 56.13
N VAL E 426 -13.70 28.69 56.47
CA VAL E 426 -12.68 29.35 55.59
C VAL E 426 -12.51 28.58 54.27
N TYR E 427 -12.72 27.26 54.31
CA TYR E 427 -12.69 26.41 53.10
C TYR E 427 -13.94 26.59 52.22
N ILE E 428 -15.11 26.51 52.83
CA ILE E 428 -16.38 26.74 52.13
C ILE E 428 -16.43 28.14 51.47
N LYS E 429 -15.97 29.17 52.20
CA LYS E 429 -16.00 30.56 51.72
C LYS E 429 -14.99 30.81 50.62
N THR E 430 -13.83 30.17 50.72
CA THR E 430 -12.80 30.24 49.64
C THR E 430 -13.34 29.62 48.37
N VAL E 431 -13.76 28.36 48.46
CA VAL E 431 -14.22 27.59 47.27
C VAL E 431 -15.48 28.26 46.63
N ALA E 432 -16.37 28.85 47.43
CA ALA E 432 -17.58 29.53 46.90
C ALA E 432 -17.27 30.91 46.25
N CYS E 433 -16.33 31.67 46.82
CA CYS E 433 -16.06 33.06 46.41
C CYS E 433 -14.74 33.27 45.66
N TYR E 434 -13.63 32.78 46.21
CA TYR E 434 -12.27 32.79 45.59
C TYR E 434 -11.75 31.35 45.33
N PRO E 435 -12.35 30.60 44.37
CA PRO E 435 -12.06 29.14 44.22
C PRO E 435 -10.61 28.78 43.89
N GLU E 436 -9.98 29.53 42.98
CA GLU E 436 -8.49 29.52 42.86
C GLU E 436 -7.93 29.99 44.20
N LYS E 437 -6.63 29.84 44.42
CA LYS E 437 -6.05 29.97 45.79
C LYS E 437 -6.76 29.14 46.88
N THR E 438 -7.30 27.98 46.47
CA THR E 438 -7.59 26.84 47.32
C THR E 438 -6.27 26.05 47.32
N THR E 439 -5.76 25.65 48.47
CA THR E 439 -4.53 24.85 48.56
C THR E 439 -4.87 23.48 49.17
N ARG E 440 -3.97 22.51 49.01
CA ARG E 440 -4.12 21.20 49.65
C ARG E 440 -4.02 21.33 51.19
N ARG E 441 -3.13 22.21 51.71
CA ARG E 441 -3.09 22.52 53.16
C ARG E 441 -4.49 22.83 53.70
N MSE E 442 -5.24 23.64 52.97
CA MSE E 442 -6.59 24.07 53.37
C MSE E 442 -7.60 22.92 53.32
O MSE E 442 -8.45 22.82 54.20
CB MSE E 442 -7.01 25.21 52.46
CG MSE E 442 -8.08 26.05 53.12
SE MSE E 442 -8.60 27.40 51.81
CE MSE E 442 -9.74 26.37 50.66
N TYR E 443 -7.52 22.10 52.27
CA TYR E 443 -8.37 20.89 52.14
C TYR E 443 -8.16 19.86 53.27
N ASN E 444 -6.91 19.63 53.64
CA ASN E 444 -6.55 18.73 54.76
C ASN E 444 -6.80 19.28 56.16
N LEU E 445 -6.69 20.59 56.30
CA LEU E 445 -6.72 21.26 57.62
C LEU E 445 -8.10 21.29 58.31
N PHE E 446 -9.18 20.97 57.60
CA PHE E 446 -10.55 20.90 58.17
C PHE E 446 -11.04 19.45 58.18
N TRP E 447 -11.98 19.15 59.08
CA TRP E 447 -12.61 17.82 59.17
C TRP E 447 -11.55 16.74 58.96
N ARG E 448 -10.49 16.78 59.78
CA ARG E 448 -9.36 15.88 59.66
C ARG E 448 -9.67 14.38 59.84
N HIS E 449 -10.67 14.03 60.62
CA HIS E 449 -11.09 12.62 60.79
C HIS E 449 -12.25 12.20 59.87
N PHE E 450 -12.68 13.06 58.94
CA PHE E 450 -13.76 12.72 57.99
C PHE E 450 -13.21 12.05 56.74
N ARG E 451 -13.99 11.16 56.13
CA ARG E 451 -13.57 10.41 54.92
C ARG E 451 -13.54 11.35 53.69
N HIS E 452 -12.69 11.00 52.73
CA HIS E 452 -12.52 11.80 51.50
C HIS E 452 -13.82 12.02 50.67
N SER E 453 -14.67 11.00 50.62
CA SER E 453 -15.97 11.07 49.93
C SER E 453 -16.91 12.13 50.53
N GLU E 454 -16.82 12.37 51.85
CA GLU E 454 -17.64 13.39 52.54
C GLU E 454 -17.15 14.82 52.32
N LYS E 455 -15.92 14.99 51.86
CA LYS E 455 -15.40 16.33 51.45
C LYS E 455 -15.77 16.68 50.01
N VAL E 456 -15.95 15.64 49.18
CA VAL E 456 -16.61 15.80 47.87
C VAL E 456 -18.08 16.16 48.10
N HIS E 457 -18.71 15.53 49.10
CA HIS E 457 -20.11 15.81 49.50
C HIS E 457 -20.37 17.30 49.81
N VAL E 458 -19.48 17.95 50.56
CA VAL E 458 -19.63 19.40 50.87
C VAL E 458 -19.49 20.28 49.61
N ASN E 459 -18.70 19.84 48.62
CA ASN E 459 -18.60 20.52 47.31
C ASN E 459 -19.84 20.42 46.46
N LEU E 460 -20.62 19.35 46.66
CA LEU E 460 -21.89 19.16 45.95
C LEU E 460 -22.95 20.08 46.52
N LEU E 461 -23.02 20.15 47.84
CA LEU E 461 -23.88 21.13 48.53
C LEU E 461 -23.48 22.56 48.17
N LEU E 462 -22.18 22.80 48.14
CA LEU E 462 -21.62 24.13 47.92
C LEU E 462 -21.83 24.69 46.53
N LEU E 463 -21.70 23.85 45.51
CA LEU E 463 -21.89 24.28 44.13
C LEU E 463 -23.36 24.48 43.79
N GLU E 464 -24.25 23.66 44.34
CA GLU E 464 -25.70 23.78 44.11
C GLU E 464 -26.33 24.92 44.89
N ALA E 465 -25.87 25.15 46.13
CA ALA E 465 -26.29 26.30 46.92
C ALA E 465 -25.87 27.62 46.28
N ARG E 466 -24.66 27.65 45.79
CA ARG E 466 -24.09 28.80 45.07
C ARG E 466 -24.81 29.10 43.75
N MSE E 467 -25.06 28.07 42.96
CA MSE E 467 -25.75 28.20 41.65
C MSE E 467 -27.15 28.69 41.84
O MSE E 467 -27.59 29.54 41.09
CB MSE E 467 -25.84 26.85 40.91
CG MSE E 467 -25.94 27.02 39.41
SE MSE E 467 -26.48 25.40 38.42
CE MSE E 467 -24.85 24.35 38.88
N GLN E 468 -27.86 28.15 42.84
CA GLN E 468 -29.25 28.55 43.12
C GLN E 468 -29.35 30.02 43.52
N ALA E 469 -28.39 30.50 44.33
CA ALA E 469 -28.32 31.91 44.71
C ALA E 469 -28.10 32.79 43.48
N ALA E 470 -27.09 32.45 42.67
CA ALA E 470 -26.79 33.17 41.43
C ALA E 470 -27.98 33.16 40.46
N LEU E 471 -28.62 32.01 40.29
CA LEU E 471 -29.81 31.90 39.43
C LEU E 471 -31.01 32.67 39.94
N LEU E 472 -31.28 32.57 41.23
CA LEU E 472 -32.44 33.24 41.81
C LEU E 472 -32.42 34.78 41.66
N TYR E 473 -31.24 35.40 41.79
CA TYR E 473 -31.10 36.85 41.58
C TYR E 473 -31.29 37.27 40.12
N ALA E 474 -30.84 36.45 39.18
CA ALA E 474 -31.01 36.67 37.74
C ALA E 474 -32.46 36.44 37.26
N LEU E 475 -33.13 35.45 37.84
CA LEU E 475 -34.56 35.23 37.60
C LEU E 475 -35.44 36.29 38.29
N ARG E 476 -34.96 36.82 39.43
CA ARG E 476 -35.59 37.97 40.12
C ARG E 476 -35.57 39.24 39.25
N ALA E 477 -34.47 39.42 38.52
CA ALA E 477 -34.32 40.53 37.57
C ALA E 477 -35.20 40.39 36.29
N ILE E 478 -35.49 39.16 35.87
CA ILE E 478 -36.33 38.89 34.68
C ILE E 478 -37.82 39.13 34.96
N THR E 479 -38.34 38.59 36.07
CA THR E 479 -39.76 38.82 36.46
C THR E 479 -40.06 40.31 36.71
N ARG E 480 -39.07 41.04 37.23
CA ARG E 480 -39.17 42.50 37.38
C ARG E 480 -38.82 43.22 36.07
N TYR E 481 -39.61 42.98 35.00
CA TYR E 481 -39.31 43.49 33.66
C TYR E 481 -40.47 43.34 32.71
#